data_6BFI
#
_entry.id   6BFI
#
_cell.length_a   50.344
_cell.length_b   93.676
_cell.length_c   101.634
_cell.angle_alpha   114.81
_cell.angle_beta   93.29
_cell.angle_gamma   90.23
#
_symmetry.space_group_name_H-M   'P 1'
#
loop_
_entity.id
_entity.type
_entity.pdbx_description
1 polymer VIN1
2 water water
#
_entity_poly.entity_id   1
_entity_poly.type   'polypeptide(L)'
_entity_poly.pdbx_seq_one_letter_code
;MPVKFHTKTLESVIDPVAQQVGQLVLFHEQAESGLLKEDLTPLVQGVGIAVTNLVQVAASMVETSNDEDFKAELPPSMQE
VQQAAVFLSDAARLLKADQGSPEGKRKLLDGARGVINGMSDLLMCADRSEVRKMVKVCRSVQEYLDVAKVIDVEADLATF
LQNLTPGMTSMMKVVEQRHPELTNLAHAQMLKSELGTVREQIPILISSIRVCCLVIVKDGSSGMKDAAFGRDYVIQKLFI
AIEEIIRVLQLTTTFEEEEVGGAGAASAASLAHMFHQAQDALASGDISRSTLDAVRKCISEGRRVAALAATDETRAKLLA
AADELDQILKELEELQAKGLGDSRQARALAHAAAVKLQELEQEIRKALAERVATDFVNVGGPIKALEDAALASPSDPNRQ
ANFAQKAKEFEAHTARLADTAELVASSGGCSDAVAAELRKEAAKLRDISTAVVPAARVVLENPGNQAAKDYLRTVKEKWL
EAAESMGRSVDGVIDSLEFMKVSEARIQADVKEAKRIALAEEDSMKLIAKASSVARQANRVIQVAKVEADNSENPEFVAK
LSSASESLAKSISPMVIEAKAVVTSPQNKDIQRKFCSSADKVVEGVAAVRSVIEDNWVPPRPPLPELEEEEEPPELPPPP
EDPASLLPAEMQEAEEMLRAPLPPKDQNPIHHAAASVFREADQWDEKGNDLISLVKQMARKMAMMSKYTRGESGEVRSKA
DLIRMAKEIALNAQELLKLARQIANACMDKRAKTNLLQLLDRIPTISTQLKILATVKATSMGGGDARADADATDMLVGNA
ENLMRTVKDVIRASEAACIRLRPDSPIASILWRKKGGQGRRISVSY
;
_entity_poly.pdbx_strand_id   A,B
#
# COMPACT_ATOMS: atom_id res chain seq x y z
N MET A 1 -7.53 21.71 21.87
CA MET A 1 -7.24 22.21 20.51
C MET A 1 -6.00 23.08 20.52
N PRO A 2 -4.86 22.49 20.17
CA PRO A 2 -3.59 23.23 20.21
C PRO A 2 -3.53 24.31 19.15
N VAL A 3 -2.63 25.27 19.38
CA VAL A 3 -2.41 26.33 18.41
C VAL A 3 -1.80 25.75 17.14
N LYS A 4 -2.18 26.31 15.99
CA LYS A 4 -1.76 25.80 14.70
C LYS A 4 -1.04 26.88 13.91
N PHE A 5 -0.06 26.45 13.10
CA PHE A 5 0.64 27.35 12.20
C PHE A 5 1.06 26.64 10.91
N HIS A 6 0.27 25.67 10.46
CA HIS A 6 0.54 24.93 9.23
C HIS A 6 0.16 25.71 7.98
N THR A 7 -0.32 26.94 8.14
CA THR A 7 -0.84 27.75 7.04
C THR A 7 -0.26 29.16 7.14
N LYS A 8 0.11 29.72 5.98
CA LYS A 8 0.69 31.06 5.95
C LYS A 8 -0.25 32.10 6.54
N THR A 9 -1.56 31.91 6.39
CA THR A 9 -2.52 32.80 7.05
C THR A 9 -2.48 32.64 8.57
N LEU A 10 -2.40 31.40 9.04
CA LEU A 10 -2.32 31.14 10.48
C LEU A 10 -1.10 31.82 11.09
N GLU A 11 0.08 31.54 10.54
CA GLU A 11 1.30 32.17 11.04
C GLU A 11 1.23 33.69 10.90
N SER A 12 0.74 34.16 9.75
CA SER A 12 0.71 35.60 9.48
C SER A 12 -0.15 36.34 10.50
N VAL A 13 -1.25 35.74 10.93
CA VAL A 13 -2.13 36.38 11.91
C VAL A 13 -1.63 36.18 13.34
N ILE A 14 -1.26 34.95 13.69
CA ILE A 14 -0.98 34.61 15.07
C ILE A 14 0.38 35.16 15.53
N ASP A 15 1.35 35.26 14.61
CA ASP A 15 2.69 35.71 15.01
C ASP A 15 2.68 37.09 15.66
N PRO A 16 2.15 38.15 15.02
CA PRO A 16 2.21 39.47 15.66
C PRO A 16 1.37 39.56 16.93
N VAL A 17 0.23 38.87 16.99
CA VAL A 17 -0.59 38.92 18.19
C VAL A 17 0.12 38.23 19.35
N ALA A 18 0.75 37.09 19.08
CA ALA A 18 1.56 36.43 20.12
C ALA A 18 2.71 37.32 20.56
N GLN A 19 3.28 38.08 19.63
CA GLN A 19 4.34 39.03 19.98
C GLN A 19 3.81 40.11 20.92
N GLN A 20 2.63 40.66 20.61
CA GLN A 20 2.05 41.70 21.45
C GLN A 20 1.71 41.17 22.84
N VAL A 21 1.14 39.98 22.91
CA VAL A 21 0.79 39.38 24.20
C VAL A 21 2.06 39.13 25.02
N GLY A 22 3.08 38.57 24.38
CA GLY A 22 4.37 38.42 25.05
C GLY A 22 4.88 39.73 25.59
N GLN A 23 4.72 40.81 24.83
CA GLN A 23 5.13 42.12 25.33
C GLN A 23 4.29 42.56 26.51
N LEU A 24 3.01 42.15 26.56
CA LEU A 24 2.20 42.44 27.74
C LEU A 24 2.76 41.75 28.97
N VAL A 25 3.15 40.47 28.83
CA VAL A 25 3.76 39.77 29.96
C VAL A 25 5.07 40.44 30.36
N LEU A 26 5.88 40.84 29.37
CA LEU A 26 7.16 41.47 29.67
C LEU A 26 6.97 42.78 30.42
N PHE A 27 5.96 43.58 30.02
CA PHE A 27 5.67 44.82 30.74
C PHE A 27 5.19 44.54 32.15
N HIS A 28 4.31 43.54 32.31
CA HIS A 28 3.81 43.22 33.64
C HIS A 28 4.95 42.82 34.56
N GLU A 29 5.91 42.04 34.06
CA GLU A 29 7.07 41.70 34.89
C GLU A 29 8.01 42.88 35.03
N GLN A 30 7.97 43.84 34.10
CA GLN A 30 8.79 45.05 34.23
C GLN A 30 8.28 45.94 35.35
N ALA A 31 6.96 45.96 35.58
CA ALA A 31 6.40 46.67 36.71
C ALA A 31 6.41 45.85 37.99
N GLU A 32 6.39 44.52 37.87
CA GLU A 32 6.46 43.66 39.05
C GLU A 32 7.82 43.79 39.73
N SER A 33 8.90 43.86 38.94
CA SER A 33 10.22 44.11 39.47
C SER A 33 10.44 45.56 39.86
N GLY A 34 9.44 46.42 39.66
CA GLY A 34 9.55 47.82 40.05
C GLY A 34 10.53 48.62 39.22
N LEU A 35 10.50 48.45 37.90
CA LEU A 35 11.41 49.18 37.03
C LEU A 35 10.75 50.43 36.45
N LEU A 36 9.52 50.30 35.96
CA LEU A 36 8.72 51.42 35.49
C LEU A 36 7.30 50.99 35.20
N LYS A 37 6.33 51.66 35.81
CA LYS A 37 4.92 51.31 35.63
C LYS A 37 4.48 51.68 34.21
N GLU A 38 4.11 50.66 33.43
CA GLU A 38 3.67 50.85 32.06
C GLU A 38 2.17 50.63 31.97
N ASP A 39 1.48 51.53 31.26
CA ASP A 39 0.05 51.40 31.05
C ASP A 39 -0.20 50.44 29.89
N LEU A 40 -0.85 49.31 30.16
CA LEU A 40 -1.07 48.27 29.17
C LEU A 40 -2.28 48.56 28.28
N THR A 41 -2.97 49.67 28.48
CA THR A 41 -4.20 49.94 27.73
C THR A 41 -3.99 49.99 26.22
N PRO A 42 -2.99 50.67 25.67
CA PRO A 42 -2.86 50.69 24.20
C PRO A 42 -2.63 49.32 23.59
N LEU A 43 -1.71 48.53 24.16
CA LEU A 43 -1.43 47.20 23.63
C LEU A 43 -2.67 46.31 23.70
N VAL A 44 -3.41 46.39 24.82
CA VAL A 44 -4.63 45.60 24.97
C VAL A 44 -5.67 46.05 23.95
N GLN A 45 -5.73 47.35 23.66
CA GLN A 45 -6.64 47.83 22.63
C GLN A 45 -6.26 47.28 21.26
N GLY A 46 -4.95 47.22 20.96
CA GLY A 46 -4.53 46.65 19.70
C GLY A 46 -4.91 45.19 19.56
N VAL A 47 -4.59 44.39 20.57
CA VAL A 47 -4.96 42.97 20.53
C VAL A 47 -6.47 42.81 20.41
N GLY A 48 -7.23 43.61 21.17
CA GLY A 48 -8.67 43.51 21.11
C GLY A 48 -9.26 43.91 19.78
N ILE A 49 -8.61 44.85 19.08
CA ILE A 49 -9.09 45.25 17.77
C ILE A 49 -8.76 44.17 16.73
N ALA A 50 -7.59 43.56 16.83
CA ALA A 50 -7.28 42.43 15.96
C ALA A 50 -8.27 41.29 16.17
N VAL A 51 -8.59 40.98 17.42
CA VAL A 51 -9.58 39.95 17.72
C VAL A 51 -10.93 40.33 17.14
N THR A 52 -11.33 41.59 17.32
CA THR A 52 -12.65 42.03 16.85
C THR A 52 -12.75 41.94 15.33
N ASN A 53 -11.68 42.30 14.62
CA ASN A 53 -11.75 42.29 13.16
C ASN A 53 -11.67 40.86 12.62
N LEU A 54 -10.90 39.99 13.27
CA LEU A 54 -10.91 38.58 12.88
C LEU A 54 -12.30 37.96 13.11
N VAL A 55 -12.94 38.32 14.23
CA VAL A 55 -14.31 37.89 14.48
C VAL A 55 -15.25 38.49 13.43
N GLN A 56 -14.92 39.65 12.89
CA GLN A 56 -15.76 40.26 11.85
C GLN A 56 -15.65 39.48 10.55
N VAL A 57 -14.42 39.27 10.06
CA VAL A 57 -14.26 38.61 8.77
C VAL A 57 -14.66 37.14 8.85
N ALA A 58 -14.60 36.54 10.04
CA ALA A 58 -15.06 35.17 10.20
C ALA A 58 -16.59 35.12 10.32
N ALA A 59 -17.17 36.06 11.06
CA ALA A 59 -18.62 36.10 11.23
C ALA A 59 -19.33 36.47 9.93
N SER A 60 -18.65 37.14 9.00
CA SER A 60 -19.25 37.43 7.70
C SER A 60 -19.38 36.18 6.84
N MET A 61 -18.85 35.05 7.28
CA MET A 61 -18.90 33.81 6.50
C MET A 61 -19.92 32.81 7.01
N VAL A 62 -20.58 33.08 8.14
CA VAL A 62 -21.58 32.16 8.66
C VAL A 62 -22.77 32.04 7.71
N GLU A 63 -22.99 33.06 6.87
CA GLU A 63 -24.03 33.00 5.85
C GLU A 63 -23.53 32.48 4.52
N THR A 64 -22.25 32.70 4.19
CA THR A 64 -21.77 32.50 2.83
C THR A 64 -21.51 31.03 2.50
N SER A 65 -21.05 30.25 3.47
CA SER A 65 -20.76 28.85 3.21
C SER A 65 -22.06 28.05 3.09
N ASN A 66 -21.93 26.77 2.72
CA ASN A 66 -23.08 25.88 2.61
C ASN A 66 -22.80 24.53 3.28
N ASP A 67 -21.96 24.52 4.30
CA ASP A 67 -21.73 23.33 5.12
C ASP A 67 -22.08 23.69 6.56
N GLU A 68 -22.95 22.89 7.18
CA GLU A 68 -23.46 23.21 8.51
C GLU A 68 -22.44 22.95 9.60
N ASP A 69 -21.39 22.17 9.32
CA ASP A 69 -20.36 21.93 10.33
C ASP A 69 -19.61 23.22 10.65
N PHE A 70 -19.25 23.99 9.62
CA PHE A 70 -18.59 25.27 9.83
C PHE A 70 -19.49 26.24 10.59
N LYS A 71 -20.75 26.38 10.13
CA LYS A 71 -21.69 27.27 10.79
C LYS A 71 -21.96 26.86 12.23
N ALA A 72 -21.81 25.57 12.54
CA ALA A 72 -22.02 25.11 13.91
C ALA A 72 -20.79 25.30 14.79
N GLU A 73 -19.60 25.17 14.21
CA GLU A 73 -18.36 25.29 14.99
C GLU A 73 -17.89 26.73 15.14
N LEU A 74 -18.43 27.67 14.36
CA LEU A 74 -17.93 29.04 14.42
C LEU A 74 -18.33 29.77 15.72
N PRO A 75 -19.59 29.78 16.15
CA PRO A 75 -19.98 30.65 17.30
C PRO A 75 -19.20 30.35 18.57
N PRO A 76 -19.03 29.08 18.97
CA PRO A 76 -18.28 28.84 20.23
C PRO A 76 -16.88 29.41 20.21
N SER A 77 -16.14 29.24 19.12
CA SER A 77 -14.80 29.80 19.03
C SER A 77 -14.85 31.33 19.03
N MET A 78 -15.82 31.91 18.34
CA MET A 78 -15.96 33.37 18.33
C MET A 78 -16.14 33.91 19.75
N GLN A 79 -17.15 33.39 20.46
CA GLN A 79 -17.41 33.85 21.82
C GLN A 79 -16.21 33.58 22.73
N GLU A 80 -15.50 32.47 22.50
CA GLU A 80 -14.31 32.17 23.30
C GLU A 80 -13.26 33.27 23.15
N VAL A 81 -12.82 33.52 21.91
CA VAL A 81 -11.73 34.47 21.71
C VAL A 81 -12.16 35.88 22.10
N GLN A 82 -13.42 36.25 21.86
CA GLN A 82 -13.90 37.56 22.31
C GLN A 82 -13.86 37.66 23.83
N GLN A 83 -14.21 36.57 24.52
CA GLN A 83 -14.13 36.58 25.97
C GLN A 83 -12.69 36.74 26.45
N ALA A 84 -11.74 36.14 25.74
CA ALA A 84 -10.33 36.33 26.10
C ALA A 84 -9.91 37.78 25.92
N ALA A 85 -10.35 38.43 24.83
CA ALA A 85 -10.09 39.85 24.68
C ALA A 85 -10.68 40.66 25.82
N VAL A 86 -11.89 40.30 26.26
CA VAL A 86 -12.48 40.96 27.43
C VAL A 86 -11.58 40.78 28.65
N PHE A 87 -11.03 39.58 28.83
CA PHE A 87 -10.11 39.35 29.94
C PHE A 87 -8.90 40.26 29.84
N LEU A 88 -8.43 40.54 28.61
CA LEU A 88 -7.33 41.49 28.48
C LEU A 88 -7.74 42.89 28.87
N SER A 89 -8.96 43.31 28.50
CA SER A 89 -9.44 44.63 28.90
C SER A 89 -9.50 44.77 30.42
N ASP A 90 -10.14 43.79 31.09
CA ASP A 90 -10.19 43.80 32.54
C ASP A 90 -8.79 43.80 33.15
N ALA A 91 -7.87 43.04 32.56
CA ALA A 91 -6.50 43.02 33.05
C ALA A 91 -5.86 44.41 32.98
N ALA A 92 -6.07 45.11 31.86
CA ALA A 92 -5.57 46.47 31.75
C ALA A 92 -6.14 47.36 32.85
N ARG A 93 -7.45 47.27 33.08
CA ARG A 93 -8.08 48.08 34.12
C ARG A 93 -7.46 47.80 35.49
N LEU A 94 -7.53 46.53 35.93
CA LEU A 94 -7.13 46.19 37.29
C LEU A 94 -5.64 46.42 37.51
N LEU A 95 -4.80 46.00 36.56
CA LEU A 95 -3.37 46.20 36.73
C LEU A 95 -2.98 47.67 36.67
N LYS A 96 -3.68 48.47 35.87
CA LYS A 96 -3.47 49.91 35.94
C LYS A 96 -3.83 50.44 37.33
N ALA A 97 -4.90 49.91 37.92
CA ALA A 97 -5.28 50.32 39.27
C ALA A 97 -4.24 49.89 40.30
N ASP A 98 -3.93 48.59 40.35
CA ASP A 98 -2.97 48.06 41.29
C ASP A 98 -2.08 47.05 40.61
N GLN A 99 -0.76 47.20 40.76
CA GLN A 99 0.19 46.29 40.13
C GLN A 99 0.05 44.88 40.67
N GLY A 100 -0.21 44.75 41.97
CA GLY A 100 -0.28 43.45 42.59
C GLY A 100 -1.66 42.81 42.54
N SER A 101 -2.53 43.32 41.68
CA SER A 101 -3.89 42.80 41.56
C SER A 101 -3.88 41.33 41.18
N PRO A 102 -4.37 40.43 42.03
CA PRO A 102 -4.40 39.01 41.64
C PRO A 102 -5.31 38.74 40.47
N GLU A 103 -6.49 39.37 40.44
CA GLU A 103 -7.39 39.22 39.30
C GLU A 103 -6.77 39.80 38.03
N GLY A 104 -6.01 40.89 38.16
CA GLY A 104 -5.34 41.46 37.00
C GLY A 104 -4.33 40.49 36.39
N LYS A 105 -3.52 39.87 37.25
CA LYS A 105 -2.53 38.90 36.77
C LYS A 105 -3.23 37.67 36.16
N ARG A 106 -4.23 37.14 36.87
CA ARG A 106 -4.92 35.94 36.41
C ARG A 106 -5.58 36.18 35.05
N LYS A 107 -6.36 37.26 34.93
CA LYS A 107 -7.04 37.53 33.67
C LYS A 107 -6.07 37.96 32.59
N LEU A 108 -4.93 38.55 32.97
CA LEU A 108 -3.91 38.89 31.98
C LEU A 108 -3.33 37.63 31.34
N LEU A 109 -2.96 36.64 32.16
CA LEU A 109 -2.41 35.41 31.62
C LEU A 109 -3.48 34.59 30.89
N ASP A 110 -4.66 34.48 31.49
CA ASP A 110 -5.74 33.68 30.89
C ASP A 110 -6.16 34.25 29.55
N GLY A 111 -6.51 35.53 29.50
CA GLY A 111 -6.85 36.16 28.23
C GLY A 111 -5.67 36.16 27.27
N ALA A 112 -4.44 36.22 27.81
CA ALA A 112 -3.25 36.17 26.98
C ALA A 112 -3.18 34.88 26.18
N ARG A 113 -3.29 33.74 26.86
CA ARG A 113 -3.30 32.46 26.15
C ARG A 113 -4.58 32.29 25.33
N GLY A 114 -5.66 32.92 25.78
CA GLY A 114 -6.95 32.71 25.15
C GLY A 114 -7.11 33.41 23.81
N VAL A 115 -6.42 34.53 23.63
CA VAL A 115 -6.47 35.19 22.33
C VAL A 115 -5.66 34.43 21.30
N ILE A 116 -4.53 33.84 21.73
CA ILE A 116 -3.70 33.05 20.82
C ILE A 116 -4.44 31.77 20.42
N ASN A 117 -4.79 30.95 21.42
CA ASN A 117 -5.49 29.70 21.11
C ASN A 117 -6.83 29.98 20.43
N GLY A 118 -7.53 31.03 20.87
CA GLY A 118 -8.83 31.35 20.29
C GLY A 118 -8.75 31.78 18.85
N MET A 119 -7.80 32.65 18.52
CA MET A 119 -7.58 33.01 17.12
C MET A 119 -7.23 31.77 16.31
N SER A 120 -6.36 30.92 16.86
CA SER A 120 -6.00 29.68 16.16
C SER A 120 -7.24 28.86 15.81
N ASP A 121 -8.13 28.64 16.80
CA ASP A 121 -9.32 27.85 16.53
C ASP A 121 -10.24 28.56 15.52
N LEU A 122 -10.35 29.88 15.64
CA LEU A 122 -11.20 30.65 14.73
C LEU A 122 -10.77 30.44 13.28
N LEU A 123 -9.47 30.52 13.01
CA LEU A 123 -9.01 30.23 11.66
C LEU A 123 -9.06 28.73 11.35
N MET A 124 -9.04 27.88 12.37
CA MET A 124 -8.94 26.44 12.16
C MET A 124 -10.26 25.80 11.76
N CYS A 125 -11.40 26.34 12.21
CA CYS A 125 -12.66 25.79 11.71
C CYS A 125 -12.85 26.08 10.22
N ALA A 126 -12.42 27.27 9.78
CA ALA A 126 -12.41 27.57 8.35
C ALA A 126 -11.46 26.65 7.60
N ASP A 127 -10.23 26.49 8.12
CA ASP A 127 -9.26 25.60 7.47
C ASP A 127 -9.80 24.17 7.38
N ARG A 128 -10.48 23.71 8.42
CA ARG A 128 -11.08 22.38 8.40
C ARG A 128 -12.19 22.30 7.36
N SER A 129 -12.96 23.38 7.19
CA SER A 129 -13.96 23.41 6.15
C SER A 129 -13.32 23.24 4.77
N GLU A 130 -12.27 24.01 4.50
CA GLU A 130 -11.59 23.91 3.22
C GLU A 130 -11.05 22.50 2.97
N VAL A 131 -10.37 21.95 3.98
CA VAL A 131 -9.79 20.61 3.81
C VAL A 131 -10.88 19.58 3.60
N ARG A 132 -12.02 19.73 4.27
CA ARG A 132 -13.13 18.81 4.05
C ARG A 132 -13.63 18.89 2.61
N LYS A 133 -13.70 20.10 2.05
CA LYS A 133 -14.10 20.25 0.65
C LYS A 133 -13.12 19.54 -0.28
N MET A 134 -11.82 19.86 -0.13
CA MET A 134 -10.80 19.26 -1.00
C MET A 134 -10.84 17.73 -0.93
N VAL A 135 -10.82 17.19 0.30
CA VAL A 135 -10.89 15.74 0.49
C VAL A 135 -12.15 15.17 -0.14
N LYS A 136 -13.26 15.92 -0.09
CA LYS A 136 -14.48 15.48 -0.75
C LYS A 136 -14.26 15.29 -2.25
N VAL A 137 -13.67 16.30 -2.91
CA VAL A 137 -13.38 16.18 -4.34
C VAL A 137 -12.49 14.96 -4.60
N CYS A 138 -11.37 14.86 -3.88
CA CYS A 138 -10.44 13.75 -4.08
C CYS A 138 -11.13 12.41 -3.91
N ARG A 139 -12.02 12.30 -2.93
CA ARG A 139 -12.76 11.06 -2.72
C ARG A 139 -13.67 10.76 -3.91
N SER A 140 -14.33 11.79 -4.46
CA SER A 140 -15.22 11.55 -5.60
C SER A 140 -14.44 11.00 -6.79
N VAL A 141 -13.35 11.67 -7.17
CA VAL A 141 -12.60 11.21 -8.33
C VAL A 141 -11.96 9.85 -8.06
N GLN A 142 -11.45 9.65 -6.85
CA GLN A 142 -10.87 8.36 -6.50
C GLN A 142 -11.90 7.24 -6.61
N GLU A 143 -13.13 7.49 -6.16
CA GLU A 143 -14.19 6.49 -6.28
C GLU A 143 -14.52 6.22 -7.75
N TYR A 144 -14.54 7.27 -8.57
CA TYR A 144 -14.86 7.06 -9.98
C TYR A 144 -13.75 6.34 -10.74
N LEU A 145 -12.52 6.33 -10.20
CA LEU A 145 -11.43 5.62 -10.85
C LEU A 145 -11.78 4.14 -11.08
N ASP A 146 -12.47 3.51 -10.13
CA ASP A 146 -12.70 2.07 -10.19
C ASP A 146 -13.64 1.67 -11.32
N VAL A 147 -14.35 2.61 -11.93
CA VAL A 147 -15.26 2.29 -13.02
C VAL A 147 -14.52 1.76 -14.24
N ALA A 148 -13.23 2.11 -14.39
CA ALA A 148 -12.48 1.75 -15.58
C ALA A 148 -12.30 0.23 -15.72
N LYS A 149 -12.51 -0.54 -14.66
CA LYS A 149 -12.28 -1.98 -14.73
C LYS A 149 -13.35 -2.70 -15.55
N VAL A 150 -14.49 -2.06 -15.82
CA VAL A 150 -15.57 -2.69 -16.57
C VAL A 150 -15.62 -2.22 -18.02
N ILE A 151 -14.67 -1.39 -18.45
CA ILE A 151 -14.67 -0.88 -19.82
C ILE A 151 -14.19 -1.97 -20.77
N ASP A 152 -14.99 -2.24 -21.81
CA ASP A 152 -14.63 -3.22 -22.82
C ASP A 152 -14.73 -2.70 -24.26
N VAL A 153 -15.46 -1.61 -24.49
CA VAL A 153 -15.55 -0.99 -25.81
C VAL A 153 -15.14 0.46 -25.68
N GLU A 154 -14.56 1.01 -26.76
CA GLU A 154 -14.06 2.38 -26.73
C GLU A 154 -15.16 3.41 -26.52
N ALA A 155 -16.43 3.04 -26.65
CA ALA A 155 -17.51 3.94 -26.28
C ALA A 155 -17.53 4.17 -24.77
N ASP A 156 -17.41 3.09 -24.00
CA ASP A 156 -17.34 3.22 -22.55
C ASP A 156 -16.09 3.98 -22.13
N LEU A 157 -14.98 3.78 -22.85
CA LEU A 157 -13.76 4.54 -22.56
C LEU A 157 -13.94 6.01 -22.90
N ALA A 158 -14.74 6.31 -23.92
CA ALA A 158 -15.00 7.71 -24.28
C ALA A 158 -15.84 8.39 -23.19
N THR A 159 -16.96 7.79 -22.83
CA THR A 159 -17.82 8.39 -21.81
C THR A 159 -17.10 8.49 -20.46
N PHE A 160 -16.47 7.39 -20.04
CA PHE A 160 -15.68 7.39 -18.80
C PHE A 160 -14.61 8.46 -18.84
N LEU A 161 -13.93 8.63 -19.98
CA LEU A 161 -12.92 9.66 -20.11
C LEU A 161 -13.52 11.04 -19.92
N GLN A 162 -14.62 11.33 -20.62
CA GLN A 162 -15.24 12.64 -20.53
C GLN A 162 -15.87 12.89 -19.17
N ASN A 163 -16.04 11.86 -18.34
CA ASN A 163 -16.43 12.06 -16.95
C ASN A 163 -15.24 12.20 -16.02
N LEU A 164 -14.08 11.63 -16.40
CA LEU A 164 -12.90 11.65 -15.55
C LEU A 164 -12.07 12.91 -15.69
N THR A 165 -12.01 13.49 -16.90
CA THR A 165 -11.20 14.68 -17.11
C THR A 165 -11.67 15.88 -16.27
N PRO A 166 -12.96 16.25 -16.25
CA PRO A 166 -13.35 17.43 -15.45
C PRO A 166 -13.13 17.23 -13.96
N GLY A 167 -13.39 16.03 -13.44
CA GLY A 167 -13.13 15.77 -12.03
C GLY A 167 -11.65 15.86 -11.69
N MET A 168 -10.80 15.25 -12.53
CA MET A 168 -9.36 15.34 -12.31
C MET A 168 -8.88 16.79 -12.34
N THR A 169 -9.38 17.58 -13.29
CA THR A 169 -9.00 18.99 -13.34
C THR A 169 -9.46 19.72 -12.09
N SER A 170 -10.68 19.43 -11.63
CA SER A 170 -11.19 20.06 -10.40
C SER A 170 -10.35 19.69 -9.19
N MET A 171 -9.79 18.48 -9.16
CA MET A 171 -8.91 18.10 -8.06
C MET A 171 -7.58 18.82 -8.15
N MET A 172 -6.98 18.85 -9.35
CA MET A 172 -5.64 19.42 -9.50
C MET A 172 -5.64 20.92 -9.29
N LYS A 173 -6.71 21.63 -9.69
CA LYS A 173 -6.74 23.06 -9.45
C LYS A 173 -6.84 23.37 -7.96
N VAL A 174 -7.53 22.51 -7.21
CA VAL A 174 -7.71 22.73 -5.78
C VAL A 174 -6.44 22.41 -5.01
N VAL A 175 -5.78 21.30 -5.34
CA VAL A 175 -4.53 20.96 -4.66
C VAL A 175 -3.44 21.95 -5.02
N GLU A 176 -3.30 22.25 -6.32
CA GLU A 176 -2.37 23.28 -6.77
C GLU A 176 -2.70 24.65 -6.17
N GLN A 177 -3.95 24.88 -5.79
CA GLN A 177 -4.29 26.07 -5.02
C GLN A 177 -3.84 25.94 -3.56
N ARG A 178 -3.85 24.73 -3.02
CA ARG A 178 -3.62 24.54 -1.60
C ARG A 178 -2.13 24.59 -1.25
N HIS A 179 -1.29 23.86 -1.98
CA HIS A 179 0.08 23.69 -1.49
C HIS A 179 0.92 24.98 -1.46
N PRO A 180 0.61 26.03 -2.23
CA PRO A 180 1.31 27.31 -2.00
C PRO A 180 0.95 28.01 -0.70
N GLU A 181 -0.02 27.48 0.07
CA GLU A 181 -0.42 28.11 1.31
C GLU A 181 0.20 27.45 2.54
N LEU A 182 0.84 26.30 2.40
CA LEU A 182 1.37 25.58 3.54
C LEU A 182 2.72 26.16 3.97
N THR A 183 2.96 26.16 5.29
CA THR A 183 4.21 26.64 5.84
C THR A 183 5.29 25.56 5.88
N ASN A 184 4.90 24.29 5.75
CA ASN A 184 5.84 23.18 5.74
C ASN A 184 6.20 22.85 4.30
N LEU A 185 7.47 23.05 3.94
CA LEU A 185 7.91 22.78 2.58
C LEU A 185 7.80 21.31 2.22
N ALA A 186 7.98 20.42 3.20
CA ALA A 186 7.91 18.99 2.91
C ALA A 186 6.51 18.59 2.47
N HIS A 187 5.48 19.09 3.16
CA HIS A 187 4.11 18.78 2.77
C HIS A 187 3.81 19.28 1.36
N ALA A 188 4.23 20.51 1.06
CA ALA A 188 4.03 21.04 -0.29
C ALA A 188 4.73 20.18 -1.32
N GLN A 189 5.93 19.68 -1.00
CA GLN A 189 6.66 18.84 -1.93
C GLN A 189 5.95 17.51 -2.16
N MET A 190 5.38 16.92 -1.10
CA MET A 190 4.63 15.69 -1.26
C MET A 190 3.40 15.92 -2.14
N LEU A 191 2.67 17.01 -1.89
CA LEU A 191 1.51 17.32 -2.73
C LEU A 191 1.92 17.48 -4.19
N LYS A 192 2.96 18.27 -4.45
CA LYS A 192 3.40 18.47 -5.83
C LYS A 192 3.82 17.15 -6.48
N SER A 193 4.51 16.28 -5.73
CA SER A 193 4.96 15.02 -6.30
C SER A 193 3.79 14.12 -6.67
N GLU A 194 2.81 13.99 -5.77
CA GLU A 194 1.65 13.15 -6.09
C GLU A 194 0.85 13.75 -7.24
N LEU A 195 0.76 15.09 -7.29
CA LEU A 195 0.15 15.74 -8.45
C LEU A 195 0.84 15.32 -9.74
N GLY A 196 2.16 15.36 -9.76
CA GLY A 196 2.89 14.89 -10.92
C GLY A 196 2.56 13.45 -11.26
N THR A 197 2.48 12.58 -10.23
CA THR A 197 2.13 11.19 -10.47
C THR A 197 0.79 11.05 -11.17
N VAL A 198 -0.24 11.74 -10.67
CA VAL A 198 -1.56 11.65 -11.28
C VAL A 198 -1.52 12.15 -12.72
N ARG A 199 -0.91 13.33 -12.93
N ARG A 199 -0.88 13.30 -12.93
CA ARG A 199 -0.85 13.92 -14.26
CA ARG A 199 -0.86 13.91 -14.26
C ARG A 199 -0.20 12.98 -15.26
C ARG A 199 -0.16 13.03 -15.28
N GLU A 200 0.91 12.33 -14.86
CA GLU A 200 1.59 11.42 -15.78
C GLU A 200 0.87 10.09 -15.92
N GLN A 201 0.01 9.71 -14.96
CA GLN A 201 -0.63 8.41 -15.00
C GLN A 201 -1.97 8.40 -15.73
N ILE A 202 -2.62 9.55 -15.91
CA ILE A 202 -3.91 9.55 -16.62
C ILE A 202 -3.82 8.95 -18.02
N PRO A 203 -2.96 9.47 -18.92
CA PRO A 203 -2.92 8.90 -20.27
C PRO A 203 -2.44 7.46 -20.31
N ILE A 204 -1.62 7.05 -19.32
CA ILE A 204 -1.25 5.64 -19.22
C ILE A 204 -2.48 4.79 -18.95
N LEU A 205 -3.37 5.28 -18.08
CA LEU A 205 -4.60 4.56 -17.77
C LEU A 205 -5.47 4.42 -19.01
N ILE A 206 -5.75 5.54 -19.70
CA ILE A 206 -6.61 5.44 -20.87
C ILE A 206 -5.98 4.56 -21.94
N SER A 207 -4.65 4.58 -22.04
CA SER A 207 -3.96 3.73 -23.02
C SER A 207 -4.15 2.25 -22.68
N SER A 208 -3.88 1.87 -21.43
CA SER A 208 -4.05 0.48 -21.02
C SER A 208 -5.49 0.02 -21.22
N ILE A 209 -6.47 0.89 -20.91
CA ILE A 209 -7.86 0.56 -21.20
C ILE A 209 -8.05 0.30 -22.68
N ARG A 210 -7.42 1.12 -23.53
CA ARG A 210 -7.54 0.92 -24.97
C ARG A 210 -7.02 -0.46 -25.38
N VAL A 211 -5.87 -0.88 -24.85
CA VAL A 211 -5.38 -2.21 -25.22
C VAL A 211 -6.32 -3.28 -24.70
N CYS A 212 -6.97 -3.07 -23.56
CA CYS A 212 -7.95 -4.05 -23.08
C CYS A 212 -9.13 -4.16 -24.05
N CYS A 213 -9.63 -3.01 -24.52
CA CYS A 213 -10.74 -3.02 -25.46
C CYS A 213 -10.36 -3.70 -26.77
N LEU A 214 -9.09 -3.56 -27.19
CA LEU A 214 -8.69 -4.24 -28.41
C LEU A 214 -8.49 -5.74 -28.20
N VAL A 215 -8.01 -6.15 -27.02
CA VAL A 215 -7.75 -7.58 -26.79
C VAL A 215 -8.97 -8.35 -26.30
N ILE A 216 -10.09 -7.67 -26.02
CA ILE A 216 -11.27 -8.42 -25.58
C ILE A 216 -11.92 -9.18 -26.73
N VAL A 217 -11.62 -8.83 -27.98
CA VAL A 217 -12.25 -9.46 -29.13
C VAL A 217 -11.37 -10.59 -29.65
N LYS A 218 -10.39 -11.01 -28.85
CA LYS A 218 -9.46 -12.05 -29.30
C LYS A 218 -10.10 -13.43 -29.40
N ASP A 219 -11.24 -13.63 -28.74
CA ASP A 219 -11.96 -14.91 -28.80
C ASP A 219 -11.08 -16.06 -28.34
N SER A 222 -6.97 -14.25 -25.00
CA SER A 222 -5.58 -14.20 -25.41
C SER A 222 -4.87 -12.98 -24.81
N GLY A 223 -4.18 -13.20 -23.70
CA GLY A 223 -3.48 -12.11 -23.04
C GLY A 223 -4.39 -11.12 -22.34
N MET A 224 -5.60 -11.53 -21.96
CA MET A 224 -6.52 -10.63 -21.28
C MET A 224 -6.10 -10.41 -19.84
N LYS A 225 -5.57 -11.45 -19.19
CA LYS A 225 -5.17 -11.33 -17.79
C LYS A 225 -4.07 -10.31 -17.60
N ASP A 226 -3.09 -10.28 -18.51
CA ASP A 226 -1.96 -9.37 -18.34
C ASP A 226 -2.32 -7.94 -18.72
N ALA A 227 -3.19 -7.75 -19.72
CA ALA A 227 -3.66 -6.42 -20.04
C ALA A 227 -4.49 -5.86 -18.90
N ALA A 228 -5.39 -6.68 -18.36
CA ALA A 228 -6.15 -6.28 -17.17
C ALA A 228 -5.22 -5.98 -16.00
N PHE A 229 -4.12 -6.75 -15.87
CA PHE A 229 -3.16 -6.47 -14.83
C PHE A 229 -2.52 -5.10 -15.02
N GLY A 230 -2.14 -4.76 -16.25
CA GLY A 230 -1.58 -3.44 -16.50
C GLY A 230 -2.55 -2.33 -16.14
N ARG A 231 -3.77 -2.41 -16.67
CA ARG A 231 -4.79 -1.40 -16.37
C ARG A 231 -4.99 -1.25 -14.87
N ASP A 232 -5.24 -2.37 -14.18
CA ASP A 232 -5.51 -2.29 -12.74
C ASP A 232 -4.28 -1.83 -11.96
N TYR A 233 -3.08 -2.07 -12.49
CA TYR A 233 -1.88 -1.52 -11.89
C TYR A 233 -1.89 0.00 -11.94
N VAL A 234 -2.27 0.57 -13.10
CA VAL A 234 -2.33 2.02 -13.19
C VAL A 234 -3.45 2.56 -12.31
N ILE A 235 -4.58 1.85 -12.25
CA ILE A 235 -5.67 2.28 -11.38
C ILE A 235 -5.22 2.30 -9.93
N GLN A 236 -4.42 1.31 -9.52
CA GLN A 236 -3.96 1.26 -8.14
C GLN A 236 -2.93 2.34 -7.86
N LYS A 237 -2.05 2.62 -8.83
CA LYS A 237 -1.10 3.71 -8.65
C LYS A 237 -1.82 5.04 -8.46
N LEU A 238 -2.82 5.31 -9.29
CA LEU A 238 -3.62 6.53 -9.13
C LEU A 238 -4.33 6.53 -7.78
N PHE A 239 -4.93 5.40 -7.40
CA PHE A 239 -5.64 5.30 -6.12
C PHE A 239 -4.72 5.64 -4.96
N ILE A 240 -3.51 5.07 -4.96
CA ILE A 240 -2.57 5.29 -3.86
C ILE A 240 -2.10 6.74 -3.83
N ALA A 241 -1.77 7.30 -5.00
CA ALA A 241 -1.37 8.70 -5.04
C ALA A 241 -2.45 9.61 -4.47
N ILE A 242 -3.71 9.36 -4.84
CA ILE A 242 -4.80 10.19 -4.33
C ILE A 242 -4.99 9.98 -2.84
N GLU A 243 -4.80 8.74 -2.36
CA GLU A 243 -4.83 8.50 -0.92
C GLU A 243 -3.79 9.35 -0.20
N GLU A 244 -2.57 9.40 -0.74
CA GLU A 244 -1.52 10.19 -0.09
C GLU A 244 -1.83 11.68 -0.15
N ILE A 245 -2.39 12.15 -1.27
CA ILE A 245 -2.82 13.54 -1.34
C ILE A 245 -3.83 13.83 -0.24
N ILE A 246 -4.78 12.92 -0.03
CA ILE A 246 -5.78 13.13 1.02
C ILE A 246 -5.12 13.15 2.39
N ARG A 247 -4.12 12.29 2.60
CA ARG A 247 -3.47 12.24 3.91
C ARG A 247 -2.68 13.50 4.20
N VAL A 248 -1.91 13.98 3.22
CA VAL A 248 -1.10 15.19 3.40
C VAL A 248 -2.00 16.41 3.52
N LEU A 249 -3.13 16.43 2.79
CA LEU A 249 -4.08 17.53 2.90
C LEU A 249 -4.57 17.71 4.33
N GLN A 250 -4.68 16.64 5.09
CA GLN A 250 -5.25 16.67 6.43
C GLN A 250 -4.21 16.80 7.53
N LEU A 251 -2.92 16.89 7.18
CA LEU A 251 -1.89 17.09 8.19
C LEU A 251 -1.89 18.55 8.64
N THR A 252 -1.96 18.74 9.97
CA THR A 252 -1.89 20.07 10.57
C THR A 252 -0.72 20.18 11.53
N THR A 253 0.35 19.42 11.28
CA THR A 253 1.47 19.33 12.19
C THR A 253 2.79 19.55 11.44
N THR A 254 3.78 20.04 12.18
CA THR A 254 5.13 20.15 11.64
C THR A 254 5.71 18.75 11.44
N PHE A 255 6.20 18.50 10.23
CA PHE A 255 6.65 17.15 9.87
C PHE A 255 7.86 16.73 10.69
N GLU A 256 8.81 17.64 10.91
CA GLU A 256 10.08 17.31 11.53
C GLU A 256 9.97 17.19 13.05
N GLU A 257 8.77 16.87 13.55
CA GLU A 257 8.53 16.61 14.95
C GLU A 257 7.67 15.35 15.12
N GLU A 258 7.92 14.36 14.26
CA GLU A 258 7.11 13.14 14.27
C GLU A 258 7.96 11.92 13.93
N ALA A 266 22.35 2.16 12.49
CA ALA A 266 22.55 3.56 12.12
C ALA A 266 22.28 3.78 10.64
N SER A 267 22.58 4.99 10.17
CA SER A 267 22.43 5.35 8.77
C SER A 267 23.80 5.37 8.10
N ALA A 268 23.81 5.74 6.82
CA ALA A 268 25.08 5.83 6.10
C ALA A 268 25.91 7.01 6.60
N ALA A 269 25.28 8.16 6.81
CA ALA A 269 26.00 9.31 7.34
C ALA A 269 26.52 9.06 8.75
N SER A 270 25.77 8.28 9.55
CA SER A 270 26.24 7.94 10.89
C SER A 270 27.34 6.91 10.85
N LEU A 271 27.33 6.01 9.85
CA LEU A 271 28.44 5.09 9.67
C LEU A 271 29.71 5.86 9.29
N ALA A 272 29.61 6.77 8.33
CA ALA A 272 30.75 7.59 7.95
C ALA A 272 31.25 8.41 9.15
N HIS A 273 30.33 9.01 9.90
CA HIS A 273 30.73 9.80 11.06
C HIS A 273 31.40 8.93 12.10
N MET A 274 30.93 7.70 12.28
CA MET A 274 31.58 6.78 13.22
C MET A 274 32.98 6.40 12.75
N PHE A 275 33.14 6.15 11.46
CA PHE A 275 34.47 5.93 10.89
C PHE A 275 35.40 7.09 11.21
N HIS A 276 34.94 8.31 10.97
CA HIS A 276 35.80 9.48 11.15
C HIS A 276 36.12 9.72 12.62
N GLN A 277 35.14 9.51 13.50
CA GLN A 277 35.38 9.66 14.93
C GLN A 277 36.37 8.63 15.43
N ALA A 278 36.28 7.40 14.93
CA ALA A 278 37.24 6.37 15.32
C ALA A 278 38.63 6.69 14.79
N GLN A 279 38.71 7.23 13.58
CA GLN A 279 40.00 7.63 13.02
C GLN A 279 40.62 8.76 13.83
N ASP A 280 39.84 9.75 14.22
CA ASP A 280 40.37 10.88 14.98
C ASP A 280 40.76 10.47 16.39
N ALA A 281 39.97 9.59 17.01
CA ALA A 281 40.32 9.14 18.35
C ALA A 281 41.54 8.22 18.34
N LEU A 282 41.72 7.44 17.28
CA LEU A 282 42.90 6.60 17.19
C LEU A 282 44.15 7.42 16.88
N ALA A 283 44.02 8.42 15.99
CA ALA A 283 45.15 9.26 15.64
C ALA A 283 45.65 10.06 16.83
N SER A 284 44.77 10.34 17.79
CA SER A 284 45.20 10.91 19.07
C SER A 284 45.80 9.79 19.92
N GLY A 285 45.52 9.81 21.22
CA GLY A 285 46.06 8.77 22.08
C GLY A 285 45.04 7.75 22.51
N ASP A 286 43.77 7.98 22.17
CA ASP A 286 42.68 7.22 22.76
C ASP A 286 42.63 5.79 22.22
N ILE A 287 42.66 4.83 23.14
CA ILE A 287 42.43 3.41 22.81
C ILE A 287 41.48 2.82 23.86
N SER A 288 40.57 3.65 24.36
CA SER A 288 39.63 3.21 25.38
C SER A 288 38.64 2.19 24.82
N ARG A 289 37.75 1.71 25.69
CA ARG A 289 36.78 0.70 25.28
C ARG A 289 35.79 1.28 24.28
N SER A 290 35.42 2.55 24.44
CA SER A 290 34.48 3.18 23.51
C SER A 290 35.05 3.24 22.10
N THR A 291 36.27 3.75 21.97
CA THR A 291 36.90 3.88 20.65
C THR A 291 37.07 2.51 20.00
N LEU A 292 37.52 1.52 20.75
CA LEU A 292 37.69 0.19 20.18
C LEU A 292 36.35 -0.43 19.79
N ASP A 293 35.29 -0.14 20.55
CA ASP A 293 33.97 -0.61 20.14
C ASP A 293 33.56 0.01 18.80
N ALA A 294 33.77 1.31 18.64
CA ALA A 294 33.47 1.95 17.36
C ALA A 294 34.30 1.35 16.24
N VAL A 295 35.58 1.08 16.49
CA VAL A 295 36.44 0.47 15.49
C VAL A 295 35.90 -0.90 15.09
N ARG A 296 35.45 -1.68 16.08
CA ARG A 296 34.90 -3.00 15.77
C ARG A 296 33.61 -2.89 14.95
N LYS A 297 32.80 -1.86 15.22
CA LYS A 297 31.64 -1.62 14.37
C LYS A 297 32.07 -1.30 12.94
N CYS A 298 33.14 -0.53 12.78
CA CYS A 298 33.63 -0.23 11.43
C CYS A 298 34.12 -1.49 10.74
N ILE A 299 34.75 -2.41 11.48
CA ILE A 299 35.14 -3.69 10.91
C ILE A 299 33.92 -4.48 10.47
N SER A 300 32.86 -4.46 11.29
CA SER A 300 31.63 -5.14 10.91
C SER A 300 31.04 -4.56 9.64
N GLU A 301 31.09 -3.24 9.47
CA GLU A 301 30.62 -2.63 8.24
C GLU A 301 31.48 -3.05 7.06
N GLY A 302 32.80 -3.13 7.26
CA GLY A 302 33.67 -3.58 6.20
C GLY A 302 33.36 -5.00 5.74
N ARG A 303 33.12 -5.90 6.69
CA ARG A 303 32.78 -7.28 6.31
C ARG A 303 31.39 -7.36 5.69
N ARG A 304 30.45 -6.53 6.17
CA ARG A 304 29.13 -6.49 5.56
C ARG A 304 29.21 -6.09 4.10
N VAL A 305 30.01 -5.07 3.78
CA VAL A 305 30.20 -4.69 2.39
C VAL A 305 30.97 -5.78 1.64
N ALA A 306 31.89 -6.47 2.32
CA ALA A 306 32.63 -7.54 1.67
C ALA A 306 31.70 -8.66 1.19
N ALA A 307 30.67 -8.96 1.99
CA ALA A 307 29.73 -10.01 1.59
C ALA A 307 28.93 -9.64 0.35
N LEU A 308 28.88 -8.36 -0.01
CA LEU A 308 28.13 -7.88 -1.17
C LEU A 308 29.04 -7.37 -2.28
N ALA A 309 30.32 -7.74 -2.26
CA ALA A 309 31.26 -7.22 -3.24
C ALA A 309 30.98 -7.78 -4.62
N ALA A 310 31.36 -7.03 -5.65
CA ALA A 310 31.12 -7.44 -7.02
C ALA A 310 31.99 -8.63 -7.42
N THR A 311 33.23 -8.68 -6.93
CA THR A 311 34.15 -9.76 -7.25
C THR A 311 34.75 -10.33 -5.97
N ASP A 312 35.24 -11.56 -6.06
CA ASP A 312 35.89 -12.21 -4.92
C ASP A 312 37.20 -11.53 -4.54
N GLU A 313 37.79 -10.74 -5.44
CA GLU A 313 39.04 -10.06 -5.11
C GLU A 313 38.80 -8.94 -4.10
N THR A 314 37.81 -8.08 -4.35
CA THR A 314 37.49 -7.05 -3.37
C THR A 314 36.90 -7.64 -2.10
N ARG A 315 36.21 -8.78 -2.21
CA ARG A 315 35.73 -9.48 -1.03
C ARG A 315 36.88 -9.91 -0.13
N ALA A 316 37.82 -10.69 -0.71
CA ALA A 316 38.95 -11.17 0.07
C ALA A 316 39.85 -10.03 0.54
N LYS A 317 39.88 -8.92 -0.21
CA LYS A 317 40.69 -7.77 0.20
C LYS A 317 40.06 -7.06 1.38
N LEU A 318 38.75 -6.80 1.33
CA LEU A 318 38.07 -6.19 2.45
C LEU A 318 38.17 -7.07 3.70
N LEU A 319 38.02 -8.39 3.53
CA LEU A 319 38.17 -9.29 4.66
C LEU A 319 39.61 -9.27 5.19
N ALA A 320 40.59 -9.13 4.29
CA ALA A 320 41.98 -9.06 4.72
C ALA A 320 42.21 -7.82 5.58
N ALA A 321 41.70 -6.67 5.14
CA ALA A 321 41.82 -5.44 5.93
C ALA A 321 41.11 -5.60 7.26
N ALA A 322 39.95 -6.26 7.27
CA ALA A 322 39.21 -6.45 8.51
C ALA A 322 40.00 -7.27 9.50
N ASP A 323 40.53 -8.42 9.08
CA ASP A 323 41.29 -9.27 9.99
C ASP A 323 42.60 -8.62 10.41
N GLU A 324 43.22 -7.84 9.53
CA GLU A 324 44.40 -7.08 9.93
C GLU A 324 44.06 -6.09 11.04
N LEU A 325 42.94 -5.38 10.89
CA LEU A 325 42.53 -4.43 11.93
C LEU A 325 42.20 -5.13 13.23
N ASP A 326 41.56 -6.30 13.16
CA ASP A 326 41.31 -7.07 14.36
C ASP A 326 42.60 -7.48 15.06
N GLN A 327 43.60 -7.88 14.27
CA GLN A 327 44.89 -8.23 14.86
C GLN A 327 45.53 -7.03 15.55
N ILE A 328 45.51 -5.86 14.90
CA ILE A 328 46.03 -4.66 15.52
C ILE A 328 45.28 -4.36 16.82
N LEU A 329 43.97 -4.62 16.84
CA LEU A 329 43.19 -4.38 18.05
C LEU A 329 43.63 -5.32 19.18
N LYS A 330 43.85 -6.60 18.86
CA LYS A 330 44.34 -7.53 19.87
C LYS A 330 45.70 -7.09 20.41
N GLU A 331 46.57 -6.62 19.53
CA GLU A 331 47.88 -6.13 19.97
C GLU A 331 47.74 -4.92 20.89
N LEU A 332 46.85 -4.00 20.55
CA LEU A 332 46.63 -2.83 21.39
C LEU A 332 46.08 -3.22 22.76
N GLU A 333 45.16 -4.18 22.79
CA GLU A 333 44.61 -4.62 24.07
C GLU A 333 45.64 -5.35 24.92
N GLU A 334 46.54 -6.11 24.28
CA GLU A 334 47.62 -6.73 25.04
C GLU A 334 48.60 -5.69 25.56
N LEU A 335 48.84 -4.62 24.79
CA LEU A 335 49.66 -3.52 25.29
C LEU A 335 49.02 -2.86 26.50
N GLN A 336 47.72 -2.56 26.40
CA GLN A 336 47.02 -1.90 27.49
C GLN A 336 46.95 -2.78 28.73
N ALA A 337 46.86 -4.09 28.55
CA ALA A 337 46.86 -4.99 29.70
C ALA A 337 48.19 -4.98 30.43
N LYS A 338 49.29 -4.79 29.70
CA LYS A 338 50.61 -4.76 30.33
C LYS A 338 50.84 -3.50 31.16
N GLY A 339 50.03 -2.47 30.97
CA GLY A 339 50.26 -1.18 31.57
C GLY A 339 50.95 -0.18 30.67
N LEU A 340 51.06 -0.48 29.37
CA LEU A 340 51.79 0.38 28.43
C LEU A 340 50.84 1.18 27.54
N GLY A 341 49.62 1.43 28.00
CA GLY A 341 48.66 2.19 27.20
C GLY A 341 49.10 3.60 26.91
N ASP A 342 49.95 4.17 27.74
CA ASP A 342 50.46 5.52 27.57
C ASP A 342 51.72 5.58 26.72
N SER A 343 52.36 4.44 26.46
CA SER A 343 53.64 4.40 25.78
C SER A 343 53.54 4.93 24.36
N ARG A 344 54.70 5.31 23.80
CA ARG A 344 54.72 5.81 22.44
C ARG A 344 54.44 4.70 21.43
N GLN A 345 54.77 3.46 21.76
CA GLN A 345 54.47 2.37 20.83
C GLN A 345 52.97 2.08 20.79
N ALA A 346 52.27 2.33 21.89
CA ALA A 346 50.81 2.22 21.88
C ALA A 346 50.19 3.32 21.03
N ARG A 347 50.70 4.55 21.15
CA ARG A 347 50.18 5.65 20.33
C ARG A 347 50.49 5.44 18.86
N ALA A 348 51.70 4.93 18.55
CA ALA A 348 52.06 4.69 17.16
C ALA A 348 51.25 3.54 16.58
N LEU A 349 51.00 2.51 17.37
CA LEU A 349 50.15 1.41 16.90
C LEU A 349 48.72 1.86 16.69
N ALA A 350 48.22 2.74 17.58
CA ALA A 350 46.87 3.27 17.41
C ALA A 350 46.78 4.15 16.18
N HIS A 351 47.81 4.96 15.92
CA HIS A 351 47.83 5.79 14.72
C HIS A 351 47.87 4.94 13.47
N ALA A 352 48.66 3.86 13.49
CA ALA A 352 48.65 2.93 12.37
C ALA A 352 47.27 2.31 12.18
N ALA A 353 46.58 2.00 13.28
CA ALA A 353 45.21 1.51 13.18
C ALA A 353 44.30 2.55 12.54
N ALA A 354 44.52 3.83 12.86
CA ALA A 354 43.73 4.89 12.24
C ALA A 354 43.93 4.92 10.75
N VAL A 355 45.20 4.86 10.32
CA VAL A 355 45.50 4.82 8.88
C VAL A 355 44.82 3.62 8.23
N LYS A 356 44.90 2.45 8.86
CA LYS A 356 44.25 1.26 8.30
C LYS A 356 42.73 1.42 8.25
N LEU A 357 42.16 2.18 9.18
CA LEU A 357 40.71 2.41 9.13
C LEU A 357 40.35 3.33 7.97
N GLN A 358 41.18 4.33 7.70
CA GLN A 358 40.99 5.15 6.50
C GLN A 358 41.08 4.30 5.24
N GLU A 359 42.06 3.39 5.18
CA GLU A 359 42.21 2.55 4.00
C GLU A 359 41.03 1.59 3.85
N LEU A 360 40.49 1.10 4.97
CA LEU A 360 39.30 0.27 4.90
C LEU A 360 38.11 1.06 4.37
N GLU A 361 37.94 2.30 4.84
CA GLU A 361 36.89 3.16 4.29
C GLU A 361 37.06 3.34 2.79
N GLN A 362 38.29 3.60 2.35
CA GLN A 362 38.53 3.82 0.92
C GLN A 362 38.21 2.57 0.11
N GLU A 363 38.56 1.39 0.63
CA GLU A 363 38.26 0.16 -0.09
C GLU A 363 36.76 -0.12 -0.11
N ILE A 364 36.03 0.32 0.92
CA ILE A 364 34.58 0.21 0.90
C ILE A 364 34.02 1.07 -0.23
N ARG A 365 34.50 2.32 -0.34
CA ARG A 365 34.10 3.16 -1.46
C ARG A 365 34.44 2.51 -2.80
N LYS A 366 35.62 1.89 -2.90
CA LYS A 366 36.01 1.24 -4.15
C LYS A 366 35.09 0.06 -4.45
N ALA A 367 34.66 -0.68 -3.43
CA ALA A 367 33.76 -1.81 -3.66
C ALA A 367 32.41 -1.33 -4.15
N LEU A 368 31.88 -0.25 -3.57
CA LEU A 368 30.60 0.29 -4.05
C LEU A 368 30.72 0.79 -5.48
N ALA A 369 31.82 1.51 -5.78
CA ALA A 369 32.04 1.96 -7.15
C ALA A 369 32.17 0.79 -8.12
N GLU A 370 32.68 -0.35 -7.63
CA GLU A 370 32.79 -1.53 -8.48
C GLU A 370 31.43 -2.15 -8.74
N ARG A 371 30.59 -2.26 -7.70
CA ARG A 371 29.23 -2.72 -7.89
C ARG A 371 28.49 -1.85 -8.91
N VAL A 372 28.66 -0.53 -8.81
CA VAL A 372 28.01 0.35 -9.77
C VAL A 372 28.58 0.14 -11.17
N ALA A 373 29.91 0.00 -11.29
CA ALA A 373 30.52 -0.22 -12.60
C ALA A 373 30.02 -1.51 -13.24
N THR A 374 29.68 -2.52 -12.43
CA THR A 374 29.22 -3.78 -12.99
C THR A 374 27.74 -3.76 -13.33
N ASP A 375 26.92 -3.28 -12.40
CA ASP A 375 25.48 -3.45 -12.54
C ASP A 375 24.82 -2.42 -13.45
N PHE A 376 25.39 -1.22 -13.55
CA PHE A 376 24.82 -0.15 -14.37
C PHE A 376 25.52 0.01 -15.70
N VAL A 377 26.28 -1.00 -16.14
CA VAL A 377 27.02 -0.89 -17.39
C VAL A 377 26.08 -0.90 -18.60
N ASN A 378 24.87 -1.46 -18.45
CA ASN A 378 23.96 -1.61 -19.57
C ASN A 378 22.53 -1.64 -19.01
N VAL A 379 22.03 -0.45 -18.64
CA VAL A 379 20.75 -0.37 -17.95
C VAL A 379 19.59 -0.73 -18.88
N GLY A 380 19.62 -0.23 -20.11
CA GLY A 380 18.52 -0.42 -21.04
C GLY A 380 18.58 -1.65 -21.92
N GLY A 381 19.70 -2.37 -21.92
CA GLY A 381 19.88 -3.54 -22.74
C GLY A 381 18.85 -4.63 -22.54
N PRO A 382 18.74 -5.16 -21.31
CA PRO A 382 17.83 -6.29 -21.08
C PRO A 382 16.37 -6.00 -21.39
N ILE A 383 15.87 -4.80 -21.06
CA ILE A 383 14.47 -4.52 -21.35
C ILE A 383 14.25 -4.36 -22.85
N LYS A 384 15.27 -3.89 -23.58
CA LYS A 384 15.18 -3.84 -25.02
C LYS A 384 15.14 -5.24 -25.61
N ALA A 385 15.97 -6.14 -25.07
CA ALA A 385 15.93 -7.54 -25.49
C ALA A 385 14.57 -8.17 -25.20
N LEU A 386 13.94 -7.79 -24.09
CA LEU A 386 12.61 -8.30 -23.79
C LEU A 386 11.57 -7.77 -24.77
N GLU A 387 11.63 -6.47 -25.08
CA GLU A 387 10.68 -5.91 -26.04
C GLU A 387 10.84 -6.54 -27.41
N ASP A 388 12.09 -6.77 -27.84
CA ASP A 388 12.32 -7.44 -29.11
C ASP A 388 11.86 -8.90 -29.05
N ALA A 389 11.98 -9.54 -27.90
CA ALA A 389 11.48 -10.91 -27.76
C ALA A 389 9.96 -10.96 -27.89
N ALA A 390 9.27 -9.95 -27.35
CA ALA A 390 7.83 -9.89 -27.49
C ALA A 390 7.41 -9.61 -28.93
N LEU A 391 8.23 -8.90 -29.69
CA LEU A 391 7.92 -8.53 -31.07
C LEU A 391 8.31 -9.61 -32.07
N ALA A 392 8.62 -10.83 -31.61
CA ALA A 392 8.99 -11.89 -32.53
C ALA A 392 7.80 -12.29 -33.38
N SER A 393 8.07 -12.60 -34.65
CA SER A 393 7.00 -12.99 -35.55
C SER A 393 6.38 -14.31 -35.06
N PRO A 394 5.09 -14.52 -35.32
CA PRO A 394 4.45 -15.77 -34.90
C PRO A 394 5.03 -17.02 -35.57
N SER A 395 5.81 -16.87 -36.64
CA SER A 395 6.42 -18.02 -37.30
C SER A 395 7.60 -18.58 -36.53
N ASP A 396 8.23 -17.77 -35.66
CA ASP A 396 9.39 -18.17 -34.88
C ASP A 396 9.04 -19.34 -33.97
N PRO A 397 9.58 -20.54 -34.25
CA PRO A 397 9.23 -21.74 -33.48
C PRO A 397 9.76 -21.77 -32.05
N ASN A 398 10.31 -20.67 -31.54
CA ASN A 398 10.82 -20.67 -30.16
C ASN A 398 10.70 -19.27 -29.57
N ARG A 399 9.63 -18.56 -29.90
CA ARG A 399 9.42 -17.22 -29.35
C ARG A 399 9.06 -17.28 -27.87
N GLN A 400 8.42 -18.35 -27.43
CA GLN A 400 8.05 -18.48 -26.03
C GLN A 400 9.28 -18.69 -25.16
N ALA A 401 10.21 -19.53 -25.59
CA ALA A 401 11.43 -19.77 -24.82
C ALA A 401 12.30 -18.51 -24.77
N ASN A 402 12.49 -17.86 -25.92
CA ASN A 402 13.24 -16.60 -25.95
C ASN A 402 12.59 -15.57 -25.05
N PHE A 403 11.26 -15.44 -25.12
CA PHE A 403 10.57 -14.45 -24.30
C PHE A 403 10.72 -14.76 -22.82
N ALA A 404 10.64 -16.04 -22.44
CA ALA A 404 10.81 -16.42 -21.05
C ALA A 404 12.21 -16.07 -20.55
N GLN A 405 13.24 -16.42 -21.34
CA GLN A 405 14.60 -16.17 -20.93
C GLN A 405 14.88 -14.68 -20.80
N LYS A 406 14.46 -13.90 -21.80
CA LYS A 406 14.66 -12.45 -21.73
C LYS A 406 13.87 -11.84 -20.58
N ALA A 407 12.70 -12.40 -20.25
CA ALA A 407 11.91 -11.89 -19.14
C ALA A 407 12.62 -12.13 -17.82
N LYS A 408 13.10 -13.35 -17.59
CA LYS A 408 13.79 -13.65 -16.34
C LYS A 408 15.07 -12.84 -16.21
N GLU A 409 15.81 -12.70 -17.33
CA GLU A 409 17.00 -11.86 -17.31
C GLU A 409 16.66 -10.41 -16.98
N PHE A 410 15.53 -9.91 -17.48
CA PHE A 410 15.13 -8.55 -17.14
C PHE A 410 14.82 -8.43 -15.65
N GLU A 411 14.04 -9.38 -15.12
CA GLU A 411 13.69 -9.33 -13.70
C GLU A 411 14.93 -9.32 -12.82
N ALA A 412 15.88 -10.22 -13.10
CA ALA A 412 17.12 -10.24 -12.33
C ALA A 412 17.92 -8.97 -12.52
N HIS A 413 17.87 -8.38 -13.73
CA HIS A 413 18.60 -7.14 -13.99
C HIS A 413 18.07 -6.00 -13.12
N THR A 414 16.78 -5.69 -13.24
CA THR A 414 16.22 -4.58 -12.47
C THR A 414 16.28 -4.85 -10.97
N ALA A 415 16.10 -6.10 -10.54
CA ALA A 415 16.31 -6.42 -9.13
C ALA A 415 17.72 -6.08 -8.69
N ARG A 416 18.71 -6.36 -9.56
CA ARG A 416 20.10 -6.04 -9.21
C ARG A 416 20.32 -4.54 -9.14
N LEU A 417 19.71 -3.78 -10.05
CA LEU A 417 19.81 -2.32 -9.99
C LEU A 417 19.28 -1.80 -8.67
N ALA A 418 18.09 -2.26 -8.27
CA ALA A 418 17.50 -1.76 -7.02
C ALA A 418 18.33 -2.20 -5.81
N ASP A 419 18.85 -3.42 -5.82
CA ASP A 419 19.71 -3.87 -4.73
C ASP A 419 20.96 -3.00 -4.61
N THR A 420 21.60 -2.71 -5.75
CA THR A 420 22.79 -1.86 -5.72
C THR A 420 22.46 -0.46 -5.22
N ALA A 421 21.33 0.10 -5.66
CA ALA A 421 20.90 1.39 -5.11
C ALA A 421 20.74 1.31 -3.60
N GLU A 422 20.20 0.20 -3.10
CA GLU A 422 20.05 0.05 -1.65
C GLU A 422 21.40 -0.02 -0.96
N LEU A 423 22.36 -0.72 -1.55
CA LEU A 423 23.70 -0.79 -0.96
C LEU A 423 24.34 0.59 -0.89
N VAL A 424 24.27 1.35 -1.99
CA VAL A 424 24.82 2.69 -2.01
C VAL A 424 24.13 3.56 -0.95
N ALA A 425 22.81 3.44 -0.83
CA ALA A 425 22.09 4.22 0.16
C ALA A 425 22.47 3.83 1.58
N SER A 426 22.89 2.58 1.79
CA SER A 426 23.22 2.11 3.13
C SER A 426 24.69 2.29 3.50
N SER A 427 25.58 2.44 2.52
CA SER A 427 27.01 2.46 2.82
C SER A 427 27.79 3.48 2.01
N GLY A 428 27.13 4.40 1.33
CA GLY A 428 27.83 5.34 0.47
C GLY A 428 28.22 6.64 1.12
N GLY A 429 28.01 6.78 2.43
CA GLY A 429 28.35 8.02 3.10
C GLY A 429 27.52 9.21 2.68
N CYS A 430 26.30 8.98 2.17
CA CYS A 430 25.43 10.08 1.78
C CYS A 430 24.58 10.54 2.95
N SER A 431 24.09 11.78 2.86
CA SER A 431 23.22 12.30 3.90
C SER A 431 21.90 11.53 3.93
N ASP A 432 21.15 11.73 5.02
CA ASP A 432 19.90 11.00 5.22
C ASP A 432 18.87 11.37 4.16
N ALA A 433 18.90 12.61 3.68
CA ALA A 433 17.93 13.04 2.67
C ALA A 433 18.21 12.36 1.34
N VAL A 434 19.46 12.39 0.87
CA VAL A 434 19.83 11.70 -0.36
C VAL A 434 19.58 10.21 -0.22
N ALA A 435 19.78 9.64 0.97
CA ALA A 435 19.51 8.22 1.16
C ALA A 435 18.03 7.91 1.01
N ALA A 436 17.17 8.71 1.67
CA ALA A 436 15.73 8.50 1.55
C ALA A 436 15.27 8.65 0.10
N GLU A 437 15.81 9.64 -0.61
CA GLU A 437 15.42 9.84 -2.00
C GLU A 437 15.86 8.66 -2.86
N LEU A 438 17.08 8.18 -2.67
CA LEU A 438 17.55 7.01 -3.41
C LEU A 438 16.65 5.82 -3.16
N ARG A 439 16.33 5.54 -1.89
CA ARG A 439 15.46 4.41 -1.59
C ARG A 439 14.09 4.57 -2.22
N LYS A 440 13.57 5.80 -2.27
CA LYS A 440 12.29 6.06 -2.91
C LYS A 440 12.36 5.73 -4.40
N GLU A 441 13.41 6.20 -5.07
CA GLU A 441 13.55 5.92 -6.50
C GLU A 441 13.72 4.43 -6.77
N ALA A 442 14.37 3.71 -5.85
CA ALA A 442 14.49 2.26 -5.99
C ALA A 442 13.13 1.58 -5.86
N ALA A 443 12.36 1.95 -4.83
CA ALA A 443 11.04 1.36 -4.66
C ALA A 443 10.15 1.64 -5.86
N LYS A 444 10.25 2.86 -6.42
CA LYS A 444 9.53 3.17 -7.65
C LYS A 444 9.99 2.27 -8.80
N LEU A 445 11.31 2.05 -8.91
CA LEU A 445 11.81 1.21 -9.98
C LEU A 445 11.27 -0.22 -9.89
N ARG A 446 11.25 -0.79 -8.69
CA ARG A 446 10.66 -2.12 -8.52
C ARG A 446 9.18 -2.10 -8.90
N ASP A 447 8.45 -1.09 -8.40
CA ASP A 447 7.01 -1.04 -8.64
C ASP A 447 6.69 -0.98 -10.13
N ILE A 448 7.35 -0.08 -10.87
CA ILE A 448 7.11 -0.01 -12.31
C ILE A 448 7.64 -1.24 -13.01
N SER A 449 8.66 -1.89 -12.44
CA SER A 449 9.17 -3.12 -13.03
C SER A 449 8.13 -4.23 -12.98
N THR A 450 7.21 -4.20 -12.01
CA THR A 450 6.17 -5.22 -11.97
C THR A 450 5.27 -5.20 -13.21
N ALA A 451 5.23 -4.09 -13.95
CA ALA A 451 4.32 -3.94 -15.08
C ALA A 451 4.98 -4.20 -16.43
N VAL A 452 6.30 -4.44 -16.46
CA VAL A 452 7.01 -4.56 -17.73
C VAL A 452 6.72 -5.91 -18.39
N VAL A 453 6.86 -7.01 -17.63
CA VAL A 453 6.62 -8.33 -18.21
C VAL A 453 5.18 -8.52 -18.64
N PRO A 454 4.16 -8.10 -17.87
CA PRO A 454 2.78 -8.29 -18.36
C PRO A 454 2.50 -7.60 -19.69
N ALA A 455 2.98 -6.37 -19.88
CA ALA A 455 2.73 -5.66 -21.12
C ALA A 455 3.41 -6.35 -22.30
N ALA A 456 4.70 -6.68 -22.13
CA ALA A 456 5.41 -7.41 -23.18
C ALA A 456 4.77 -8.75 -23.47
N ARG A 457 4.12 -9.36 -22.47
CA ARG A 457 3.43 -10.62 -22.70
C ARG A 457 2.11 -10.40 -23.45
N VAL A 458 1.47 -9.24 -23.25
CA VAL A 458 0.30 -8.92 -24.08
C VAL A 458 0.73 -8.73 -25.53
N VAL A 459 1.85 -8.06 -25.75
CA VAL A 459 2.32 -7.90 -27.13
C VAL A 459 2.69 -9.26 -27.72
N LEU A 460 3.35 -10.11 -26.93
CA LEU A 460 3.80 -11.41 -27.42
C LEU A 460 2.64 -12.24 -27.95
N GLU A 461 1.48 -12.18 -27.30
CA GLU A 461 0.33 -12.98 -27.68
C GLU A 461 -0.71 -12.20 -28.46
N ASN A 462 -0.32 -11.05 -29.03
CA ASN A 462 -1.23 -10.23 -29.85
C ASN A 462 -0.40 -9.46 -30.87
N PRO A 463 0.20 -10.17 -31.84
CA PRO A 463 1.14 -9.50 -32.75
C PRO A 463 0.55 -8.33 -33.53
N GLY A 464 -0.60 -8.52 -34.18
CA GLY A 464 -1.16 -7.46 -35.00
C GLY A 464 -1.91 -6.40 -34.24
N ASN A 465 -1.49 -6.12 -33.01
CA ASN A 465 -2.15 -5.14 -32.16
C ASN A 465 -1.21 -3.95 -31.94
N GLN A 466 -1.54 -2.82 -32.57
CA GLN A 466 -0.69 -1.65 -32.44
C GLN A 466 -0.83 -0.99 -31.07
N ALA A 467 -2.04 -1.01 -30.50
CA ALA A 467 -2.24 -0.39 -29.19
C ALA A 467 -1.39 -1.07 -28.12
N ALA A 468 -1.34 -2.40 -28.12
CA ALA A 468 -0.48 -3.11 -27.17
C ALA A 468 0.98 -2.76 -27.40
N LYS A 469 1.38 -2.59 -28.67
CA LYS A 469 2.76 -2.22 -28.97
C LYS A 469 3.09 -0.85 -28.39
N ASP A 470 2.22 0.13 -28.62
CA ASP A 470 2.48 1.49 -28.11
C ASP A 470 2.47 1.51 -26.59
N TYR A 471 1.59 0.73 -25.97
CA TYR A 471 1.57 0.67 -24.52
C TYR A 471 2.83 0.05 -23.97
N LEU A 472 3.30 -1.04 -24.60
CA LEU A 472 4.57 -1.64 -24.18
C LEU A 472 5.72 -0.66 -24.31
N ARG A 473 5.74 0.11 -25.40
CA ARG A 473 6.80 1.12 -25.55
C ARG A 473 6.69 2.19 -24.47
N THR A 474 5.47 2.60 -24.12
CA THR A 474 5.30 3.61 -23.07
C THR A 474 5.81 3.10 -21.73
N VAL A 475 5.43 1.88 -21.36
CA VAL A 475 5.92 1.31 -20.11
C VAL A 475 7.43 1.18 -20.14
N LYS A 476 7.98 0.81 -21.30
CA LYS A 476 9.43 0.74 -21.44
C LYS A 476 10.09 2.08 -21.15
N GLU A 477 9.49 3.17 -21.66
CA GLU A 477 10.08 4.48 -21.41
C GLU A 477 9.90 4.92 -19.97
N LYS A 478 8.83 4.49 -19.30
CA LYS A 478 8.71 4.77 -17.87
C LYS A 478 9.79 4.05 -17.09
N TRP A 479 10.04 2.78 -17.40
CA TRP A 479 11.10 2.04 -16.72
C TRP A 479 12.46 2.67 -16.98
N LEU A 480 12.71 3.07 -18.23
CA LEU A 480 13.99 3.69 -18.56
C LEU A 480 14.16 5.03 -17.84
N GLU A 481 13.07 5.79 -17.70
CA GLU A 481 13.14 7.06 -17.00
C GLU A 481 13.47 6.85 -15.52
N ALA A 482 12.72 5.99 -14.85
CA ALA A 482 12.99 5.73 -13.43
C ALA A 482 14.38 5.18 -13.22
N ALA A 483 14.80 4.23 -14.07
CA ALA A 483 16.10 3.60 -13.91
C ALA A 483 17.23 4.59 -14.17
N GLU A 484 17.06 5.49 -15.14
CA GLU A 484 18.09 6.47 -15.45
C GLU A 484 18.21 7.52 -14.35
N SER A 485 17.08 7.97 -13.80
CA SER A 485 17.16 8.93 -12.70
C SER A 485 17.78 8.29 -11.45
N MET A 486 17.37 7.06 -11.12
CA MET A 486 18.01 6.34 -10.02
C MET A 486 19.50 6.20 -10.27
N GLY A 487 19.88 5.95 -11.53
CA GLY A 487 21.30 5.89 -11.86
C GLY A 487 22.00 7.21 -11.65
N ARG A 488 21.32 8.33 -11.93
CA ARG A 488 21.92 9.64 -11.67
C ARG A 488 22.15 9.84 -10.18
N SER A 489 21.20 9.43 -9.34
CA SER A 489 21.40 9.56 -7.90
C SER A 489 22.56 8.69 -7.44
N VAL A 490 22.61 7.45 -7.91
CA VAL A 490 23.69 6.54 -7.53
C VAL A 490 25.04 7.13 -7.92
N ASP A 491 25.15 7.64 -9.15
CA ASP A 491 26.39 8.29 -9.56
C ASP A 491 26.68 9.53 -8.73
N GLY A 492 25.64 10.20 -8.23
CA GLY A 492 25.86 11.37 -7.38
C GLY A 492 26.47 11.00 -6.05
N VAL A 493 26.05 9.87 -5.48
CA VAL A 493 26.60 9.46 -4.18
C VAL A 493 28.00 8.85 -4.34
N ILE A 494 28.18 8.01 -5.37
CA ILE A 494 29.41 7.24 -5.51
C ILE A 494 30.61 8.15 -5.68
N ASP A 495 31.74 7.74 -5.09
CA ASP A 495 33.01 8.42 -5.29
C ASP A 495 33.44 8.26 -6.75
N SER A 496 33.52 9.39 -7.45
CA SER A 496 33.69 9.33 -8.91
C SER A 496 35.10 8.92 -9.31
N LEU A 497 36.11 9.34 -8.54
CA LEU A 497 37.49 8.95 -8.84
C LEU A 497 37.65 7.44 -8.78
N GLU A 498 37.02 6.80 -7.81
CA GLU A 498 37.07 5.34 -7.75
C GLU A 498 36.37 4.71 -8.95
N PHE A 499 35.25 5.30 -9.37
CA PHE A 499 34.59 4.80 -10.57
C PHE A 499 35.50 4.92 -11.79
N MET A 500 36.24 6.01 -11.90
CA MET A 500 37.14 6.19 -13.04
C MET A 500 38.32 5.23 -12.98
N LYS A 501 38.81 4.92 -11.78
CA LYS A 501 39.90 3.95 -11.66
C LYS A 501 39.42 2.55 -12.03
N VAL A 502 38.34 2.09 -11.39
CA VAL A 502 37.81 0.76 -11.66
C VAL A 502 37.45 0.62 -13.13
N SER A 503 36.78 1.61 -13.69
CA SER A 503 36.43 1.59 -15.11
C SER A 503 37.68 1.62 -16.00
N GLU A 504 38.73 2.33 -15.57
CA GLU A 504 39.95 2.35 -16.35
C GLU A 504 40.59 0.97 -16.39
N ALA A 505 40.63 0.29 -15.24
CA ALA A 505 41.24 -1.04 -15.20
C ALA A 505 40.42 -2.05 -15.99
N ARG A 506 39.10 -2.08 -15.76
CA ARG A 506 38.25 -3.02 -16.48
C ARG A 506 38.30 -2.77 -17.98
N ILE A 507 38.29 -1.49 -18.39
CA ILE A 507 38.39 -1.17 -19.81
C ILE A 507 39.75 -1.59 -20.36
N GLN A 508 40.81 -1.46 -19.56
CA GLN A 508 42.12 -1.93 -20.00
C GLN A 508 42.12 -3.43 -20.25
N ALA A 509 41.57 -4.21 -19.31
CA ALA A 509 41.53 -5.66 -19.47
C ALA A 509 40.68 -6.07 -20.67
N ASP A 510 39.51 -5.44 -20.83
CA ASP A 510 38.61 -5.82 -21.91
C ASP A 510 39.16 -5.41 -23.27
N VAL A 511 39.82 -4.25 -23.34
CA VAL A 511 40.45 -3.83 -24.59
C VAL A 511 41.63 -4.74 -24.93
N LYS A 512 42.41 -5.14 -23.92
CA LYS A 512 43.48 -6.11 -24.15
C LYS A 512 42.92 -7.41 -24.70
N GLU A 513 41.85 -7.91 -24.09
CA GLU A 513 41.26 -9.17 -24.56
C GLU A 513 40.70 -9.01 -25.97
N ALA A 514 40.14 -7.84 -26.29
CA ALA A 514 39.60 -7.61 -27.63
C ALA A 514 40.71 -7.54 -28.67
N LYS A 515 41.85 -6.93 -28.32
CA LYS A 515 42.99 -6.94 -29.23
C LYS A 515 43.52 -8.35 -29.42
N ARG A 516 43.53 -9.15 -28.36
CA ARG A 516 43.95 -10.54 -28.46
C ARG A 516 43.03 -11.32 -29.40
N ILE A 517 41.72 -11.13 -29.26
CA ILE A 517 40.76 -11.81 -30.13
C ILE A 517 40.87 -11.28 -31.56
N ALA A 518 41.30 -10.03 -31.73
CA ALA A 518 41.41 -9.45 -33.06
C ALA A 518 42.63 -9.96 -33.81
N LEU A 519 43.78 -10.08 -33.12
CA LEU A 519 44.99 -10.54 -33.78
C LEU A 519 44.92 -12.05 -34.07
N ALA A 520 44.81 -12.86 -33.02
CA ALA A 520 44.61 -14.29 -33.18
C ALA A 520 43.15 -14.54 -33.51
N GLU A 521 42.90 -15.18 -34.66
CA GLU A 521 41.54 -15.28 -35.19
C GLU A 521 40.67 -16.23 -34.38
N GLU A 522 40.01 -15.70 -33.35
CA GLU A 522 38.94 -16.38 -32.65
C GLU A 522 37.61 -15.90 -33.21
N ASP A 523 36.51 -16.30 -32.57
CA ASP A 523 35.19 -15.97 -33.08
C ASP A 523 34.96 -14.46 -33.06
N SER A 524 34.46 -13.94 -34.19
CA SER A 524 34.17 -12.51 -34.27
C SER A 524 33.04 -12.10 -33.35
N MET A 525 32.17 -13.03 -32.96
CA MET A 525 31.13 -12.73 -31.98
C MET A 525 31.75 -12.26 -30.66
N LYS A 526 32.84 -12.90 -30.25
CA LYS A 526 33.59 -12.43 -29.09
C LYS A 526 34.11 -11.01 -29.30
N LEU A 527 34.48 -10.67 -30.54
CA LEU A 527 35.05 -9.36 -30.80
C LEU A 527 33.99 -8.27 -30.75
N ILE A 528 32.82 -8.51 -31.36
CA ILE A 528 31.76 -7.50 -31.29
C ILE A 528 31.20 -7.39 -29.88
N ALA A 529 31.10 -8.52 -29.18
CA ALA A 529 30.60 -8.50 -27.81
C ALA A 529 31.55 -7.69 -26.91
N LYS A 530 32.84 -8.04 -26.94
CA LYS A 530 33.81 -7.35 -26.09
C LYS A 530 33.94 -5.88 -26.50
N ALA A 531 33.90 -5.60 -27.80
CA ALA A 531 34.04 -4.23 -28.27
C ALA A 531 32.85 -3.37 -27.83
N SER A 532 31.62 -3.90 -27.98
CA SER A 532 30.46 -3.14 -27.55
C SER A 532 30.42 -2.99 -26.04
N SER A 533 30.90 -3.99 -25.30
CA SER A 533 31.05 -3.84 -23.86
C SER A 533 32.00 -2.70 -23.53
N VAL A 534 33.11 -2.59 -24.25
CA VAL A 534 34.04 -1.49 -24.04
C VAL A 534 33.36 -0.16 -24.35
N ALA A 535 32.56 -0.11 -25.42
CA ALA A 535 31.85 1.12 -25.75
C ALA A 535 30.88 1.51 -24.64
N ARG A 536 30.20 0.53 -24.04
CA ARG A 536 29.26 0.84 -22.97
C ARG A 536 29.99 1.32 -21.71
N GLN A 537 31.13 0.71 -21.38
CA GLN A 537 31.89 1.17 -20.23
C GLN A 537 32.41 2.59 -20.45
N ALA A 538 32.88 2.88 -21.66
CA ALA A 538 33.36 4.23 -21.96
C ALA A 538 32.23 5.25 -21.86
N ASN A 539 31.05 4.92 -22.40
CA ASN A 539 29.93 5.84 -22.31
C ASN A 539 29.47 6.02 -20.87
N ARG A 540 29.60 4.98 -20.03
CA ARG A 540 29.33 5.15 -18.61
CA ARG A 540 29.34 5.14 -18.61
C ARG A 540 30.34 6.10 -17.98
N VAL A 541 31.61 6.04 -18.41
CA VAL A 541 32.59 7.01 -17.95
C VAL A 541 32.15 8.42 -18.37
N ILE A 542 31.61 8.55 -19.58
CA ILE A 542 31.11 9.84 -20.04
C ILE A 542 30.01 10.35 -19.13
N GLN A 543 29.05 9.48 -18.80
CA GLN A 543 27.91 9.90 -17.99
C GLN A 543 28.34 10.30 -16.58
N VAL A 544 29.17 9.48 -15.94
CA VAL A 544 29.64 9.81 -14.61
C VAL A 544 30.43 11.11 -14.63
N ALA A 545 31.22 11.33 -15.68
CA ALA A 545 31.91 12.61 -15.83
C ALA A 545 30.92 13.76 -15.98
N LYS A 546 29.78 13.52 -16.64
CA LYS A 546 28.76 14.55 -16.77
C LYS A 546 28.17 14.91 -15.40
N VAL A 547 27.85 13.90 -14.59
CA VAL A 547 27.32 14.16 -13.26
C VAL A 547 28.36 14.91 -12.42
N GLU A 548 29.63 14.51 -12.50
CA GLU A 548 30.65 15.18 -11.71
C GLU A 548 30.85 16.62 -12.15
N ALA A 549 30.78 16.88 -13.45
CA ALA A 549 30.92 18.25 -13.94
C ALA A 549 29.74 19.11 -13.52
N ASP A 550 28.51 18.56 -13.59
CA ASP A 550 27.34 19.33 -13.17
C ASP A 550 27.41 19.72 -11.70
N ASN A 551 27.97 18.86 -10.86
CA ASN A 551 28.00 19.08 -9.42
C ASN A 551 29.00 20.14 -8.99
N SER A 552 29.83 20.65 -9.90
CA SER A 552 30.86 21.62 -9.56
C SER A 552 30.53 22.98 -10.16
N GLU A 553 30.76 24.03 -9.38
CA GLU A 553 30.65 25.40 -9.86
C GLU A 553 32.00 25.99 -10.23
N ASN A 554 33.03 25.16 -10.35
CA ASN A 554 34.37 25.59 -10.73
C ASN A 554 34.47 25.57 -12.25
N PRO A 555 34.45 26.73 -12.92
CA PRO A 555 34.34 26.75 -14.38
C PRO A 555 35.53 26.12 -15.09
N GLU A 556 36.75 26.33 -14.58
CA GLU A 556 37.93 25.76 -15.23
C GLU A 556 37.93 24.24 -15.18
N PHE A 557 37.58 23.67 -14.03
CA PHE A 557 37.50 22.22 -13.91
C PHE A 557 36.40 21.65 -14.80
N VAL A 558 35.26 22.35 -14.89
CA VAL A 558 34.18 21.89 -15.76
C VAL A 558 34.62 21.95 -17.22
N ALA A 559 35.44 22.95 -17.57
CA ALA A 559 35.92 23.06 -18.95
C ALA A 559 36.90 21.94 -19.27
N LYS A 560 37.86 21.68 -18.38
CA LYS A 560 38.82 20.60 -18.61
C LYS A 560 38.11 19.26 -18.69
N LEU A 561 37.20 18.98 -17.76
CA LEU A 561 36.47 17.72 -17.78
C LEU A 561 35.60 17.60 -19.01
N SER A 562 35.06 18.72 -19.50
CA SER A 562 34.30 18.69 -20.74
C SER A 562 35.18 18.36 -21.93
N SER A 563 36.41 18.89 -21.94
CA SER A 563 37.34 18.56 -23.01
C SER A 563 37.70 17.09 -22.98
N ALA A 564 37.96 16.53 -21.79
CA ALA A 564 38.31 15.12 -21.70
C ALA A 564 37.14 14.23 -22.11
N SER A 565 35.94 14.53 -21.61
CA SER A 565 34.78 13.70 -21.93
C SER A 565 34.42 13.78 -23.41
N GLU A 566 34.47 14.99 -23.98
CA GLU A 566 34.18 15.13 -25.41
C GLU A 566 35.23 14.43 -26.26
N SER A 567 36.51 14.57 -25.90
CA SER A 567 37.57 13.89 -26.64
C SER A 567 37.42 12.38 -26.55
N LEU A 568 36.99 11.87 -25.39
CA LEU A 568 36.76 10.44 -25.27
C LEU A 568 35.57 10.00 -26.11
N ALA A 569 34.48 10.78 -26.09
CA ALA A 569 33.29 10.42 -26.83
C ALA A 569 33.52 10.44 -28.33
N LYS A 570 34.41 11.31 -28.82
CA LYS A 570 34.70 11.36 -30.25
C LYS A 570 35.50 10.15 -30.73
N SER A 571 35.90 9.25 -29.84
CA SER A 571 36.70 8.09 -30.22
C SER A 571 35.94 6.78 -30.11
N ILE A 572 34.74 6.76 -29.54
CA ILE A 572 34.04 5.51 -29.30
C ILE A 572 33.49 4.94 -30.60
N SER A 573 32.72 5.73 -31.35
CA SER A 573 32.11 5.23 -32.58
C SER A 573 33.14 4.72 -33.59
N PRO A 574 34.22 5.44 -33.91
CA PRO A 574 35.20 4.89 -34.87
C PRO A 574 35.76 3.54 -34.43
N MET A 575 35.93 3.32 -33.13
CA MET A 575 36.41 2.04 -32.65
C MET A 575 35.41 0.94 -32.98
N VAL A 576 34.12 1.19 -32.78
CA VAL A 576 33.10 0.18 -33.05
C VAL A 576 33.01 -0.11 -34.54
N ILE A 577 33.04 0.94 -35.37
CA ILE A 577 32.95 0.69 -36.81
C ILE A 577 34.19 -0.02 -37.33
N GLU A 578 35.35 0.21 -36.70
CA GLU A 578 36.53 -0.55 -37.07
C GLU A 578 36.41 -2.00 -36.64
N ALA A 579 35.81 -2.26 -35.47
CA ALA A 579 35.57 -3.63 -35.04
C ALA A 579 34.67 -4.36 -36.03
N LYS A 580 33.56 -3.72 -36.43
CA LYS A 580 32.70 -4.31 -37.45
C LYS A 580 33.46 -4.52 -38.75
N ALA A 581 34.35 -3.60 -39.10
CA ALA A 581 35.21 -3.82 -40.26
C ALA A 581 36.09 -5.04 -40.09
N VAL A 582 36.46 -5.38 -38.85
CA VAL A 582 37.20 -6.62 -38.62
C VAL A 582 36.30 -7.83 -38.83
N VAL A 583 35.04 -7.75 -38.37
CA VAL A 583 34.13 -8.87 -38.61
C VAL A 583 33.83 -9.03 -40.09
N THR A 584 34.00 -7.97 -40.88
CA THR A 584 33.80 -8.09 -42.32
C THR A 584 34.96 -8.83 -42.98
N SER A 585 36.20 -8.42 -42.66
CA SER A 585 37.42 -9.04 -43.18
C SER A 585 38.27 -9.48 -41.99
N PRO A 586 38.00 -10.66 -41.42
CA PRO A 586 38.77 -11.10 -40.24
C PRO A 586 40.24 -11.41 -40.55
N GLN A 587 40.61 -11.55 -41.82
CA GLN A 587 41.98 -11.92 -42.16
C GLN A 587 42.87 -10.71 -42.41
N ASN A 588 42.29 -9.55 -42.72
CA ASN A 588 43.08 -8.36 -43.00
C ASN A 588 43.80 -7.89 -41.74
N LYS A 589 45.14 -7.89 -41.80
CA LYS A 589 45.92 -7.43 -40.66
C LYS A 589 45.83 -5.91 -40.51
N ASP A 590 45.66 -5.19 -41.62
CA ASP A 590 45.58 -3.73 -41.57
C ASP A 590 44.34 -3.27 -40.79
N ILE A 591 43.19 -3.85 -41.09
CA ILE A 591 41.97 -3.52 -40.35
C ILE A 591 42.13 -3.85 -38.87
N GLN A 592 42.83 -4.93 -38.57
CA GLN A 592 43.14 -5.26 -37.18
C GLN A 592 43.98 -4.16 -36.53
N ARG A 593 44.96 -3.63 -37.26
CA ARG A 593 45.77 -2.54 -36.72
C ARG A 593 44.92 -1.30 -36.46
N LYS A 594 44.04 -0.97 -37.40
CA LYS A 594 43.14 0.18 -37.22
C LYS A 594 42.29 0.01 -35.97
N PHE A 595 41.68 -1.17 -35.81
CA PHE A 595 40.84 -1.41 -34.63
C PHE A 595 41.65 -1.33 -33.34
N CYS A 596 42.84 -1.91 -33.32
CA CYS A 596 43.67 -1.86 -32.12
C CYS A 596 44.02 -0.43 -31.76
N SER A 597 44.39 0.39 -32.76
CA SER A 597 44.70 1.78 -32.48
C SER A 597 43.48 2.54 -31.98
N SER A 598 42.29 2.23 -32.51
CA SER A 598 41.07 2.91 -32.07
C SER A 598 40.74 2.56 -30.63
N ALA A 599 40.83 1.27 -30.27
CA ALA A 599 40.58 0.86 -28.90
C ALA A 599 41.59 1.48 -27.94
N ASP A 600 42.87 1.50 -28.33
CA ASP A 600 43.87 2.21 -27.54
C ASP A 600 43.52 3.68 -27.38
N LYS A 601 42.92 4.29 -28.40
CA LYS A 601 42.49 5.68 -28.28
C LYS A 601 41.38 5.81 -27.23
N VAL A 602 40.47 4.85 -27.19
CA VAL A 602 39.45 4.83 -26.14
C VAL A 602 40.11 4.78 -24.76
N VAL A 603 41.02 3.83 -24.57
CA VAL A 603 41.72 3.71 -23.29
C VAL A 603 42.37 5.03 -22.91
N GLU A 604 43.02 5.69 -23.87
CA GLU A 604 43.67 6.96 -23.59
C GLU A 604 42.67 8.03 -23.17
N GLY A 605 41.50 8.07 -23.81
CA GLY A 605 40.48 9.04 -23.41
C GLY A 605 39.99 8.81 -22.00
N VAL A 606 39.71 7.55 -21.64
CA VAL A 606 39.31 7.24 -20.27
C VAL A 606 40.39 7.67 -19.30
N ALA A 607 41.66 7.39 -19.63
CA ALA A 607 42.75 7.85 -18.79
C ALA A 607 42.76 9.38 -18.65
N ALA A 608 42.37 10.09 -19.70
CA ALA A 608 42.32 11.55 -19.62
C ALA A 608 41.26 12.02 -18.64
N VAL A 609 40.04 11.45 -18.74
CA VAL A 609 38.99 11.83 -17.80
C VAL A 609 39.41 11.52 -16.37
N ARG A 610 39.96 10.31 -16.16
CA ARG A 610 40.47 9.93 -14.85
C ARG A 610 41.54 10.91 -14.37
N SER A 611 42.34 11.45 -15.29
CA SER A 611 43.38 12.39 -14.90
C SER A 611 42.79 13.73 -14.47
N VAL A 612 41.75 14.19 -15.15
CA VAL A 612 41.12 15.45 -14.76
C VAL A 612 40.49 15.32 -13.38
N ILE A 613 39.70 14.25 -13.17
CA ILE A 613 39.08 14.04 -11.87
C ILE A 613 40.14 13.85 -10.80
N GLU A 614 41.23 13.14 -11.15
CA GLU A 614 42.30 12.88 -10.19
C GLU A 614 42.99 14.16 -9.77
N ASP A 615 43.25 15.05 -10.72
CA ASP A 615 43.91 16.32 -10.42
C ASP A 615 42.99 17.31 -9.73
N ASN A 616 41.67 17.12 -9.81
CA ASN A 616 40.76 17.94 -9.02
C ASN A 616 40.45 17.35 -7.65
N TRP A 617 41.06 16.22 -7.30
CA TRP A 617 40.71 15.53 -6.06
C TRP A 617 41.30 16.28 -4.85
N VAL A 618 40.51 16.35 -3.79
CA VAL A 618 40.89 16.99 -2.54
C VAL A 618 40.56 16.03 -1.41
N PRO A 619 41.42 15.88 -0.41
CA PRO A 619 41.09 15.03 0.75
C PRO A 619 39.79 15.48 1.38
N PRO A 620 38.84 14.54 1.59
CA PRO A 620 37.51 14.91 2.09
C PRO A 620 37.56 15.64 3.43
N ARG A 621 37.81 14.88 4.50
CA ARG A 621 37.86 15.44 5.83
C ARG A 621 39.22 16.10 6.06
N PRO A 622 39.37 16.86 7.15
CA PRO A 622 40.70 17.36 7.50
C PRO A 622 41.67 16.20 7.71
N PRO A 623 42.96 16.44 7.51
CA PRO A 623 43.93 15.33 7.58
C PRO A 623 44.14 14.83 9.01
N LEU A 624 45.02 13.85 9.16
CA LEU A 624 45.36 13.28 10.46
C LEU A 624 46.56 13.99 11.05
N PRO A 625 46.75 13.91 12.36
CA PRO A 625 48.02 14.29 12.97
C PRO A 625 49.04 13.16 12.78
N GLU A 626 50.22 13.36 13.35
CA GLU A 626 51.28 12.34 13.26
C GLU A 626 52.00 12.10 14.57
N LEU A 627 51.87 12.97 15.57
CA LEU A 627 52.56 12.79 16.84
C LEU A 627 51.96 11.63 17.63
N LEU A 647 32.06 36.58 29.85
CA LEU A 647 30.67 36.26 29.55
C LEU A 647 29.71 36.89 30.57
N PRO A 648 28.53 37.28 30.11
CA PRO A 648 27.51 37.76 31.06
C PRO A 648 27.09 36.66 32.01
N ALA A 649 26.45 37.07 33.12
CA ALA A 649 26.06 36.11 34.15
C ALA A 649 25.13 35.03 33.60
N GLU A 650 24.27 35.40 32.65
CA GLU A 650 23.32 34.43 32.08
C GLU A 650 24.06 33.34 31.31
N MET A 651 24.89 33.74 30.35
CA MET A 651 25.63 32.76 29.56
C MET A 651 26.68 32.04 30.38
N GLN A 652 27.19 32.68 31.44
CA GLN A 652 28.14 32.02 32.33
C GLN A 652 27.46 30.90 33.12
N GLU A 653 26.29 31.20 33.70
CA GLU A 653 25.52 30.16 34.38
C GLU A 653 25.14 29.04 33.43
N ALA A 654 24.80 29.39 32.18
CA ALA A 654 24.51 28.36 31.18
C ALA A 654 25.74 27.53 30.85
N GLU A 655 26.93 28.14 30.86
CA GLU A 655 28.16 27.38 30.67
C GLU A 655 28.36 26.39 31.80
N GLU A 656 28.20 26.85 33.05
CA GLU A 656 28.34 25.94 34.18
C GLU A 656 27.31 24.81 34.12
N MET A 657 26.09 25.12 33.66
CA MET A 657 25.08 24.08 33.53
C MET A 657 25.47 23.05 32.46
N LEU A 658 25.93 23.54 31.30
CA LEU A 658 26.23 22.64 30.19
C LEU A 658 27.53 21.87 30.38
N ARG A 659 28.40 22.32 31.29
CA ARG A 659 29.60 21.56 31.61
C ARG A 659 29.46 20.75 32.90
N ALA A 660 28.42 20.97 33.67
CA ALA A 660 28.08 20.11 34.80
C ALA A 660 27.45 18.82 34.28
N PRO A 661 27.35 17.80 35.12
CA PRO A 661 26.69 16.57 34.70
C PRO A 661 25.26 16.82 34.23
N LEU A 662 24.78 15.94 33.36
CA LEU A 662 23.48 16.13 32.75
C LEU A 662 22.37 16.01 33.79
N PRO A 663 21.31 16.80 33.68
CA PRO A 663 20.14 16.60 34.52
C PRO A 663 19.48 15.27 34.20
N PRO A 664 18.60 14.78 35.07
CA PRO A 664 17.85 13.56 34.74
C PRO A 664 17.09 13.73 33.43
N LYS A 665 17.13 12.68 32.60
CA LYS A 665 16.60 12.77 31.24
C LYS A 665 15.11 13.12 31.24
N ASP A 666 14.36 12.59 32.20
CA ASP A 666 12.91 12.82 32.22
C ASP A 666 12.54 14.26 32.53
N GLN A 667 13.43 15.02 33.16
CA GLN A 667 13.07 16.33 33.70
C GLN A 667 13.47 17.50 32.81
N ASN A 668 14.51 17.37 32.00
CA ASN A 668 15.03 18.48 31.20
C ASN A 668 15.37 18.02 29.79
N PRO A 669 14.35 17.75 28.97
CA PRO A 669 14.64 17.38 27.56
C PRO A 669 15.30 18.49 26.78
N ILE A 670 14.82 19.74 26.95
CA ILE A 670 15.42 20.87 26.27
C ILE A 670 16.89 21.00 26.63
N HIS A 671 17.22 20.81 27.92
CA HIS A 671 18.60 20.90 28.36
C HIS A 671 19.45 19.80 27.72
N HIS A 672 18.89 18.61 27.56
CA HIS A 672 19.63 17.53 26.91
C HIS A 672 19.92 17.86 25.45
N ALA A 673 18.92 18.38 24.72
CA ALA A 673 19.15 18.75 23.32
C ALA A 673 20.20 19.85 23.21
N ALA A 674 20.07 20.88 24.06
CA ALA A 674 21.07 21.95 24.09
C ALA A 674 22.46 21.40 24.44
N ALA A 675 22.53 20.35 25.26
CA ALA A 675 23.80 19.75 25.61
C ALA A 675 24.39 18.96 24.46
N SER A 676 23.56 18.31 23.65
CA SER A 676 24.07 17.65 22.46
C SER A 676 24.61 18.66 21.47
N VAL A 677 23.94 19.80 21.32
CA VAL A 677 24.45 20.83 20.42
C VAL A 677 25.75 21.42 20.95
N PHE A 678 25.75 21.83 22.23
CA PHE A 678 26.95 22.39 22.84
C PHE A 678 28.12 21.43 22.75
N ARG A 679 27.86 20.13 22.92
CA ARG A 679 28.93 19.15 22.84
C ARG A 679 29.39 18.94 21.40
N GLU A 680 28.48 19.05 20.43
CA GLU A 680 28.89 18.95 19.04
C GLU A 680 29.81 20.12 18.67
N ALA A 681 29.48 21.33 19.11
CA ALA A 681 30.30 22.48 18.78
C ALA A 681 31.52 22.63 19.67
N ASP A 682 31.57 21.93 20.81
CA ASP A 682 32.64 22.15 21.78
C ASP A 682 33.96 21.53 21.34
N GLN A 683 33.91 20.49 20.51
CA GLN A 683 35.14 19.84 20.04
C GLN A 683 35.93 20.71 19.07
N TRP A 684 35.38 21.83 18.63
CA TRP A 684 36.06 22.78 17.76
C TRP A 684 36.46 24.02 18.56
N ASP A 685 37.65 24.54 18.27
CA ASP A 685 38.07 25.81 18.85
C ASP A 685 37.36 26.96 18.14
N GLU A 686 37.18 28.06 18.88
CA GLU A 686 36.35 29.16 18.38
C GLU A 686 37.08 30.16 17.51
N LYS A 687 38.39 30.33 17.72
CA LYS A 687 39.12 31.39 17.01
C LYS A 687 39.12 31.13 15.51
N GLY A 688 38.77 32.16 14.75
CA GLY A 688 38.65 32.03 13.31
C GLY A 688 37.40 31.34 12.83
N ASN A 689 36.39 31.20 13.70
CA ASN A 689 35.18 30.46 13.34
C ASN A 689 34.02 31.05 14.16
N ASP A 690 33.25 31.94 13.53
CA ASP A 690 32.12 32.55 14.20
C ASP A 690 30.91 31.61 14.29
N LEU A 691 30.83 30.62 13.40
CA LEU A 691 29.71 29.69 13.43
C LEU A 691 29.68 28.91 14.75
N ILE A 692 30.84 28.40 15.17
CA ILE A 692 30.92 27.68 16.44
C ILE A 692 30.52 28.60 17.60
N SER A 693 30.89 29.87 17.51
CA SER A 693 30.53 30.83 18.55
C SER A 693 29.01 31.00 18.63
N LEU A 694 28.37 31.25 17.48
CA LEU A 694 26.93 31.41 17.46
C LEU A 694 26.23 30.17 17.97
N VAL A 695 26.73 28.98 17.61
CA VAL A 695 26.08 27.75 18.00
C VAL A 695 26.23 27.50 19.49
N LYS A 696 27.41 27.74 20.05
CA LYS A 696 27.60 27.59 21.49
C LYS A 696 26.71 28.56 22.26
N GLN A 697 26.68 29.82 21.83
CA GLN A 697 25.80 30.79 22.47
C GLN A 697 24.34 30.34 22.40
N MET A 698 23.92 29.80 21.25
CA MET A 698 22.55 29.32 21.12
C MET A 698 22.28 28.15 22.05
N ALA A 699 23.26 27.28 22.25
CA ALA A 699 23.10 26.18 23.20
C ALA A 699 22.92 26.71 24.62
N ARG A 700 23.77 27.66 25.03
CA ARG A 700 23.64 28.27 26.34
C ARG A 700 22.24 28.85 26.53
N LYS A 701 21.79 29.66 25.56
CA LYS A 701 20.46 30.27 25.64
C LYS A 701 19.37 29.20 25.74
N MET A 702 19.51 28.11 24.99
CA MET A 702 18.48 27.07 25.03
C MET A 702 18.44 26.37 26.38
N ALA A 703 19.62 26.19 27.00
CA ALA A 703 19.64 25.65 28.36
C ALA A 703 18.96 26.59 29.34
N MET A 704 19.19 27.90 29.19
CA MET A 704 18.48 28.87 30.01
C MET A 704 16.97 28.76 29.81
N MET A 705 16.53 28.56 28.57
CA MET A 705 15.11 28.37 28.32
C MET A 705 14.59 27.14 29.06
N SER A 706 15.33 26.03 28.99
CA SER A 706 14.94 24.85 29.75
C SER A 706 14.73 25.18 31.22
N LYS A 707 15.69 25.88 31.81
CA LYS A 707 15.56 26.28 33.22
C LYS A 707 14.33 27.13 33.45
N TYR A 708 13.99 28.00 32.49
CA TYR A 708 12.87 28.91 32.68
C TYR A 708 11.52 28.21 32.52
N THR A 709 11.42 27.22 31.64
CA THR A 709 10.18 26.46 31.56
C THR A 709 10.03 25.52 32.75
N ARG A 710 11.15 25.08 33.34
CA ARG A 710 11.06 24.21 34.51
C ARG A 710 10.52 24.93 35.74
N GLY A 711 10.56 26.26 35.76
CA GLY A 711 10.11 27.01 36.91
C GLY A 711 8.63 26.87 37.21
N GLU A 712 8.30 26.30 38.36
CA GLU A 712 6.90 26.10 38.78
C GLU A 712 6.82 26.35 40.29
N SER A 713 6.50 27.59 40.66
CA SER A 713 6.29 27.94 42.06
C SER A 713 5.59 29.30 42.15
N ARG A 717 9.50 36.95 37.43
CA ARG A 717 9.08 35.55 37.27
C ARG A 717 9.77 34.91 36.07
N SER A 718 9.54 33.61 35.89
CA SER A 718 10.17 32.86 34.81
C SER A 718 9.51 33.11 33.45
N LYS A 719 8.35 33.76 33.42
CA LYS A 719 7.63 33.94 32.17
C LYS A 719 8.35 34.92 31.25
N ALA A 720 8.71 36.09 31.78
CA ALA A 720 9.42 37.09 30.97
C ALA A 720 10.77 36.55 30.52
N ASP A 721 11.47 35.82 31.39
CA ASP A 721 12.74 35.21 31.01
C ASP A 721 12.53 34.18 29.91
N LEU A 722 11.41 33.45 29.95
CA LEU A 722 11.13 32.47 28.92
C LEU A 722 10.88 33.14 27.57
N ILE A 723 10.04 34.18 27.55
CA ILE A 723 9.70 34.84 26.30
C ILE A 723 10.94 35.53 25.72
N ARG A 724 11.62 36.33 26.55
CA ARG A 724 12.83 37.02 26.10
C ARG A 724 13.88 36.03 25.62
N MET A 725 14.04 34.91 26.34
CA MET A 725 15.02 33.91 25.92
C MET A 725 14.64 33.31 24.57
N ALA A 726 13.35 33.07 24.34
CA ALA A 726 12.91 32.56 23.05
C ALA A 726 13.23 33.54 21.93
N LYS A 727 12.98 34.83 22.17
CA LYS A 727 13.29 35.83 21.15
C LYS A 727 14.79 35.91 20.87
N GLU A 728 15.60 35.79 21.93
CA GLU A 728 17.05 35.80 21.74
C GLU A 728 17.52 34.60 20.94
N ILE A 729 16.94 33.42 21.21
CA ILE A 729 17.28 32.23 20.43
C ILE A 729 16.86 32.41 18.98
N ALA A 730 15.72 33.08 18.75
CA ALA A 730 15.25 33.32 17.39
C ALA A 730 16.23 34.22 16.64
N LEU A 731 16.68 35.30 17.28
CA LEU A 731 17.64 36.20 16.63
C LEU A 731 18.96 35.48 16.36
N ASN A 732 19.42 34.66 17.32
CA ASN A 732 20.62 33.85 17.09
C ASN A 732 20.44 32.92 15.90
N ALA A 733 19.24 32.33 15.75
CA ALA A 733 18.98 31.49 14.59
C ALA A 733 19.00 32.28 13.30
N GLN A 734 18.53 33.53 13.34
CA GLN A 734 18.63 34.39 12.16
C GLN A 734 20.09 34.59 11.75
N GLU A 735 20.93 34.99 12.72
CA GLU A 735 22.33 35.21 12.40
C GLU A 735 23.01 33.93 11.91
N LEU A 736 22.65 32.79 12.52
CA LEU A 736 23.19 31.51 12.06
C LEU A 736 22.80 31.22 10.63
N LEU A 737 21.54 31.52 10.27
CA LEU A 737 21.11 31.31 8.89
C LEU A 737 21.86 32.22 7.93
N LYS A 738 22.13 33.47 8.35
CA LYS A 738 22.89 34.37 7.49
C LYS A 738 24.31 33.85 7.25
N LEU A 739 25.02 33.51 8.32
CA LEU A 739 26.41 33.07 8.18
C LEU A 739 26.49 31.75 7.41
N ALA A 740 25.69 30.76 7.82
CA ALA A 740 25.72 29.47 7.13
C ALA A 740 25.30 29.61 5.67
N ARG A 741 24.43 30.58 5.37
CA ARG A 741 24.10 30.86 3.98
C ARG A 741 25.31 31.45 3.24
N GLN A 742 26.09 32.29 3.92
CA GLN A 742 27.33 32.78 3.32
C GLN A 742 28.31 31.64 3.05
N ILE A 743 28.29 30.61 3.90
CA ILE A 743 29.15 29.45 3.66
C ILE A 743 28.64 28.64 2.49
N ALA A 744 27.32 28.43 2.40
CA ALA A 744 26.77 27.67 1.28
C ALA A 744 26.97 28.39 -0.05
N ASN A 745 26.97 29.72 -0.03
CA ASN A 745 27.09 30.46 -1.29
C ASN A 745 28.47 30.30 -1.90
N ALA A 746 29.52 30.34 -1.09
CA ALA A 746 30.89 30.23 -1.57
C ALA A 746 31.35 28.79 -1.74
N CYS A 747 30.43 27.83 -1.63
CA CYS A 747 30.77 26.42 -1.79
C CYS A 747 30.61 26.02 -3.25
N MET A 748 31.60 25.28 -3.77
CA MET A 748 31.61 24.84 -5.16
C MET A 748 31.21 23.38 -5.31
N ASP A 749 30.66 22.77 -4.27
CA ASP A 749 30.21 21.39 -4.29
C ASP A 749 28.70 21.40 -4.11
N LYS A 750 27.97 21.23 -5.22
CA LYS A 750 26.51 21.39 -5.18
C LYS A 750 25.86 20.32 -4.29
N ARG A 751 26.51 19.18 -4.11
CA ARG A 751 25.99 18.16 -3.20
C ARG A 751 25.98 18.67 -1.77
N ALA A 752 27.13 19.13 -1.27
CA ALA A 752 27.20 19.66 0.08
C ALA A 752 26.45 20.97 0.20
N LYS A 753 26.50 21.79 -0.85
CA LYS A 753 25.72 23.04 -0.90
C LYS A 753 24.24 22.76 -0.64
N THR A 754 23.67 21.85 -1.44
CA THR A 754 22.28 21.44 -1.24
C THR A 754 22.07 20.85 0.15
N ASN A 755 23.02 20.04 0.63
CA ASN A 755 22.90 19.44 1.96
C ASN A 755 22.73 20.51 3.03
N LEU A 756 23.48 21.62 2.91
CA LEU A 756 23.38 22.68 3.92
C LEU A 756 22.12 23.53 3.73
N LEU A 757 21.73 23.79 2.48
CA LEU A 757 20.56 24.63 2.25
C LEU A 757 19.28 23.93 2.67
N GLN A 758 19.19 22.61 2.46
CA GLN A 758 18.02 21.87 2.91
C GLN A 758 17.80 22.04 4.41
N LEU A 759 18.88 22.11 5.18
CA LEU A 759 18.76 22.31 6.62
C LEU A 759 18.47 23.77 6.95
N LEU A 760 19.06 24.71 6.22
CA LEU A 760 18.83 26.11 6.50
C LEU A 760 17.41 26.57 6.16
N ASP A 761 16.73 25.89 5.23
CA ASP A 761 15.45 26.40 4.73
C ASP A 761 14.31 26.27 5.73
N ARG A 762 14.42 25.37 6.72
CA ARG A 762 13.35 25.18 7.69
C ARG A 762 13.61 25.88 9.02
N ILE A 763 14.76 26.52 9.19
CA ILE A 763 15.07 27.20 10.46
C ILE A 763 14.11 28.34 10.75
N PRO A 764 13.80 29.26 9.80
CA PRO A 764 12.95 30.40 10.18
C PRO A 764 11.59 30.02 10.73
N THR A 765 10.91 29.06 10.11
CA THR A 765 9.62 28.62 10.64
C THR A 765 9.77 27.98 12.01
N ILE A 766 10.88 27.25 12.23
CA ILE A 766 11.14 26.69 13.55
C ILE A 766 11.24 27.79 14.59
N SER A 767 11.97 28.87 14.27
CA SER A 767 12.16 29.93 15.25
C SER A 767 10.88 30.72 15.50
N THR A 768 10.10 30.95 14.44
CA THR A 768 8.80 31.61 14.60
C THR A 768 7.88 30.79 15.50
N GLN A 769 7.75 29.49 15.18
CA GLN A 769 6.98 28.60 16.05
C GLN A 769 7.56 28.57 17.45
N LEU A 770 8.87 28.73 17.59
CA LEU A 770 9.48 28.73 18.92
C LEU A 770 9.00 29.93 19.73
N LYS A 771 9.01 31.12 19.13
CA LYS A 771 8.54 32.30 19.86
C LYS A 771 7.07 32.19 20.21
N ILE A 772 6.25 31.72 19.26
CA ILE A 772 4.82 31.59 19.54
C ILE A 772 4.58 30.59 20.67
N LEU A 773 5.21 29.42 20.59
CA LEU A 773 4.95 28.36 21.55
C LEU A 773 5.51 28.71 22.93
N ALA A 774 6.63 29.43 22.98
CA ALA A 774 7.13 29.90 24.27
C ALA A 774 6.21 30.95 24.87
N THR A 775 5.65 31.83 24.03
CA THR A 775 4.68 32.79 24.53
C THR A 775 3.43 32.10 25.07
N VAL A 776 3.01 31.00 24.41
CA VAL A 776 1.86 30.25 24.90
C VAL A 776 2.18 29.55 26.20
N LYS A 777 3.38 28.97 26.30
CA LYS A 777 3.79 28.27 27.53
C LYS A 777 3.90 29.23 28.70
N ALA A 778 4.41 30.44 28.45
CA ALA A 778 4.58 31.41 29.53
C ALA A 778 3.24 31.84 30.13
N THR A 779 2.19 31.88 29.31
CA THR A 779 0.88 32.32 29.77
C THR A 779 0.04 31.19 30.35
N SER A 780 0.62 29.99 30.49
CA SER A 780 -0.07 28.85 31.05
C SER A 780 0.59 28.26 32.28
N MET A 781 1.92 28.29 32.36
CA MET A 781 2.61 27.78 33.54
C MET A 781 2.37 28.71 34.72
N GLY A 782 2.40 28.14 35.92
CA GLY A 782 2.12 28.89 37.12
C GLY A 782 0.63 29.05 37.37
N GLY A 783 -0.06 27.93 37.56
CA GLY A 783 -1.48 27.93 37.83
C GLY A 783 -2.32 27.82 36.57
N GLY A 784 -3.62 27.65 36.77
CA GLY A 784 -4.56 27.58 35.67
C GLY A 784 -4.86 26.17 35.22
N ASP A 785 -4.95 25.96 33.91
CA ASP A 785 -5.28 24.66 33.35
C ASP A 785 -4.05 23.75 33.36
N ALA A 786 -4.30 22.47 33.57
CA ALA A 786 -3.24 21.47 33.53
C ALA A 786 -3.05 20.88 32.13
N ARG A 787 -4.16 20.64 31.43
CA ARG A 787 -4.06 20.16 30.05
C ARG A 787 -3.36 21.17 29.16
N ALA A 788 -3.70 22.46 29.31
CA ALA A 788 -3.07 23.50 28.51
C ALA A 788 -1.58 23.58 28.79
N ASP A 789 -1.18 23.45 30.05
CA ASP A 789 0.24 23.47 30.38
C ASP A 789 0.96 22.24 29.87
N ALA A 790 0.29 21.09 29.88
CA ALA A 790 0.90 19.86 29.38
C ALA A 790 1.15 19.95 27.88
N ASP A 791 0.11 20.29 27.12
CA ASP A 791 0.26 20.38 25.67
C ASP A 791 1.22 21.50 25.28
N ALA A 792 1.15 22.64 25.98
CA ALA A 792 2.08 23.73 25.71
C ALA A 792 3.52 23.30 25.95
N THR A 793 3.75 22.58 27.07
CA THR A 793 5.08 22.07 27.36
C THR A 793 5.56 21.12 26.26
N ASP A 794 4.72 20.15 25.89
CA ASP A 794 5.14 19.13 24.93
C ASP A 794 5.42 19.75 23.56
N MET A 795 4.60 20.70 23.13
CA MET A 795 4.85 21.36 21.85
C MET A 795 6.13 22.20 21.90
N LEU A 796 6.35 22.92 23.01
CA LEU A 796 7.56 23.70 23.13
C LEU A 796 8.80 22.82 23.08
N VAL A 797 8.80 21.72 23.84
CA VAL A 797 9.98 20.87 23.88
C VAL A 797 10.19 20.16 22.55
N GLY A 798 9.11 19.78 21.86
CA GLY A 798 9.27 19.20 20.54
C GLY A 798 9.90 20.18 19.57
N ASN A 799 9.39 21.41 19.54
CA ASN A 799 9.94 22.44 18.68
C ASN A 799 11.42 22.69 18.99
N ALA A 800 11.75 22.81 20.27
CA ALA A 800 13.13 23.12 20.66
C ALA A 800 14.07 21.97 20.32
N GLU A 801 13.64 20.73 20.56
CA GLU A 801 14.43 19.58 20.16
C GLU A 801 14.69 19.59 18.65
N ASN A 802 13.64 19.83 17.86
CA ASN A 802 13.82 19.90 16.41
C ASN A 802 14.81 21.00 16.02
N LEU A 803 14.73 22.16 16.68
CA LEU A 803 15.68 23.24 16.39
C LEU A 803 17.10 22.82 16.71
N MET A 804 17.31 22.15 17.85
CA MET A 804 18.68 21.75 18.20
C MET A 804 19.22 20.70 17.24
N ARG A 805 18.41 19.71 16.88
CA ARG A 805 18.84 18.74 15.86
C ARG A 805 19.24 19.45 14.57
N THR A 806 18.41 20.41 14.15
CA THR A 806 18.71 21.14 12.92
C THR A 806 20.03 21.91 13.03
N VAL A 807 20.26 22.58 14.16
CA VAL A 807 21.50 23.35 14.32
C VAL A 807 22.72 22.44 14.31
N LYS A 808 22.62 21.29 14.97
CA LYS A 808 23.73 20.33 14.99
C LYS A 808 24.05 19.85 13.57
N ASP A 809 23.03 19.38 12.85
CA ASP A 809 23.25 18.97 11.47
C ASP A 809 23.76 20.12 10.61
N VAL A 810 23.46 21.36 10.99
CA VAL A 810 24.01 22.51 10.28
C VAL A 810 25.50 22.68 10.60
N ILE A 811 25.92 22.35 11.81
CA ILE A 811 27.35 22.33 12.12
C ILE A 811 28.06 21.35 11.19
N ARG A 812 27.60 20.11 11.17
CA ARG A 812 28.29 19.10 10.36
C ARG A 812 28.23 19.45 8.87
N ALA A 813 27.06 19.89 8.39
CA ALA A 813 26.93 20.23 6.97
C ALA A 813 27.76 21.44 6.60
N SER A 814 27.98 22.36 7.54
CA SER A 814 28.83 23.51 7.27
C SER A 814 30.30 23.10 7.19
N GLU A 815 30.73 22.23 8.12
CA GLU A 815 32.07 21.69 8.04
C GLU A 815 32.28 20.95 6.71
N ALA A 816 31.25 20.26 6.23
CA ALA A 816 31.36 19.58 4.95
C ALA A 816 31.39 20.59 3.79
N ALA A 817 30.67 21.70 3.93
CA ALA A 817 30.66 22.70 2.86
C ALA A 817 31.96 23.49 2.80
N CYS A 818 32.71 23.56 3.89
CA CYS A 818 33.98 24.28 3.91
C CYS A 818 35.14 23.49 3.33
N ILE A 819 34.87 22.41 2.58
CA ILE A 819 35.93 21.60 2.02
C ILE A 819 36.38 22.12 0.66
N ARG A 820 35.43 22.52 -0.19
CA ARG A 820 35.73 23.06 -1.53
C ARG A 820 35.16 24.47 -1.61
N LEU A 821 35.88 25.41 -1.00
CA LEU A 821 35.51 26.82 -1.04
C LEU A 821 36.29 27.53 -2.14
N ARG A 822 35.72 28.62 -2.62
CA ARG A 822 36.41 29.46 -3.59
C ARG A 822 37.64 30.08 -2.93
N PRO A 823 38.77 30.19 -3.65
CA PRO A 823 40.00 30.67 -3.02
C PRO A 823 39.98 32.14 -2.62
N ASP A 824 39.00 32.91 -3.09
CA ASP A 824 38.96 34.35 -2.85
C ASP A 824 37.95 34.78 -1.80
N SER A 825 36.88 34.02 -1.60
CA SER A 825 35.84 34.44 -0.68
C SER A 825 36.39 34.54 0.75
N PRO A 826 35.87 35.46 1.56
CA PRO A 826 36.35 35.56 2.95
C PRO A 826 36.09 34.31 3.75
N ILE A 827 35.12 33.49 3.34
CA ILE A 827 34.69 32.30 4.06
C ILE A 827 35.86 31.33 4.07
N ALA A 828 36.75 31.48 3.09
CA ALA A 828 37.92 30.62 3.00
C ALA A 828 38.80 30.74 4.23
N SER A 829 38.76 31.88 4.92
CA SER A 829 39.57 32.10 6.12
C SER A 829 38.96 31.48 7.37
N ILE A 830 37.87 30.71 7.24
CA ILE A 830 37.28 30.08 8.41
C ILE A 830 38.16 28.91 8.86
N LEU A 831 38.19 28.67 10.17
CA LEU A 831 39.07 27.69 10.78
C LEU A 831 38.25 26.49 11.24
N TRP A 832 38.49 25.34 10.62
CA TRP A 832 37.86 24.10 11.06
C TRP A 832 38.91 23.14 11.62
N ARG A 833 39.58 23.55 12.69
CA ARG A 833 40.59 22.75 13.35
C ARG A 833 40.01 22.23 14.66
N LYS A 834 40.17 20.92 14.89
CA LYS A 834 39.69 20.32 16.13
C LYS A 834 40.39 20.94 17.33
N LYS A 835 39.67 21.04 18.44
CA LYS A 835 40.20 21.68 19.64
C LYS A 835 41.38 20.88 20.20
N GLY A 836 42.18 21.57 21.01
CA GLY A 836 43.36 20.96 21.58
C GLY A 836 44.56 21.01 20.64
N MET B 1 4.42 -37.11 -11.89
CA MET B 1 4.46 -35.66 -11.79
C MET B 1 3.39 -34.99 -12.66
N PRO B 2 2.36 -34.44 -12.01
CA PRO B 2 1.27 -33.83 -12.76
C PRO B 2 1.69 -32.49 -13.36
N VAL B 3 1.06 -32.16 -14.49
CA VAL B 3 1.33 -30.89 -15.15
C VAL B 3 0.86 -29.74 -14.27
N LYS B 4 1.57 -28.62 -14.33
CA LYS B 4 1.30 -27.46 -13.49
C LYS B 4 1.10 -26.23 -14.37
N PHE B 5 0.29 -25.29 -13.87
CA PHE B 5 0.03 -24.05 -14.59
C PHE B 5 -0.35 -22.94 -13.61
N HIS B 6 0.32 -22.89 -12.46
CA HIS B 6 0.08 -21.80 -11.51
C HIS B 6 0.92 -20.57 -11.79
N THR B 7 1.83 -20.63 -12.75
CA THR B 7 2.65 -19.49 -13.14
C THR B 7 2.35 -19.14 -14.60
N LYS B 8 2.43 -17.85 -14.92
CA LYS B 8 2.21 -17.41 -16.28
C LYS B 8 3.28 -17.93 -17.23
N THR B 9 4.50 -18.15 -16.72
CA THR B 9 5.54 -18.77 -17.53
C THR B 9 5.15 -20.21 -17.90
N LEU B 10 4.72 -20.98 -16.90
CA LEU B 10 4.27 -22.35 -17.15
C LEU B 10 3.15 -22.39 -18.19
N GLU B 11 2.16 -21.49 -18.05
CA GLU B 11 1.03 -21.50 -18.96
C GLU B 11 1.45 -21.11 -20.37
N SER B 12 2.25 -20.03 -20.49
CA SER B 12 2.70 -19.57 -21.79
C SER B 12 3.56 -20.62 -22.49
N VAL B 13 4.26 -21.46 -21.73
CA VAL B 13 5.08 -22.49 -22.37
C VAL B 13 4.25 -23.71 -22.73
N ILE B 14 3.39 -24.17 -21.81
CA ILE B 14 2.73 -25.46 -21.96
C ILE B 14 1.52 -25.37 -22.88
N ASP B 15 0.83 -24.22 -22.92
CA ASP B 15 -0.38 -24.11 -23.75
C ASP B 15 -0.11 -24.39 -25.22
N PRO B 16 0.81 -23.69 -25.91
CA PRO B 16 0.99 -23.98 -27.34
C PRO B 16 1.59 -25.35 -27.60
N VAL B 17 2.47 -25.84 -26.72
CA VAL B 17 3.01 -27.19 -26.90
C VAL B 17 1.91 -28.23 -26.79
N ALA B 18 1.02 -28.08 -25.79
CA ALA B 18 -0.10 -29.01 -25.67
C ALA B 18 -1.01 -28.92 -26.89
N GLN B 19 -1.20 -27.72 -27.42
CA GLN B 19 -2.02 -27.57 -28.61
C GLN B 19 -1.39 -28.29 -29.81
N GLN B 20 -0.07 -28.17 -29.97
CA GLN B 20 0.61 -28.85 -31.06
C GLN B 20 0.53 -30.37 -30.90
N VAL B 21 0.73 -30.86 -29.68
CA VAL B 21 0.57 -32.29 -29.42
C VAL B 21 -0.82 -32.75 -29.80
N GLY B 22 -1.84 -31.99 -29.39
CA GLY B 22 -3.20 -32.31 -29.79
C GLY B 22 -3.36 -32.35 -31.29
N GLN B 23 -2.71 -31.43 -32.00
CA GLN B 23 -2.73 -31.48 -33.46
C GLN B 23 -2.09 -32.76 -33.98
N LEU B 24 -1.05 -33.25 -33.31
CA LEU B 24 -0.43 -34.50 -33.71
C LEU B 24 -1.41 -35.66 -33.59
N VAL B 25 -2.08 -35.77 -32.44
CA VAL B 25 -3.06 -36.83 -32.25
C VAL B 25 -4.19 -36.72 -33.25
N LEU B 26 -4.67 -35.50 -33.49
CA LEU B 26 -5.78 -35.30 -34.43
C LEU B 26 -5.37 -35.66 -35.85
N PHE B 27 -4.13 -35.36 -36.23
CA PHE B 27 -3.66 -35.74 -37.56
C PHE B 27 -3.52 -37.25 -37.70
N HIS B 28 -2.97 -37.91 -36.69
CA HIS B 28 -2.82 -39.36 -36.76
C HIS B 28 -4.19 -40.04 -36.85
N GLU B 29 -5.13 -39.63 -36.00
CA GLU B 29 -6.47 -40.22 -36.05
C GLU B 29 -7.19 -39.85 -37.34
N GLN B 30 -6.85 -38.70 -37.92
CA GLN B 30 -7.43 -38.30 -39.20
C GLN B 30 -6.93 -39.19 -40.33
N ALA B 31 -5.64 -39.54 -40.31
CA ALA B 31 -5.13 -40.48 -41.30
C ALA B 31 -5.63 -41.89 -41.03
N GLU B 32 -5.94 -42.21 -39.77
CA GLU B 32 -6.47 -43.53 -39.45
C GLU B 32 -7.84 -43.74 -40.06
N SER B 33 -8.63 -42.68 -40.22
CA SER B 33 -9.93 -42.76 -40.87
C SER B 33 -9.84 -42.62 -42.39
N GLY B 34 -8.62 -42.53 -42.92
CA GLY B 34 -8.43 -42.49 -44.36
C GLY B 34 -8.76 -41.18 -45.04
N LEU B 35 -9.13 -40.15 -44.28
CA LEU B 35 -9.44 -38.85 -44.89
C LEU B 35 -8.23 -38.31 -45.63
N LEU B 36 -7.09 -38.18 -44.95
CA LEU B 36 -5.86 -37.71 -45.55
C LEU B 36 -4.68 -37.93 -44.60
N LYS B 37 -3.57 -38.46 -45.11
CA LYS B 37 -2.37 -38.66 -44.29
C LYS B 37 -1.52 -37.40 -44.34
N GLU B 38 -1.36 -36.75 -43.20
CA GLU B 38 -0.48 -35.59 -43.08
C GLU B 38 0.90 -36.04 -42.61
N ASP B 39 1.92 -35.33 -43.08
CA ASP B 39 3.29 -35.56 -42.63
C ASP B 39 3.46 -34.93 -41.26
N LEU B 40 3.67 -35.77 -40.24
CA LEU B 40 3.82 -35.28 -38.87
C LEU B 40 5.20 -34.71 -38.60
N THR B 41 6.12 -34.79 -39.57
CA THR B 41 7.50 -34.34 -39.33
C THR B 41 7.62 -32.86 -39.02
N PRO B 42 6.94 -31.93 -39.71
CA PRO B 42 7.06 -30.51 -39.33
C PRO B 42 6.60 -30.22 -37.91
N LEU B 43 5.39 -30.68 -37.55
CA LEU B 43 4.88 -30.46 -36.21
C LEU B 43 5.81 -31.04 -35.16
N VAL B 44 6.28 -32.27 -35.38
CA VAL B 44 7.21 -32.91 -34.45
C VAL B 44 8.48 -32.09 -34.33
N GLN B 45 9.01 -31.61 -35.44
CA GLN B 45 10.22 -30.79 -35.40
C GLN B 45 10.01 -29.51 -34.61
N GLY B 46 8.81 -28.92 -34.71
CA GLY B 46 8.51 -27.77 -33.88
C GLY B 46 8.52 -28.10 -32.40
N VAL B 47 7.86 -29.22 -32.03
CA VAL B 47 7.86 -29.65 -30.64
C VAL B 47 9.28 -29.86 -30.13
N GLY B 48 10.08 -30.59 -30.91
CA GLY B 48 11.45 -30.87 -30.50
C GLY B 48 12.32 -29.63 -30.43
N ILE B 49 12.04 -28.64 -31.27
CA ILE B 49 12.78 -27.38 -31.19
C ILE B 49 12.43 -26.64 -29.91
N ALA B 50 11.14 -26.63 -29.53
CA ALA B 50 10.76 -26.04 -28.26
C ALA B 50 11.42 -26.77 -27.09
N VAL B 51 11.45 -28.11 -27.16
CA VAL B 51 12.05 -28.90 -26.08
C VAL B 51 13.54 -28.59 -25.96
N THR B 52 14.24 -28.57 -27.09
CA THR B 52 15.68 -28.26 -27.06
C THR B 52 15.92 -26.85 -26.53
N ASN B 53 15.05 -25.91 -26.90
CA ASN B 53 15.18 -24.54 -26.39
C ASN B 53 15.05 -24.51 -24.87
N LEU B 54 13.98 -25.09 -24.33
CA LEU B 54 13.79 -25.06 -22.89
C LEU B 54 14.91 -25.81 -22.17
N VAL B 55 15.38 -26.92 -22.75
CA VAL B 55 16.49 -27.65 -22.16
C VAL B 55 17.73 -26.78 -22.10
N GLN B 56 17.95 -25.95 -23.14
CA GLN B 56 19.12 -25.08 -23.14
C GLN B 56 18.99 -23.96 -22.11
N VAL B 57 17.81 -23.33 -22.03
CA VAL B 57 17.65 -22.24 -21.07
C VAL B 57 17.75 -22.77 -19.64
N ALA B 58 17.30 -24.00 -19.39
CA ALA B 58 17.49 -24.58 -18.07
C ALA B 58 18.94 -24.97 -17.83
N ALA B 59 19.64 -25.41 -18.89
CA ALA B 59 21.04 -25.79 -18.76
C ALA B 59 21.92 -24.57 -18.48
N SER B 60 21.52 -23.39 -18.94
CA SER B 60 22.19 -22.17 -18.53
C SER B 60 21.67 -21.66 -17.18
N MET B 61 20.45 -22.01 -16.81
CA MET B 61 19.93 -21.64 -15.49
C MET B 61 20.69 -22.34 -14.38
N VAL B 62 20.96 -23.64 -14.55
CA VAL B 62 21.57 -24.43 -13.49
C VAL B 62 22.99 -23.98 -13.16
N GLU B 63 23.67 -23.36 -14.12
CA GLU B 63 25.07 -22.99 -13.90
C GLU B 63 25.21 -21.78 -12.99
N THR B 64 24.47 -20.71 -13.28
CA THR B 64 24.52 -19.54 -12.42
C THR B 64 23.85 -19.77 -11.08
N SER B 65 22.93 -20.75 -11.01
CA SER B 65 22.25 -21.05 -9.76
C SER B 65 23.21 -21.63 -8.74
N ASN B 66 22.96 -21.32 -7.47
CA ASN B 66 23.69 -21.89 -6.35
C ASN B 66 22.82 -22.78 -5.49
N ASP B 67 21.78 -23.37 -6.11
CA ASP B 67 20.87 -24.29 -5.45
C ASP B 67 21.32 -25.72 -5.81
N GLU B 68 21.92 -26.41 -4.84
CA GLU B 68 22.43 -27.75 -5.10
C GLU B 68 21.31 -28.75 -5.37
N ASP B 69 20.17 -28.58 -4.72
CA ASP B 69 19.04 -29.45 -4.98
C ASP B 69 18.44 -29.19 -6.36
N PHE B 70 18.52 -27.95 -6.84
CA PHE B 70 18.13 -27.66 -8.23
C PHE B 70 19.11 -28.32 -9.20
N LYS B 71 20.41 -28.19 -8.93
CA LYS B 71 21.42 -28.86 -9.76
C LYS B 71 21.23 -30.36 -9.78
N ALA B 72 20.72 -30.93 -8.68
CA ALA B 72 20.51 -32.38 -8.63
C ALA B 72 19.19 -32.79 -9.27
N GLU B 73 18.19 -31.90 -9.24
CA GLU B 73 16.88 -32.25 -9.79
C GLU B 73 16.80 -32.05 -11.29
N LEU B 74 17.60 -31.14 -11.85
CA LEU B 74 17.41 -30.78 -13.26
C LEU B 74 17.79 -31.88 -14.24
N PRO B 75 18.97 -32.51 -14.16
CA PRO B 75 19.40 -33.46 -15.21
C PRO B 75 18.41 -34.59 -15.44
N PRO B 76 17.79 -35.18 -14.38
CA PRO B 76 16.75 -36.19 -14.63
C PRO B 76 15.64 -35.71 -15.56
N SER B 77 15.01 -34.58 -15.22
CA SER B 77 13.90 -34.08 -16.03
C SER B 77 14.38 -33.70 -17.43
N MET B 78 15.60 -33.15 -17.54
CA MET B 78 16.15 -32.87 -18.87
C MET B 78 16.18 -34.13 -19.72
N GLN B 79 16.81 -35.19 -19.19
CA GLN B 79 16.91 -36.44 -19.94
C GLN B 79 15.54 -36.99 -20.30
N GLU B 80 14.59 -36.94 -19.36
CA GLU B 80 13.25 -37.45 -19.61
C GLU B 80 12.58 -36.72 -20.76
N VAL B 81 12.56 -35.39 -20.70
CA VAL B 81 11.83 -34.63 -21.72
C VAL B 81 12.52 -34.76 -23.08
N GLN B 82 13.86 -34.80 -23.10
CA GLN B 82 14.55 -34.99 -24.37
C GLN B 82 14.24 -36.36 -24.99
N GLN B 83 14.20 -37.39 -24.15
CA GLN B 83 13.82 -38.71 -24.65
C GLN B 83 12.38 -38.73 -25.14
N ALA B 84 11.50 -37.94 -24.53
CA ALA B 84 10.14 -37.81 -25.06
C ALA B 84 10.16 -37.17 -26.45
N ALA B 85 10.98 -36.14 -26.64
CA ALA B 85 11.09 -35.51 -27.95
C ALA B 85 11.59 -36.51 -29.00
N VAL B 86 12.61 -37.30 -28.65
CA VAL B 86 13.11 -38.26 -29.63
C VAL B 86 12.06 -39.34 -29.89
N PHE B 87 11.22 -39.65 -28.89
CA PHE B 87 10.10 -40.54 -29.14
C PHE B 87 9.14 -39.93 -30.16
N LEU B 88 8.92 -38.62 -30.09
CA LEU B 88 8.06 -37.96 -31.07
C LEU B 88 8.66 -38.03 -32.46
N SER B 89 9.97 -37.80 -32.60
CA SER B 89 10.59 -37.83 -33.92
C SER B 89 10.57 -39.23 -34.51
N ASP B 90 10.92 -40.24 -33.71
CA ASP B 90 10.84 -41.62 -34.18
C ASP B 90 9.43 -41.99 -34.58
N ALA B 91 8.44 -41.55 -33.79
CA ALA B 91 7.05 -41.80 -34.14
C ALA B 91 6.68 -41.16 -35.47
N ALA B 92 7.17 -39.94 -35.71
CA ALA B 92 6.88 -39.28 -36.98
C ALA B 92 7.47 -40.07 -38.16
N ARG B 93 8.71 -40.53 -38.01
CA ARG B 93 9.33 -41.29 -39.10
C ARG B 93 8.59 -42.60 -39.35
N LEU B 94 8.29 -43.34 -38.28
CA LEU B 94 7.64 -44.64 -38.44
C LEU B 94 6.23 -44.51 -39.01
N LEU B 95 5.46 -43.54 -38.51
CA LEU B 95 4.12 -43.34 -39.03
C LEU B 95 4.14 -42.83 -40.46
N LYS B 96 5.16 -42.04 -40.83
CA LYS B 96 5.31 -41.66 -42.23
C LYS B 96 5.64 -42.87 -43.10
N ALA B 97 6.39 -43.84 -42.55
CA ALA B 97 6.67 -45.05 -43.30
C ALA B 97 5.41 -45.90 -43.47
N ASP B 98 4.73 -46.20 -42.37
CA ASP B 98 3.49 -46.97 -42.39
C ASP B 98 2.48 -46.31 -41.48
N GLN B 99 1.24 -46.15 -41.99
CA GLN B 99 0.21 -45.47 -41.20
C GLN B 99 -0.16 -46.28 -39.96
N GLY B 100 -0.18 -47.60 -40.07
CA GLY B 100 -0.56 -48.43 -38.94
C GLY B 100 0.62 -48.97 -38.15
N SER B 101 1.68 -48.19 -38.04
CA SER B 101 2.85 -48.61 -37.28
C SER B 101 2.50 -48.73 -35.80
N PRO B 102 2.79 -49.87 -35.16
CA PRO B 102 2.47 -50.01 -33.73
C PRO B 102 3.25 -49.07 -32.84
N GLU B 103 4.58 -49.21 -32.84
CA GLU B 103 5.40 -48.36 -31.98
C GLU B 103 5.53 -46.94 -32.50
N GLY B 104 5.08 -46.66 -33.72
CA GLY B 104 4.91 -45.27 -34.11
C GLY B 104 3.73 -44.63 -33.41
N LYS B 105 2.65 -45.40 -33.24
CA LYS B 105 1.49 -44.93 -32.48
C LYS B 105 1.84 -44.82 -30.99
N ARG B 106 2.47 -45.86 -30.44
CA ARG B 106 2.87 -45.84 -29.04
C ARG B 106 3.88 -44.73 -28.77
N LYS B 107 4.92 -44.62 -29.60
CA LYS B 107 5.88 -43.53 -29.44
C LYS B 107 5.22 -42.18 -29.61
N LEU B 108 4.18 -42.10 -30.45
CA LEU B 108 3.48 -40.83 -30.64
C LEU B 108 2.75 -40.42 -29.36
N LEU B 109 2.00 -41.36 -28.75
CA LEU B 109 1.26 -41.02 -27.54
C LEU B 109 2.21 -40.79 -26.37
N ASP B 110 3.14 -41.72 -26.13
CA ASP B 110 4.05 -41.60 -25.00
C ASP B 110 4.93 -40.36 -25.11
N GLY B 111 5.48 -40.10 -26.29
CA GLY B 111 6.24 -38.87 -26.47
C GLY B 111 5.37 -37.64 -26.31
N ALA B 112 4.13 -37.72 -26.77
CA ALA B 112 3.22 -36.58 -26.68
C ALA B 112 2.93 -36.23 -25.22
N ARG B 113 2.71 -37.23 -24.37
CA ARG B 113 2.48 -36.95 -22.96
C ARG B 113 3.79 -36.56 -22.26
N GLY B 114 4.90 -37.15 -22.69
CA GLY B 114 6.18 -36.92 -22.04
C GLY B 114 6.75 -35.55 -22.31
N VAL B 115 6.39 -34.92 -23.43
CA VAL B 115 6.86 -33.56 -23.65
C VAL B 115 6.08 -32.58 -22.76
N ILE B 116 4.78 -32.81 -22.61
CA ILE B 116 3.97 -31.93 -21.75
C ILE B 116 4.41 -32.07 -20.30
N ASN B 117 4.32 -33.29 -19.74
CA ASN B 117 4.71 -33.50 -18.36
C ASN B 117 6.18 -33.17 -18.15
N GLY B 118 7.03 -33.52 -19.12
CA GLY B 118 8.45 -33.27 -18.99
C GLY B 118 8.79 -31.79 -18.93
N MET B 119 8.19 -30.99 -19.81
CA MET B 119 8.41 -29.55 -19.75
C MET B 119 7.86 -28.97 -18.46
N SER B 120 6.69 -29.46 -18.03
CA SER B 120 6.14 -29.04 -16.74
C SER B 120 7.14 -29.23 -15.61
N ASP B 121 7.70 -30.44 -15.50
CA ASP B 121 8.65 -30.71 -14.42
C ASP B 121 9.94 -29.90 -14.60
N LEU B 122 10.37 -29.73 -15.85
CA LEU B 122 11.58 -28.96 -16.12
C LEU B 122 11.45 -27.54 -15.60
N LEU B 123 10.30 -26.90 -15.84
CA LEU B 123 10.07 -25.58 -15.25
C LEU B 123 9.84 -25.68 -13.75
N MET B 124 9.35 -26.83 -13.28
CA MET B 124 9.04 -26.99 -11.85
C MET B 124 10.29 -27.04 -11.00
N CYS B 125 11.42 -27.53 -11.54
CA CYS B 125 12.67 -27.46 -10.78
C CYS B 125 13.02 -26.01 -10.44
N ALA B 126 13.06 -25.16 -11.47
CA ALA B 126 13.33 -23.73 -11.26
C ALA B 126 12.33 -23.12 -10.30
N ASP B 127 11.03 -23.35 -10.53
CA ASP B 127 10.01 -22.73 -9.70
C ASP B 127 10.14 -23.16 -8.24
N ARG B 128 10.47 -24.43 -7.99
CA ARG B 128 10.70 -24.88 -6.62
C ARG B 128 11.93 -24.22 -6.03
N SER B 129 12.94 -23.94 -6.84
CA SER B 129 14.11 -23.20 -6.34
C SER B 129 13.70 -21.81 -5.87
N GLU B 130 12.95 -21.08 -6.71
CA GLU B 130 12.52 -19.74 -6.34
C GLU B 130 11.68 -19.76 -5.06
N VAL B 131 10.72 -20.68 -4.99
CA VAL B 131 9.88 -20.75 -3.79
C VAL B 131 10.72 -21.10 -2.57
N ARG B 132 11.73 -21.95 -2.73
CA ARG B 132 12.65 -22.24 -1.64
C ARG B 132 13.30 -20.96 -1.11
N LYS B 133 13.83 -20.14 -2.02
CA LYS B 133 14.48 -18.89 -1.58
C LYS B 133 13.49 -17.99 -0.86
N MET B 134 12.31 -17.78 -1.45
CA MET B 134 11.32 -16.88 -0.85
C MET B 134 10.91 -17.35 0.55
N VAL B 135 10.65 -18.65 0.69
CA VAL B 135 10.29 -19.20 1.99
C VAL B 135 11.45 -19.05 2.97
N LYS B 136 12.68 -19.14 2.48
CA LYS B 136 13.84 -18.94 3.35
C LYS B 136 13.82 -17.52 3.93
N VAL B 137 13.59 -16.52 3.09
CA VAL B 137 13.54 -15.15 3.59
C VAL B 137 12.40 -14.98 4.59
N CYS B 138 11.20 -15.45 4.22
CA CYS B 138 10.04 -15.31 5.10
C CYS B 138 10.29 -15.96 6.46
N ARG B 139 10.88 -17.17 6.45
CA ARG B 139 11.22 -17.83 7.71
C ARG B 139 12.26 -17.04 8.48
N SER B 140 13.19 -16.37 7.77
CA SER B 140 14.20 -15.56 8.44
C SER B 140 13.56 -14.45 9.26
N VAL B 141 12.75 -13.60 8.60
CA VAL B 141 12.15 -12.49 9.33
C VAL B 141 11.16 -12.99 10.38
N GLN B 142 10.43 -14.06 10.05
CA GLN B 142 9.48 -14.63 11.00
C GLN B 142 10.19 -15.11 12.27
N GLU B 143 11.38 -15.70 12.11
CA GLU B 143 12.16 -16.12 13.27
C GLU B 143 12.74 -14.92 14.01
N TYR B 144 13.07 -13.85 13.30
CA TYR B 144 13.63 -12.68 13.98
C TYR B 144 12.59 -11.88 14.75
N LEU B 145 11.30 -12.07 14.45
CA LEU B 145 10.27 -11.33 15.18
C LEU B 145 10.28 -11.62 16.68
N ASP B 146 10.73 -12.82 17.08
CA ASP B 146 10.56 -13.24 18.47
C ASP B 146 11.43 -12.45 19.44
N VAL B 147 12.58 -11.95 18.99
CA VAL B 147 13.46 -11.22 19.91
C VAL B 147 12.85 -9.92 20.41
N ALA B 148 11.75 -9.48 19.80
CA ALA B 148 11.11 -8.24 20.23
C ALA B 148 10.56 -8.32 21.64
N LYS B 149 10.37 -9.52 22.17
CA LYS B 149 9.83 -9.69 23.51
C LYS B 149 10.83 -9.36 24.62
N VAL B 150 12.11 -9.25 24.31
CA VAL B 150 13.12 -9.00 25.33
C VAL B 150 13.77 -7.64 25.10
N ILE B 151 12.95 -6.60 24.93
CA ILE B 151 13.44 -5.23 24.83
C ILE B 151 12.89 -4.46 26.03
N ASP B 152 13.80 -3.84 26.79
CA ASP B 152 13.41 -3.02 27.93
C ASP B 152 13.97 -1.60 27.87
N VAL B 153 14.90 -1.32 26.96
CA VAL B 153 15.44 0.03 26.78
C VAL B 153 15.41 0.35 25.29
N GLU B 154 15.57 1.64 24.97
CA GLU B 154 15.48 2.09 23.59
C GLU B 154 16.65 1.65 22.73
N ALA B 155 17.79 1.28 23.34
CA ALA B 155 18.94 0.86 22.55
C ALA B 155 18.68 -0.47 21.86
N ASP B 156 18.20 -1.46 22.62
CA ASP B 156 17.84 -2.75 22.03
C ASP B 156 16.77 -2.58 20.96
N LEU B 157 15.90 -1.58 21.09
CA LEU B 157 14.88 -1.32 20.09
C LEU B 157 15.47 -0.66 18.84
N ALA B 158 16.50 0.17 19.00
CA ALA B 158 17.19 0.68 17.83
C ALA B 158 17.89 -0.44 17.08
N THR B 159 18.58 -1.33 17.80
CA THR B 159 19.19 -2.49 17.18
C THR B 159 18.14 -3.35 16.47
N PHE B 160 17.02 -3.61 17.14
CA PHE B 160 16.00 -4.50 16.59
C PHE B 160 15.33 -3.88 15.37
N LEU B 161 15.06 -2.57 15.40
CA LEU B 161 14.44 -1.92 14.25
C LEU B 161 15.39 -1.87 13.06
N GLN B 162 16.63 -1.44 13.30
CA GLN B 162 17.61 -1.34 12.22
C GLN B 162 18.08 -2.70 11.72
N ASN B 163 17.78 -3.79 12.43
CA ASN B 163 17.99 -5.13 11.89
C ASN B 163 16.72 -5.75 11.33
N LEU B 164 15.55 -5.18 11.63
CA LEU B 164 14.27 -5.72 11.18
C LEU B 164 13.82 -5.13 9.86
N THR B 165 14.01 -3.82 9.67
CA THR B 165 13.55 -3.17 8.45
C THR B 165 14.15 -3.77 7.18
N PRO B 166 15.46 -4.02 7.07
CA PRO B 166 15.97 -4.60 5.81
C PRO B 166 15.43 -5.99 5.53
N GLY B 167 15.19 -6.80 6.57
CA GLY B 167 14.55 -8.08 6.35
C GLY B 167 13.12 -7.95 5.87
N MET B 168 12.36 -7.04 6.48
CA MET B 168 10.98 -6.81 6.05
C MET B 168 10.92 -6.36 4.60
N THR B 169 11.83 -5.47 4.19
CA THR B 169 11.85 -5.05 2.79
C THR B 169 12.29 -6.18 1.88
N SER B 170 13.25 -6.99 2.33
CA SER B 170 13.73 -8.11 1.51
C SER B 170 12.64 -9.16 1.31
N MET B 171 11.73 -9.30 2.26
CA MET B 171 10.59 -10.20 2.06
C MET B 171 9.53 -9.55 1.19
N MET B 172 9.20 -8.28 1.47
CA MET B 172 8.13 -7.61 0.74
C MET B 172 8.45 -7.50 -0.75
N LYS B 173 9.71 -7.20 -1.10
CA LYS B 173 10.05 -7.07 -2.51
C LYS B 173 9.97 -8.41 -3.23
N VAL B 174 10.27 -9.50 -2.51
CA VAL B 174 10.22 -10.83 -3.12
C VAL B 174 8.78 -11.28 -3.32
N VAL B 175 7.90 -10.99 -2.36
CA VAL B 175 6.50 -11.38 -2.51
C VAL B 175 5.81 -10.49 -3.55
N GLU B 176 6.07 -9.18 -3.50
CA GLU B 176 5.62 -8.27 -4.55
C GLU B 176 6.11 -8.71 -5.92
N GLN B 177 7.30 -9.32 -5.97
CA GLN B 177 7.76 -9.91 -7.23
C GLN B 177 6.94 -11.13 -7.59
N ARG B 178 6.56 -11.94 -6.60
CA ARG B 178 5.97 -13.24 -6.87
C ARG B 178 4.52 -13.13 -7.35
N HIS B 179 3.69 -12.35 -6.64
CA HIS B 179 2.25 -12.47 -6.90
C HIS B 179 1.79 -12.03 -8.30
N PRO B 180 2.47 -11.10 -8.98
CA PRO B 180 2.08 -10.82 -10.38
C PRO B 180 2.33 -11.98 -11.33
N GLU B 181 3.02 -13.02 -10.90
CA GLU B 181 3.28 -14.18 -11.76
C GLU B 181 2.23 -15.26 -11.65
N LEU B 182 1.39 -15.22 -10.60
CA LEU B 182 0.45 -16.30 -10.34
C LEU B 182 -0.74 -16.23 -11.28
N THR B 183 -1.16 -17.38 -11.76
CA THR B 183 -2.33 -17.47 -12.63
C THR B 183 -3.64 -17.55 -11.86
N ASN B 184 -3.60 -17.99 -10.60
CA ASN B 184 -4.77 -18.02 -9.74
C ASN B 184 -4.86 -16.67 -9.03
N LEU B 185 -5.88 -15.88 -9.38
CA LEU B 185 -6.01 -14.54 -8.83
C LEU B 185 -6.31 -14.56 -7.34
N ALA B 186 -6.92 -15.65 -6.84
CA ALA B 186 -7.26 -15.73 -5.42
C ALA B 186 -5.99 -15.83 -4.58
N HIS B 187 -5.04 -16.68 -4.98
CA HIS B 187 -3.78 -16.78 -4.25
C HIS B 187 -3.03 -15.46 -4.27
N ALA B 188 -2.97 -14.81 -5.43
CA ALA B 188 -2.35 -13.50 -5.52
C ALA B 188 -2.99 -12.51 -4.56
N GLN B 189 -4.33 -12.52 -4.50
CA GLN B 189 -5.02 -11.60 -3.59
C GLN B 189 -4.70 -11.92 -2.14
N MET B 190 -4.62 -13.21 -1.79
CA MET B 190 -4.20 -13.57 -0.44
C MET B 190 -2.84 -12.99 -0.11
N LEU B 191 -1.87 -13.16 -1.01
CA LEU B 191 -0.55 -12.58 -0.81
C LEU B 191 -0.64 -11.06 -0.62
N LYS B 192 -1.46 -10.40 -1.44
CA LYS B 192 -1.61 -8.95 -1.33
C LYS B 192 -2.11 -8.53 0.04
N SER B 193 -3.18 -9.17 0.51
CA SER B 193 -3.77 -8.77 1.78
C SER B 193 -2.84 -9.09 2.95
N GLU B 194 -2.10 -10.19 2.87
CA GLU B 194 -1.13 -10.48 3.94
C GLU B 194 -0.01 -9.45 3.96
N LEU B 195 0.50 -9.07 2.78
CA LEU B 195 1.46 -7.97 2.72
C LEU B 195 0.90 -6.71 3.36
N GLY B 196 -0.38 -6.40 3.07
CA GLY B 196 -1.01 -5.28 3.74
C GLY B 196 -0.99 -5.40 5.26
N THR B 197 -1.25 -6.62 5.76
CA THR B 197 -1.22 -6.83 7.21
C THR B 197 0.17 -6.54 7.77
N VAL B 198 1.22 -7.03 7.11
CA VAL B 198 2.58 -6.82 7.61
C VAL B 198 2.92 -5.33 7.63
N ARG B 199 2.78 -4.67 6.47
CA ARG B 199 3.07 -3.24 6.38
C ARG B 199 2.29 -2.45 7.42
N GLU B 200 1.05 -2.85 7.68
CA GLU B 200 0.23 -2.15 8.67
C GLU B 200 0.75 -2.38 10.08
N GLN B 201 1.26 -3.58 10.36
CA GLN B 201 1.59 -3.97 11.73
C GLN B 201 3.01 -3.63 12.17
N ILE B 202 3.90 -3.26 11.25
CA ILE B 202 5.25 -2.87 11.68
C ILE B 202 5.23 -1.70 12.66
N PRO B 203 4.65 -0.54 12.31
CA PRO B 203 4.68 0.59 13.26
C PRO B 203 3.93 0.31 14.55
N ILE B 204 2.84 -0.45 14.47
CA ILE B 204 2.15 -0.86 15.69
C ILE B 204 3.09 -1.64 16.59
N LEU B 205 3.91 -2.51 16.00
CA LEU B 205 4.84 -3.30 16.77
C LEU B 205 5.87 -2.43 17.47
N ILE B 206 6.58 -1.58 16.70
CA ILE B 206 7.63 -0.79 17.34
C ILE B 206 7.04 0.17 18.38
N SER B 207 5.84 0.69 18.14
CA SER B 207 5.20 1.57 19.12
C SER B 207 4.87 0.80 20.40
N SER B 208 4.28 -0.39 20.27
CA SER B 208 3.99 -1.21 21.44
C SER B 208 5.25 -1.54 22.22
N ILE B 209 6.37 -1.75 21.51
CA ILE B 209 7.65 -1.96 22.19
C ILE B 209 8.05 -0.72 22.98
N ARG B 210 7.89 0.46 22.37
CA ARG B 210 8.22 1.70 23.08
C ARG B 210 7.42 1.81 24.37
N VAL B 211 6.11 1.51 24.32
CA VAL B 211 5.34 1.60 25.56
C VAL B 211 5.78 0.52 26.54
N CYS B 212 6.28 -0.63 26.05
CA CYS B 212 6.80 -1.64 26.96
C CYS B 212 8.02 -1.14 27.72
N CYS B 213 8.93 -0.46 27.02
CA CYS B 213 10.10 0.12 27.69
C CYS B 213 9.69 1.21 28.67
N LEU B 214 8.92 2.18 28.20
CA LEU B 214 8.54 3.31 29.05
C LEU B 214 7.65 2.89 30.21
N VAL B 215 7.07 1.70 30.15
CA VAL B 215 6.36 1.14 31.31
C VAL B 215 7.30 0.40 32.23
N ILE B 216 8.23 -0.40 31.68
CA ILE B 216 9.13 -1.18 32.51
C ILE B 216 10.10 -0.31 33.29
N VAL B 217 10.40 0.89 32.80
CA VAL B 217 11.26 1.80 33.55
C VAL B 217 10.51 2.40 34.73
N GLY B 220 7.74 -1.17 37.29
CA GLY B 220 6.82 -1.96 38.10
C GLY B 220 5.57 -1.20 38.48
N SER B 221 5.19 -0.24 37.65
CA SER B 221 4.05 0.62 37.95
C SER B 221 2.77 0.02 37.39
N SER B 222 2.69 -1.31 37.43
CA SER B 222 1.55 -2.07 36.92
C SER B 222 1.35 -1.84 35.43
N GLY B 223 0.39 -2.55 34.85
CA GLY B 223 0.15 -2.45 33.42
C GLY B 223 1.22 -3.05 32.55
N MET B 224 2.31 -3.58 33.14
CA MET B 224 3.36 -4.19 32.33
C MET B 224 2.86 -5.47 31.67
N LYS B 225 2.04 -6.25 32.38
CA LYS B 225 1.49 -7.47 31.80
C LYS B 225 0.63 -7.17 30.59
N ASP B 226 -0.18 -6.11 30.65
CA ASP B 226 -1.05 -5.78 29.52
C ASP B 226 -0.27 -5.15 28.36
N ALA B 227 0.78 -4.39 28.66
CA ALA B 227 1.65 -3.90 27.60
C ALA B 227 2.33 -5.05 26.88
N ALA B 228 2.84 -6.02 27.65
CA ALA B 228 3.39 -7.23 27.06
C ALA B 228 2.34 -7.99 26.27
N PHE B 229 1.08 -7.96 26.72
CA PHE B 229 0.03 -8.61 25.96
C PHE B 229 -0.18 -7.93 24.61
N GLY B 230 -0.15 -6.60 24.59
CA GLY B 230 -0.31 -5.90 23.32
C GLY B 230 0.83 -6.18 22.37
N ARG B 231 2.06 -6.05 22.86
CA ARG B 231 3.24 -6.33 22.04
C ARG B 231 3.19 -7.75 21.48
N ASP B 232 2.99 -8.74 22.37
CA ASP B 232 2.94 -10.13 21.92
C ASP B 232 1.77 -10.39 21.00
N TYR B 233 0.70 -9.59 21.12
CA TYR B 233 -0.41 -9.70 20.19
C TYR B 233 0.01 -9.28 18.79
N VAL B 234 0.69 -8.13 18.67
CA VAL B 234 1.13 -7.69 17.35
C VAL B 234 2.17 -8.65 16.78
N ILE B 235 3.03 -9.19 17.65
CA ILE B 235 4.00 -10.19 17.20
C ILE B 235 3.27 -11.42 16.64
N GLN B 236 2.24 -11.87 17.34
CA GLN B 236 1.49 -13.04 16.88
C GLN B 236 0.80 -12.75 15.55
N LYS B 237 0.24 -11.55 15.39
CA LYS B 237 -0.41 -11.20 14.13
C LYS B 237 0.58 -11.23 12.97
N LEU B 238 1.77 -10.65 13.18
CA LEU B 238 2.80 -10.69 12.14
C LEU B 238 3.20 -12.13 11.84
N PHE B 239 3.40 -12.94 12.89
CA PHE B 239 3.78 -14.34 12.71
C PHE B 239 2.75 -15.08 11.86
N ILE B 240 1.46 -14.88 12.14
CA ILE B 240 0.41 -15.61 11.43
C ILE B 240 0.31 -15.13 9.99
N ALA B 241 0.39 -13.81 9.77
CA ALA B 241 0.40 -13.28 8.41
C ALA B 241 1.53 -13.87 7.59
N ILE B 242 2.74 -13.96 8.18
CA ILE B 242 3.87 -14.52 7.44
C ILE B 242 3.68 -16.01 7.21
N GLU B 243 3.12 -16.72 8.20
CA GLU B 243 2.78 -18.13 8.01
C GLU B 243 1.90 -18.33 6.78
N GLU B 244 0.84 -17.51 6.66
CA GLU B 244 -0.04 -17.65 5.50
C GLU B 244 0.68 -17.23 4.21
N ILE B 245 1.59 -16.26 4.27
CA ILE B 245 2.38 -15.91 3.11
C ILE B 245 3.15 -17.11 2.61
N ILE B 246 3.82 -17.82 3.52
CA ILE B 246 4.57 -19.02 3.15
C ILE B 246 3.63 -20.08 2.57
N ARG B 247 2.48 -20.29 3.23
CA ARG B 247 1.56 -21.33 2.77
C ARG B 247 1.06 -21.06 1.36
N VAL B 248 0.70 -19.81 1.05
CA VAL B 248 0.24 -19.49 -0.30
C VAL B 248 1.41 -19.55 -1.28
N LEU B 249 2.62 -19.20 -0.82
CA LEU B 249 3.79 -19.30 -1.69
C LEU B 249 4.03 -20.75 -2.13
N GLN B 250 3.72 -21.72 -1.28
CA GLN B 250 3.96 -23.12 -1.59
C GLN B 250 2.77 -23.80 -2.26
N LEU B 251 1.76 -23.06 -2.69
CA LEU B 251 0.62 -23.65 -3.39
C LEU B 251 0.93 -23.81 -4.88
N THR B 252 0.56 -24.96 -5.42
CA THR B 252 0.77 -25.28 -6.83
C THR B 252 -0.50 -25.90 -7.43
N THR B 253 -1.67 -25.42 -7.04
CA THR B 253 -2.93 -25.99 -7.48
C THR B 253 -3.90 -24.89 -7.86
N THR B 254 -5.06 -25.28 -8.37
CA THR B 254 -6.15 -24.36 -8.62
C THR B 254 -7.00 -24.25 -7.36
N PHE B 255 -7.32 -23.02 -6.98
CA PHE B 255 -7.99 -22.79 -5.69
C PHE B 255 -9.38 -23.39 -5.62
N GLU B 256 -10.04 -23.60 -6.76
CA GLU B 256 -11.39 -24.12 -6.78
C GLU B 256 -11.46 -25.61 -7.06
N GLU B 257 -10.37 -26.23 -7.47
CA GLU B 257 -10.32 -27.68 -7.65
C GLU B 257 -9.87 -28.41 -6.38
N GLU B 258 -9.35 -27.70 -5.39
CA GLU B 258 -8.86 -28.31 -4.16
C GLU B 258 -9.98 -29.01 -3.40
N ALA B 266 -26.90 -24.07 6.27
CA ALA B 266 -26.35 -24.13 4.93
C ALA B 266 -25.70 -22.82 4.54
N SER B 267 -26.26 -22.16 3.53
CA SER B 267 -25.75 -20.89 3.03
C SER B 267 -26.90 -19.89 2.91
N ALA B 268 -26.57 -18.61 3.01
CA ALA B 268 -27.58 -17.57 2.84
C ALA B 268 -28.12 -17.56 1.42
N ALA B 269 -27.24 -17.72 0.43
CA ALA B 269 -27.68 -17.73 -0.97
C ALA B 269 -28.55 -18.94 -1.25
N SER B 270 -28.18 -20.11 -0.72
CA SER B 270 -29.00 -21.30 -0.90
C SER B 270 -30.30 -21.20 -0.11
N LEU B 271 -30.30 -20.46 1.01
CA LEU B 271 -31.53 -20.24 1.75
C LEU B 271 -32.50 -19.38 0.96
N ALA B 272 -32.01 -18.26 0.39
CA ALA B 272 -32.87 -17.44 -0.45
C ALA B 272 -33.35 -18.21 -1.67
N HIS B 273 -32.47 -19.02 -2.26
CA HIS B 273 -32.85 -19.81 -3.42
C HIS B 273 -33.93 -20.83 -3.04
N MET B 274 -33.81 -21.45 -1.87
CA MET B 274 -34.83 -22.40 -1.44
C MET B 274 -36.16 -21.70 -1.17
N PHE B 275 -36.11 -20.52 -0.55
CA PHE B 275 -37.31 -19.70 -0.39
C PHE B 275 -38.00 -19.47 -1.72
N HIS B 276 -37.23 -19.02 -2.72
CA HIS B 276 -37.82 -18.67 -4.01
C HIS B 276 -38.39 -19.90 -4.72
N GLN B 277 -37.63 -21.00 -4.74
CA GLN B 277 -38.10 -22.21 -5.41
C GLN B 277 -39.35 -22.76 -4.74
N ALA B 278 -39.42 -22.67 -3.40
CA ALA B 278 -40.62 -23.10 -2.70
C ALA B 278 -41.80 -22.19 -3.06
N GLN B 279 -41.57 -20.89 -3.12
CA GLN B 279 -42.64 -19.97 -3.48
C GLN B 279 -43.19 -20.24 -4.88
N ASP B 280 -42.29 -20.51 -5.84
CA ASP B 280 -42.74 -20.77 -7.21
C ASP B 280 -43.43 -22.13 -7.32
N ALA B 281 -42.91 -23.14 -6.63
CA ALA B 281 -43.55 -24.46 -6.65
C ALA B 281 -44.95 -24.39 -6.04
N LEU B 282 -45.10 -23.67 -4.94
CA LEU B 282 -46.43 -23.50 -4.35
C LEU B 282 -47.34 -22.65 -5.24
N ALA B 283 -46.77 -21.66 -5.93
CA ALA B 283 -47.57 -20.78 -6.77
C ALA B 283 -48.26 -21.54 -7.88
N SER B 284 -47.65 -22.61 -8.39
CA SER B 284 -48.31 -23.50 -9.32
C SER B 284 -49.13 -24.52 -8.54
N GLY B 285 -49.13 -25.78 -8.98
CA GLY B 285 -49.94 -26.78 -8.32
C GLY B 285 -49.20 -27.63 -7.31
N ASP B 286 -47.87 -27.57 -7.33
CA ASP B 286 -47.05 -28.52 -6.59
C ASP B 286 -47.25 -28.35 -5.09
N ILE B 287 -47.73 -29.41 -4.44
CA ILE B 287 -47.78 -29.48 -2.97
C ILE B 287 -47.18 -30.81 -2.54
N SER B 288 -46.26 -31.33 -3.36
CA SER B 288 -45.65 -32.63 -3.11
C SER B 288 -44.82 -32.61 -1.82
N ARG B 289 -44.36 -33.80 -1.44
CA ARG B 289 -43.61 -33.94 -0.19
C ARG B 289 -42.33 -33.12 -0.22
N SER B 290 -41.64 -33.08 -1.36
CA SER B 290 -40.38 -32.35 -1.46
C SER B 290 -40.59 -30.86 -1.26
N THR B 291 -41.55 -30.28 -2.00
CA THR B 291 -41.80 -28.84 -1.88
C THR B 291 -42.23 -28.48 -0.47
N LEU B 292 -43.08 -29.30 0.15
CA LEU B 292 -43.48 -29.04 1.53
C LEU B 292 -42.30 -29.15 2.49
N ASP B 293 -41.35 -30.04 2.22
CA ASP B 293 -40.15 -30.12 3.04
C ASP B 293 -39.33 -28.84 2.92
N ALA B 294 -39.17 -28.33 1.69
CA ALA B 294 -38.52 -27.04 1.51
C ALA B 294 -39.24 -25.95 2.30
N VAL B 295 -40.57 -25.93 2.26
CA VAL B 295 -41.34 -24.97 3.02
C VAL B 295 -41.01 -25.09 4.51
N ARG B 296 -40.95 -26.32 5.02
CA ARG B 296 -40.65 -26.52 6.44
C ARG B 296 -39.27 -25.99 6.79
N LYS B 297 -38.29 -26.19 5.91
CA LYS B 297 -36.97 -25.62 6.17
C LYS B 297 -37.03 -24.10 6.20
N CYS B 298 -37.80 -23.49 5.29
CA CYS B 298 -37.97 -22.03 5.33
C CYS B 298 -38.59 -21.58 6.64
N ILE B 299 -39.58 -22.34 7.15
CA ILE B 299 -40.17 -22.02 8.44
C ILE B 299 -39.12 -22.08 9.54
N SER B 300 -38.27 -23.11 9.50
CA SER B 300 -37.21 -23.23 10.50
C SER B 300 -36.26 -22.05 10.44
N GLU B 301 -35.98 -21.55 9.23
CA GLU B 301 -35.20 -20.33 9.12
C GLU B 301 -35.92 -19.15 9.78
N GLY B 302 -37.24 -19.07 9.57
CA GLY B 302 -38.01 -18.01 10.20
C GLY B 302 -37.94 -18.05 11.72
N ARG B 303 -38.02 -19.25 12.30
CA ARG B 303 -37.93 -19.36 13.76
C ARG B 303 -36.52 -19.07 14.24
N ARG B 304 -35.50 -19.50 13.49
CA ARG B 304 -34.12 -19.21 13.86
C ARG B 304 -33.87 -17.71 13.92
N VAL B 305 -34.35 -16.98 12.91
CA VAL B 305 -34.23 -15.52 12.95
C VAL B 305 -35.12 -14.94 14.05
N ALA B 306 -36.23 -15.60 14.36
CA ALA B 306 -37.12 -15.11 15.41
C ALA B 306 -36.45 -15.13 16.77
N ALA B 307 -35.72 -16.21 17.09
CA ALA B 307 -35.00 -16.26 18.35
C ALA B 307 -33.84 -15.27 18.42
N LEU B 308 -33.49 -14.64 17.29
CA LEU B 308 -32.43 -13.63 17.24
C LEU B 308 -32.97 -12.24 16.93
N ALA B 309 -34.28 -12.03 17.09
CA ALA B 309 -34.86 -10.75 16.76
C ALA B 309 -34.39 -9.66 17.72
N ALA B 310 -34.45 -8.41 17.24
CA ALA B 310 -34.06 -7.28 18.07
C ALA B 310 -35.14 -6.94 19.10
N THR B 311 -36.41 -6.94 18.69
CA THR B 311 -37.53 -6.61 19.56
C THR B 311 -38.45 -7.81 19.70
N ASP B 312 -39.22 -7.81 20.79
CA ASP B 312 -40.19 -8.88 21.02
C ASP B 312 -41.33 -8.83 20.00
N GLU B 313 -41.64 -7.65 19.49
CA GLU B 313 -42.66 -7.53 18.44
C GLU B 313 -42.24 -8.29 17.19
N THR B 314 -40.97 -8.15 16.79
CA THR B 314 -40.49 -8.87 15.61
C THR B 314 -40.47 -10.38 15.85
N ARG B 315 -40.06 -10.79 17.05
CA ARG B 315 -40.04 -12.22 17.38
C ARG B 315 -41.45 -12.81 17.30
N ALA B 316 -42.41 -12.15 17.95
CA ALA B 316 -43.79 -12.65 17.92
C ALA B 316 -44.37 -12.61 16.51
N LYS B 317 -44.00 -11.62 15.71
CA LYS B 317 -44.49 -11.56 14.33
C LYS B 317 -43.94 -12.72 13.50
N LEU B 318 -42.63 -12.98 13.61
CA LEU B 318 -42.04 -14.08 12.86
C LEU B 318 -42.61 -15.42 13.31
N LEU B 319 -42.79 -15.60 14.63
CA LEU B 319 -43.38 -16.85 15.11
C LEU B 319 -44.82 -17.00 14.65
N ALA B 320 -45.57 -15.88 14.58
CA ALA B 320 -46.93 -15.94 14.08
C ALA B 320 -46.98 -16.36 12.61
N ALA B 321 -46.09 -15.79 11.80
CA ALA B 321 -46.00 -16.23 10.41
C ALA B 321 -45.64 -17.70 10.31
N ALA B 322 -44.71 -18.16 11.16
CA ALA B 322 -44.27 -19.55 11.11
C ALA B 322 -45.40 -20.51 11.47
N ASP B 323 -46.14 -20.21 12.53
CA ASP B 323 -47.25 -21.08 12.92
C ASP B 323 -48.40 -21.02 11.93
N GLU B 324 -48.62 -19.86 11.31
CA GLU B 324 -49.60 -19.77 10.24
C GLU B 324 -49.22 -20.69 9.08
N LEU B 325 -47.95 -20.64 8.66
CA LEU B 325 -47.51 -21.50 7.58
C LEU B 325 -47.60 -22.98 7.97
N ASP B 326 -47.32 -23.29 9.24
CA ASP B 326 -47.49 -24.67 9.70
C ASP B 326 -48.94 -25.12 9.57
N GLN B 327 -49.88 -24.27 10.01
CA GLN B 327 -51.29 -24.60 9.87
C GLN B 327 -51.66 -24.83 8.41
N ILE B 328 -51.20 -23.94 7.52
CA ILE B 328 -51.51 -24.10 6.10
C ILE B 328 -50.93 -25.41 5.58
N LEU B 329 -49.74 -25.78 6.05
CA LEU B 329 -49.16 -27.06 5.65
C LEU B 329 -50.02 -28.23 6.09
N LYS B 330 -50.50 -28.19 7.34
CA LYS B 330 -51.38 -29.24 7.82
C LYS B 330 -52.66 -29.31 6.99
N GLU B 331 -53.17 -28.14 6.57
CA GLU B 331 -54.35 -28.13 5.70
C GLU B 331 -54.04 -28.74 4.35
N LEU B 332 -52.83 -28.52 3.84
CA LEU B 332 -52.46 -29.08 2.54
C LEU B 332 -52.33 -30.60 2.62
N GLU B 333 -51.68 -31.11 3.67
CA GLU B 333 -51.59 -32.56 3.83
C GLU B 333 -52.96 -33.18 4.09
N GLU B 334 -53.84 -32.46 4.79
CA GLU B 334 -55.21 -32.93 4.98
C GLU B 334 -55.93 -33.04 3.64
N LEU B 335 -55.81 -32.01 2.81
CA LEU B 335 -56.44 -32.04 1.49
C LEU B 335 -55.85 -33.14 0.61
N GLN B 336 -54.55 -33.42 0.77
CA GLN B 336 -53.92 -34.48 -0.01
C GLN B 336 -54.40 -35.86 0.43
N ALA B 337 -54.55 -36.06 1.74
CA ALA B 337 -55.04 -37.35 2.24
C ALA B 337 -56.48 -37.60 1.82
N LYS B 338 -57.28 -36.54 1.70
CA LYS B 338 -58.66 -36.65 1.24
C LYS B 338 -58.77 -36.93 -0.25
N GLY B 339 -57.65 -37.16 -0.95
CA GLY B 339 -57.70 -37.33 -2.39
C GLY B 339 -57.89 -36.05 -3.17
N LEU B 340 -57.83 -34.89 -2.50
CA LEU B 340 -58.07 -33.61 -3.14
C LEU B 340 -56.79 -32.83 -3.42
N GLY B 341 -55.64 -33.53 -3.44
CA GLY B 341 -54.38 -32.85 -3.68
C GLY B 341 -54.35 -32.09 -4.99
N ASP B 342 -55.04 -32.59 -6.00
CA ASP B 342 -55.20 -31.91 -7.27
C ASP B 342 -56.64 -31.40 -7.34
N SER B 343 -56.83 -30.15 -6.93
CA SER B 343 -58.14 -29.52 -6.97
C SER B 343 -57.95 -28.01 -6.93
N ARG B 344 -59.02 -27.29 -7.27
CA ARG B 344 -58.95 -25.84 -7.28
C ARG B 344 -58.76 -25.29 -5.87
N GLN B 345 -59.40 -25.90 -4.87
CA GLN B 345 -59.23 -25.45 -3.50
C GLN B 345 -57.80 -25.66 -3.02
N ALA B 346 -57.20 -26.80 -3.37
CA ALA B 346 -55.82 -27.05 -2.98
C ALA B 346 -54.86 -26.14 -3.72
N ARG B 347 -55.16 -25.80 -4.98
CA ARG B 347 -54.32 -24.87 -5.71
C ARG B 347 -54.38 -23.47 -5.12
N ALA B 348 -55.59 -23.00 -4.79
CA ALA B 348 -55.72 -21.68 -4.17
C ALA B 348 -55.04 -21.65 -2.81
N LEU B 349 -55.20 -22.71 -2.02
CA LEU B 349 -54.53 -22.76 -0.71
C LEU B 349 -53.02 -22.78 -0.87
N ALA B 350 -52.51 -23.50 -1.87
CA ALA B 350 -51.07 -23.52 -2.12
C ALA B 350 -50.56 -22.13 -2.51
N HIS B 351 -51.32 -21.43 -3.36
CA HIS B 351 -50.94 -20.06 -3.73
C HIS B 351 -50.93 -19.15 -2.51
N ALA B 352 -51.92 -19.28 -1.63
CA ALA B 352 -51.92 -18.52 -0.39
C ALA B 352 -50.66 -18.83 0.43
N ALA B 353 -50.28 -20.10 0.51
CA ALA B 353 -49.05 -20.46 1.22
C ALA B 353 -47.83 -19.82 0.57
N ALA B 354 -47.82 -19.71 -0.75
CA ALA B 354 -46.70 -19.08 -1.43
C ALA B 354 -46.62 -17.60 -1.08
N VAL B 355 -47.77 -16.91 -1.09
CA VAL B 355 -47.77 -15.49 -0.72
C VAL B 355 -47.29 -15.30 0.71
N LYS B 356 -47.77 -16.16 1.63
CA LYS B 356 -47.31 -16.07 3.01
C LYS B 356 -45.82 -16.38 3.14
N LEU B 357 -45.28 -17.20 2.24
CA LEU B 357 -43.85 -17.45 2.25
C LEU B 357 -43.08 -16.20 1.81
N GLN B 358 -43.57 -15.51 0.78
CA GLN B 358 -42.98 -14.23 0.41
C GLN B 358 -43.02 -13.24 1.57
N GLU B 359 -44.15 -13.18 2.29
CA GLU B 359 -44.25 -12.27 3.42
C GLU B 359 -43.29 -12.65 4.55
N LEU B 360 -43.11 -13.96 4.78
CA LEU B 360 -42.13 -14.39 5.78
C LEU B 360 -40.72 -13.94 5.40
N GLU B 361 -40.35 -14.12 4.12
CA GLU B 361 -39.05 -13.64 3.66
C GLU B 361 -38.91 -12.14 3.89
N GLN B 362 -39.94 -11.37 3.55
CA GLN B 362 -39.91 -9.93 3.79
C GLN B 362 -39.69 -9.62 5.26
N GLU B 363 -40.40 -10.31 6.15
CA GLU B 363 -40.27 -10.02 7.58
C GLU B 363 -38.90 -10.42 8.11
N ILE B 364 -38.27 -11.44 7.54
CA ILE B 364 -36.90 -11.76 7.91
C ILE B 364 -35.97 -10.63 7.50
N ARG B 365 -36.16 -10.09 6.29
CA ARG B 365 -35.38 -8.92 5.88
C ARG B 365 -35.56 -7.76 6.84
N LYS B 366 -36.81 -7.44 7.19
CA LYS B 366 -37.07 -6.35 8.12
C LYS B 366 -36.45 -6.62 9.48
N ALA B 367 -36.41 -7.89 9.90
CA ALA B 367 -35.80 -8.23 11.18
C ALA B 367 -34.31 -7.98 11.16
N LEU B 368 -33.62 -8.38 10.09
CA LEU B 368 -32.19 -8.13 9.99
C LEU B 368 -31.89 -6.64 9.93
N ALA B 369 -32.67 -5.89 9.14
CA ALA B 369 -32.50 -4.44 9.10
C ALA B 369 -32.76 -3.81 10.45
N GLU B 370 -33.61 -4.43 11.27
CA GLU B 370 -33.86 -3.91 12.62
C GLU B 370 -32.67 -4.18 13.53
N ARG B 371 -32.12 -5.40 13.48
CA ARG B 371 -30.91 -5.70 14.23
C ARG B 371 -29.79 -4.72 13.89
N VAL B 372 -29.61 -4.44 12.59
CA VAL B 372 -28.59 -3.48 12.18
C VAL B 372 -28.92 -2.09 12.69
N ALA B 373 -30.19 -1.69 12.58
CA ALA B 373 -30.60 -0.35 13.02
C ALA B 373 -30.35 -0.14 14.50
N THR B 374 -30.47 -1.20 15.30
CA THR B 374 -30.26 -1.07 16.75
C THR B 374 -28.80 -1.20 17.14
N ASP B 375 -28.05 -2.13 16.53
CA ASP B 375 -26.72 -2.45 17.02
C ASP B 375 -25.64 -1.53 16.47
N PHE B 376 -25.86 -0.91 15.31
CA PHE B 376 -24.86 -0.04 14.69
C PHE B 376 -25.22 1.44 14.82
N VAL B 377 -26.14 1.78 15.72
CA VAL B 377 -26.58 3.17 15.83
C VAL B 377 -25.48 4.05 16.41
N ASN B 378 -24.58 3.47 17.21
CA ASN B 378 -23.52 4.22 17.87
C ASN B 378 -22.23 3.38 17.87
N VAL B 379 -21.66 3.21 16.68
CA VAL B 379 -20.37 2.54 16.56
C VAL B 379 -19.27 3.50 16.99
N GLY B 380 -18.45 3.06 17.94
CA GLY B 380 -17.37 3.87 18.45
C GLY B 380 -17.70 4.66 19.71
N GLY B 381 -18.97 4.72 20.11
CA GLY B 381 -19.35 5.34 21.34
C GLY B 381 -18.72 4.68 22.55
N PRO B 382 -18.97 3.37 22.73
CA PRO B 382 -18.39 2.67 23.87
C PRO B 382 -16.87 2.70 23.91
N ILE B 383 -16.18 2.69 22.77
CA ILE B 383 -14.73 2.71 22.80
C ILE B 383 -14.22 4.12 23.12
N LYS B 384 -14.95 5.15 22.71
CA LYS B 384 -14.59 6.51 23.11
C LYS B 384 -14.80 6.71 24.61
N ALA B 385 -15.88 6.14 25.15
CA ALA B 385 -16.10 6.20 26.59
C ALA B 385 -15.07 5.38 27.35
N LEU B 386 -14.58 4.29 26.75
CA LEU B 386 -13.51 3.53 27.39
C LEU B 386 -12.20 4.30 27.41
N GLU B 387 -11.86 4.96 26.28
CA GLU B 387 -10.66 5.78 26.26
C GLU B 387 -10.77 6.94 27.25
N ASP B 388 -11.97 7.52 27.38
CA ASP B 388 -12.16 8.57 28.38
C ASP B 388 -11.99 8.02 29.80
N ALA B 389 -12.53 6.83 30.05
CA ALA B 389 -12.40 6.24 31.39
C ALA B 389 -10.95 5.93 31.73
N ALA B 390 -10.18 5.49 30.73
CA ALA B 390 -8.77 5.18 30.99
C ALA B 390 -7.96 6.44 31.23
N LEU B 391 -8.41 7.58 30.69
CA LEU B 391 -7.71 8.84 30.83
C LEU B 391 -8.15 9.65 32.04
N ALA B 392 -8.94 9.05 32.94
CA ALA B 392 -9.35 9.75 34.15
C ALA B 392 -8.12 10.04 35.01
N SER B 393 -8.10 11.24 35.60
CA SER B 393 -6.97 11.65 36.41
C SER B 393 -6.80 10.69 37.60
N PRO B 394 -5.58 10.57 38.13
CA PRO B 394 -5.37 9.68 39.28
C PRO B 394 -6.12 10.09 40.54
N SER B 395 -6.67 11.31 40.58
CA SER B 395 -7.39 11.77 41.76
C SER B 395 -8.84 11.32 41.79
N ASP B 396 -9.34 10.70 40.72
CA ASP B 396 -10.73 10.26 40.66
C ASP B 396 -10.96 9.11 41.62
N PRO B 397 -11.78 9.27 42.66
CA PRO B 397 -11.96 8.18 43.65
C PRO B 397 -12.67 6.97 43.11
N ASN B 398 -13.07 6.97 41.83
CA ASN B 398 -13.84 5.87 41.28
C ASN B 398 -13.47 5.63 39.82
N ARG B 399 -12.19 5.82 39.48
CA ARG B 399 -11.76 5.56 38.11
C ARG B 399 -11.75 4.08 37.79
N GLN B 400 -11.55 3.23 38.80
CA GLN B 400 -11.50 1.79 38.56
C GLN B 400 -12.89 1.24 38.25
N ALA B 401 -13.92 1.72 38.94
CA ALA B 401 -15.28 1.25 38.66
C ALA B 401 -15.77 1.75 37.32
N ASN B 402 -15.52 3.03 37.01
CA ASN B 402 -15.88 3.57 35.70
C ASN B 402 -15.18 2.82 34.59
N PHE B 403 -13.88 2.56 34.75
CA PHE B 403 -13.15 1.83 33.72
C PHE B 403 -13.68 0.41 33.59
N ALA B 404 -14.01 -0.23 34.70
CA ALA B 404 -14.54 -1.59 34.65
C ALA B 404 -15.85 -1.64 33.87
N GLN B 405 -16.80 -0.78 34.22
CA GLN B 405 -18.08 -0.78 33.51
C GLN B 405 -17.91 -0.42 32.04
N LYS B 406 -17.07 0.58 31.75
CA LYS B 406 -16.88 0.97 30.34
C LYS B 406 -16.26 -0.17 29.54
N ALA B 407 -15.29 -0.87 30.12
CA ALA B 407 -14.70 -2.03 29.43
C ALA B 407 -15.74 -3.11 29.19
N LYS B 408 -16.58 -3.37 30.19
CA LYS B 408 -17.64 -4.36 30.04
C LYS B 408 -18.57 -4.00 28.89
N GLU B 409 -19.09 -2.76 28.89
CA GLU B 409 -20.03 -2.36 27.85
C GLU B 409 -19.36 -2.31 26.48
N PHE B 410 -18.06 -2.05 26.42
CA PHE B 410 -17.36 -2.12 25.14
C PHE B 410 -17.30 -3.56 24.63
N GLU B 411 -16.92 -4.50 25.51
CA GLU B 411 -16.86 -5.90 25.09
C GLU B 411 -18.21 -6.38 24.59
N ALA B 412 -19.28 -6.10 25.35
CA ALA B 412 -20.62 -6.49 24.90
C ALA B 412 -20.98 -5.80 23.59
N HIS B 413 -20.56 -4.54 23.42
CA HIS B 413 -20.88 -3.80 22.21
C HIS B 413 -20.24 -4.42 20.98
N THR B 414 -18.92 -4.64 21.01
CA THR B 414 -18.24 -5.16 19.83
C THR B 414 -18.63 -6.61 19.56
N ALA B 415 -18.79 -7.41 20.62
CA ALA B 415 -19.30 -8.76 20.43
C ALA B 415 -20.68 -8.74 19.77
N ARG B 416 -21.51 -7.76 20.14
CA ARG B 416 -22.82 -7.63 19.52
C ARG B 416 -22.69 -7.24 18.04
N LEU B 417 -21.74 -6.36 17.71
CA LEU B 417 -21.52 -6.00 16.32
C LEU B 417 -21.15 -7.23 15.50
N ALA B 418 -20.20 -8.03 16.01
CA ALA B 418 -19.80 -9.22 15.27
C ALA B 418 -20.95 -10.22 15.13
N ASP B 419 -21.74 -10.39 16.19
CA ASP B 419 -22.89 -11.29 16.11
C ASP B 419 -23.88 -10.84 15.05
N THR B 420 -24.14 -9.53 14.98
CA THR B 420 -25.06 -9.03 13.96
C THR B 420 -24.49 -9.23 12.57
N ALA B 421 -23.18 -9.03 12.40
CA ALA B 421 -22.55 -9.32 11.12
C ALA B 421 -22.71 -10.78 10.74
N GLU B 422 -22.63 -11.69 11.72
CA GLU B 422 -22.82 -13.10 11.42
C GLU B 422 -24.26 -13.40 11.02
N LEU B 423 -25.23 -12.82 11.73
CA LEU B 423 -26.63 -13.03 11.37
C LEU B 423 -26.91 -12.52 9.95
N VAL B 424 -26.35 -11.36 9.60
CA VAL B 424 -26.54 -10.84 8.24
C VAL B 424 -25.88 -11.75 7.22
N ALA B 425 -24.68 -12.24 7.52
CA ALA B 425 -23.98 -13.12 6.58
C ALA B 425 -24.71 -14.44 6.40
N SER B 426 -25.42 -14.91 7.42
CA SER B 426 -26.05 -16.22 7.37
C SER B 426 -27.52 -16.19 6.95
N SER B 427 -28.17 -15.02 6.98
CA SER B 427 -29.58 -14.95 6.63
C SER B 427 -29.93 -13.76 5.75
N GLY B 428 -28.94 -13.03 5.22
CA GLY B 428 -29.21 -11.83 4.47
C GLY B 428 -29.39 -12.01 2.98
N GLY B 429 -29.41 -13.24 2.49
CA GLY B 429 -29.53 -13.47 1.06
C GLY B 429 -28.38 -12.91 0.25
N CYS B 430 -27.17 -12.94 0.79
CA CYS B 430 -26.00 -12.44 0.09
C CYS B 430 -25.25 -13.58 -0.58
N SER B 431 -24.44 -13.22 -1.59
CA SER B 431 -23.63 -14.21 -2.27
C SER B 431 -22.60 -14.81 -1.32
N ASP B 432 -22.05 -15.96 -1.73
CA ASP B 432 -21.08 -16.67 -0.88
C ASP B 432 -19.80 -15.88 -0.71
N ALA B 433 -19.37 -15.13 -1.72
CA ALA B 433 -18.17 -14.32 -1.59
C ALA B 433 -18.40 -13.17 -0.61
N VAL B 434 -19.51 -12.47 -0.75
CA VAL B 434 -19.83 -11.37 0.17
C VAL B 434 -19.97 -11.90 1.59
N ALA B 435 -20.57 -13.08 1.75
CA ALA B 435 -20.68 -13.67 3.08
C ALA B 435 -19.31 -14.03 3.66
N ALA B 436 -18.43 -14.58 2.82
CA ALA B 436 -17.08 -14.88 3.27
C ALA B 436 -16.35 -13.61 3.72
N GLU B 437 -16.47 -12.54 2.94
CA GLU B 437 -15.83 -11.28 3.33
C GLU B 437 -16.41 -10.75 4.64
N LEU B 438 -17.73 -10.86 4.80
CA LEU B 438 -18.38 -10.43 6.04
C LEU B 438 -17.79 -11.19 7.23
N ARG B 439 -17.69 -12.50 7.11
CA ARG B 439 -17.15 -13.30 8.21
C ARG B 439 -15.68 -12.95 8.47
N LYS B 440 -14.92 -12.65 7.42
CA LYS B 440 -13.53 -12.24 7.60
C LYS B 440 -13.45 -10.95 8.39
N GLU B 441 -14.27 -9.96 8.03
CA GLU B 441 -14.26 -8.69 8.74
C GLU B 441 -14.73 -8.83 10.18
N ALA B 442 -15.68 -9.74 10.42
CA ALA B 442 -16.12 -9.99 11.80
C ALA B 442 -14.98 -10.60 12.61
N ALA B 443 -14.29 -11.59 12.05
CA ALA B 443 -13.17 -12.21 12.75
C ALA B 443 -12.08 -11.19 13.06
N LYS B 444 -11.76 -10.33 12.08
CA LYS B 444 -10.77 -9.28 12.33
C LYS B 444 -11.24 -8.33 13.43
N LEU B 445 -12.53 -8.01 13.45
CA LEU B 445 -13.06 -7.11 14.47
C LEU B 445 -12.92 -7.70 15.86
N ARG B 446 -13.26 -8.99 16.02
CA ARG B 446 -13.08 -9.63 17.31
C ARG B 446 -11.61 -9.66 17.72
N ASP B 447 -10.74 -10.05 16.78
CA ASP B 447 -9.32 -10.19 17.08
C ASP B 447 -8.73 -8.86 17.54
N ILE B 448 -8.99 -7.78 16.80
CA ILE B 448 -8.48 -6.47 17.22
C ILE B 448 -9.17 -6.02 18.51
N SER B 449 -10.41 -6.47 18.73
CA SER B 449 -11.09 -6.12 19.98
C SER B 449 -10.40 -6.74 21.20
N THR B 450 -9.71 -7.87 21.02
CA THR B 450 -9.02 -8.44 22.18
C THR B 450 -7.88 -7.57 22.70
N ALA B 451 -7.43 -6.58 21.94
CA ALA B 451 -6.30 -5.75 22.34
C ALA B 451 -6.71 -4.37 22.82
N VAL B 452 -8.00 -4.04 22.83
CA VAL B 452 -8.44 -2.70 23.20
C VAL B 452 -8.34 -2.49 24.70
N VAL B 453 -8.86 -3.43 25.48
CA VAL B 453 -8.87 -3.30 26.94
C VAL B 453 -7.46 -3.32 27.52
N PRO B 454 -6.56 -4.22 27.10
CA PRO B 454 -5.19 -4.17 27.67
C PRO B 454 -4.49 -2.83 27.49
N ALA B 455 -4.57 -2.24 26.29
CA ALA B 455 -3.95 -0.94 26.07
C ALA B 455 -4.58 0.12 26.96
N ALA B 456 -5.91 0.10 27.07
CA ALA B 456 -6.59 1.05 27.94
C ALA B 456 -6.18 0.86 29.39
N ARG B 457 -5.85 -0.37 29.79
CA ARG B 457 -5.36 -0.60 31.14
C ARG B 457 -3.95 -0.04 31.31
N VAL B 458 -3.10 -0.19 30.29
CA VAL B 458 -1.77 0.40 30.36
C VAL B 458 -1.87 1.91 30.54
N VAL B 459 -2.78 2.55 29.81
CA VAL B 459 -2.96 3.99 29.98
C VAL B 459 -3.52 4.30 31.37
N LEU B 460 -4.53 3.52 31.81
CA LEU B 460 -5.18 3.79 33.09
C LEU B 460 -4.20 3.68 34.26
N GLU B 461 -3.28 2.72 34.20
CA GLU B 461 -2.34 2.46 35.28
C GLU B 461 -1.07 3.29 35.18
N ASN B 462 -0.82 3.95 34.04
CA ASN B 462 0.34 4.81 33.84
C ASN B 462 -0.19 6.19 33.44
N PRO B 463 -0.68 6.98 34.41
CA PRO B 463 -1.43 8.20 34.07
C PRO B 463 -0.61 9.31 33.43
N GLY B 464 0.70 9.14 33.24
CA GLY B 464 1.49 10.18 32.63
C GLY B 464 2.14 9.76 31.33
N ASN B 465 2.22 8.46 31.09
CA ASN B 465 2.96 7.93 29.96
C ASN B 465 2.27 8.34 28.66
N GLN B 466 2.95 9.15 27.86
CA GLN B 466 2.37 9.62 26.60
C GLN B 466 2.42 8.53 25.53
N ALA B 467 3.46 7.70 25.53
CA ALA B 467 3.54 6.62 24.55
C ALA B 467 2.37 5.66 24.69
N ALA B 468 1.98 5.35 25.93
CA ALA B 468 0.80 4.50 26.14
C ALA B 468 -0.46 5.17 25.62
N LYS B 469 -0.58 6.49 25.81
CA LYS B 469 -1.72 7.23 25.30
C LYS B 469 -1.79 7.15 23.77
N ASP B 470 -0.65 7.39 23.11
CA ASP B 470 -0.61 7.30 21.65
C ASP B 470 -0.94 5.90 21.17
N TYR B 471 -0.46 4.88 21.87
CA TYR B 471 -0.77 3.51 21.47
C TYR B 471 -2.25 3.21 21.63
N LEU B 472 -2.87 3.71 22.71
CA LEU B 472 -4.30 3.54 22.90
C LEU B 472 -5.08 4.21 21.78
N ARG B 473 -4.69 5.43 21.39
CA ARG B 473 -5.36 6.07 20.27
C ARG B 473 -5.15 5.27 18.98
N THR B 474 -3.99 4.65 18.82
CA THR B 474 -3.71 3.86 17.63
C THR B 474 -4.63 2.64 17.54
N VAL B 475 -4.64 1.80 18.59
CA VAL B 475 -5.49 0.62 18.58
C VAL B 475 -6.95 1.02 18.48
N LYS B 476 -7.33 2.14 19.08
CA LYS B 476 -8.70 2.63 18.95
C LYS B 476 -9.01 2.93 17.48
N GLU B 477 -8.11 3.63 16.79
CA GLU B 477 -8.33 3.92 15.38
C GLU B 477 -8.42 2.65 14.55
N LYS B 478 -7.63 1.63 14.88
CA LYS B 478 -7.71 0.37 14.16
C LYS B 478 -9.06 -0.31 14.37
N TRP B 479 -9.55 -0.32 15.61
CA TRP B 479 -10.85 -0.91 15.88
C TRP B 479 -11.96 -0.15 15.17
N LEU B 480 -11.85 1.18 15.11
CA LEU B 480 -12.86 1.97 14.42
C LEU B 480 -12.84 1.71 12.92
N GLU B 481 -11.65 1.52 12.34
CA GLU B 481 -11.56 1.20 10.92
C GLU B 481 -12.18 -0.16 10.62
N ALA B 482 -11.85 -1.18 11.43
CA ALA B 482 -12.41 -2.51 11.21
C ALA B 482 -13.93 -2.49 11.38
N ALA B 483 -14.41 -1.86 12.45
CA ALA B 483 -15.85 -1.81 12.71
C ALA B 483 -16.59 -1.02 11.64
N GLU B 484 -15.97 0.02 11.09
CA GLU B 484 -16.65 0.83 10.09
C GLU B 484 -16.67 0.14 8.72
N SER B 485 -15.60 -0.56 8.35
CA SER B 485 -15.62 -1.29 7.09
C SER B 485 -16.59 -2.46 7.17
N MET B 486 -16.55 -3.21 8.28
CA MET B 486 -17.53 -4.28 8.49
C MET B 486 -18.94 -3.73 8.45
N GLY B 487 -19.16 -2.58 9.10
CA GLY B 487 -20.47 -1.94 9.05
C GLY B 487 -20.88 -1.54 7.64
N ARG B 488 -19.91 -1.14 6.82
CA ARG B 488 -20.22 -0.82 5.42
C ARG B 488 -20.68 -2.06 4.65
N SER B 489 -19.98 -3.19 4.85
CA SER B 489 -20.41 -4.42 4.20
C SER B 489 -21.81 -4.82 4.66
N VAL B 490 -22.07 -4.72 5.97
CA VAL B 490 -23.40 -5.01 6.50
C VAL B 490 -24.44 -4.11 5.84
N ASP B 491 -24.13 -2.82 5.70
CA ASP B 491 -25.04 -1.92 5.01
C ASP B 491 -25.24 -2.34 3.56
N GLY B 492 -24.23 -2.95 2.95
CA GLY B 492 -24.37 -3.40 1.58
C GLY B 492 -25.32 -4.58 1.45
N VAL B 493 -25.26 -5.52 2.39
CA VAL B 493 -26.13 -6.68 2.31
C VAL B 493 -27.56 -6.33 2.67
N ILE B 494 -27.75 -5.48 3.66
CA ILE B 494 -29.07 -5.26 4.26
C ILE B 494 -30.00 -4.57 3.28
N ASP B 495 -31.27 -5.00 3.28
CA ASP B 495 -32.33 -4.33 2.53
C ASP B 495 -32.45 -2.88 3.00
N SER B 496 -32.04 -1.94 2.15
CA SER B 496 -31.93 -0.55 2.58
C SER B 496 -33.30 0.07 2.82
N LEU B 497 -34.29 -0.26 2.00
CA LEU B 497 -35.62 0.31 2.18
C LEU B 497 -36.18 -0.03 3.55
N GLU B 498 -36.07 -1.29 3.96
CA GLU B 498 -36.57 -1.70 5.27
C GLU B 498 -35.80 -1.00 6.38
N PHE B 499 -34.49 -0.79 6.20
CA PHE B 499 -33.73 -0.01 7.16
C PHE B 499 -34.27 1.40 7.28
N MET B 500 -34.61 2.02 6.14
CA MET B 500 -35.17 3.36 6.17
C MET B 500 -36.53 3.38 6.86
N LYS B 501 -37.31 2.31 6.72
CA LYS B 501 -38.63 2.27 7.34
C LYS B 501 -38.51 2.11 8.85
N VAL B 502 -37.70 1.14 9.31
CA VAL B 502 -37.55 0.93 10.75
C VAL B 502 -36.89 2.14 11.39
N SER B 503 -35.92 2.75 10.70
CA SER B 503 -35.30 3.97 11.21
C SER B 503 -36.29 5.11 11.28
N GLU B 504 -37.20 5.19 10.30
CA GLU B 504 -38.21 6.23 10.31
C GLU B 504 -39.16 6.06 11.49
N ALA B 505 -39.56 4.82 11.77
CA ALA B 505 -40.43 4.56 12.92
C ALA B 505 -39.73 4.89 14.22
N ARG B 506 -38.52 4.36 14.42
CA ARG B 506 -37.78 4.62 15.65
C ARG B 506 -37.55 6.12 15.85
N ILE B 507 -37.07 6.80 14.81
CA ILE B 507 -36.84 8.23 14.90
C ILE B 507 -38.12 8.98 15.23
N GLN B 508 -39.24 8.55 14.65
CA GLN B 508 -40.53 9.18 14.98
C GLN B 508 -40.85 9.01 16.46
N ALA B 509 -40.65 7.82 17.01
CA ALA B 509 -40.93 7.60 18.42
C ALA B 509 -40.04 8.45 19.31
N ASP B 510 -38.73 8.48 19.00
CA ASP B 510 -37.80 9.23 19.84
C ASP B 510 -37.97 10.73 19.72
N VAL B 511 -38.47 11.21 18.57
CA VAL B 511 -38.80 12.63 18.44
C VAL B 511 -40.06 12.94 19.22
N LYS B 512 -41.03 12.03 19.20
CA LYS B 512 -42.22 12.19 20.03
C LYS B 512 -41.83 12.32 21.50
N GLU B 513 -41.04 11.37 22.02
CA GLU B 513 -40.64 11.43 23.41
C GLU B 513 -39.78 12.66 23.70
N ALA B 514 -38.93 13.05 22.75
CA ALA B 514 -38.09 14.22 22.95
C ALA B 514 -38.94 15.49 23.10
N LYS B 515 -39.91 15.68 22.20
CA LYS B 515 -40.80 16.84 22.29
C LYS B 515 -41.62 16.79 23.58
N ARG B 516 -42.07 15.60 23.98
CA ARG B 516 -42.80 15.47 25.24
C ARG B 516 -41.92 15.90 26.42
N ILE B 517 -40.63 15.54 26.39
CA ILE B 517 -39.73 15.90 27.47
C ILE B 517 -39.47 17.40 27.47
N ALA B 518 -39.36 18.01 26.28
CA ALA B 518 -39.05 19.44 26.20
C ALA B 518 -40.23 20.29 26.64
N LEU B 519 -41.41 20.04 26.08
CA LEU B 519 -42.58 20.87 26.38
C LEU B 519 -43.01 20.70 27.84
N ALA B 520 -43.19 19.47 28.28
CA ALA B 520 -43.47 19.17 29.69
C ALA B 520 -42.13 19.09 30.40
N GLU B 521 -41.79 20.14 31.14
CA GLU B 521 -40.46 20.32 31.72
C GLU B 521 -40.01 19.13 32.56
N GLU B 522 -39.08 18.35 32.04
CA GLU B 522 -38.44 17.26 32.77
C GLU B 522 -36.94 17.52 32.86
N ASP B 523 -36.25 16.68 33.62
CA ASP B 523 -34.80 16.83 33.76
C ASP B 523 -34.13 16.69 32.41
N SER B 524 -33.44 17.75 31.98
CA SER B 524 -32.98 17.88 30.61
C SER B 524 -31.93 16.86 30.21
N MET B 525 -31.37 16.11 31.18
CA MET B 525 -30.46 15.02 30.84
C MET B 525 -31.12 14.04 29.87
N LYS B 526 -32.37 13.67 30.15
CA LYS B 526 -33.13 12.82 29.24
C LYS B 526 -33.32 13.49 27.89
N LEU B 527 -33.46 14.82 27.87
CA LEU B 527 -33.68 15.52 26.61
C LEU B 527 -32.43 15.47 25.73
N ILE B 528 -31.26 15.77 26.31
CA ILE B 528 -30.02 15.67 25.54
C ILE B 528 -29.79 14.23 25.09
N ALA B 529 -30.16 13.26 25.94
CA ALA B 529 -30.04 11.86 25.55
C ALA B 529 -30.88 11.57 24.31
N LYS B 530 -32.17 11.95 24.34
CA LYS B 530 -33.06 11.67 23.21
C LYS B 530 -32.61 12.40 21.96
N ALA B 531 -32.32 13.70 22.06
CA ALA B 531 -31.93 14.47 20.89
C ALA B 531 -30.65 13.93 20.27
N SER B 532 -29.65 13.60 21.10
CA SER B 532 -28.41 13.07 20.56
C SER B 532 -28.62 11.70 19.92
N SER B 533 -29.46 10.86 20.53
CA SER B 533 -29.79 9.57 19.92
C SER B 533 -30.45 9.76 18.55
N VAL B 534 -31.39 10.70 18.46
CA VAL B 534 -32.03 11.00 17.18
C VAL B 534 -31.00 11.47 16.17
N ALA B 535 -30.02 12.26 16.62
CA ALA B 535 -28.97 12.70 15.72
C ALA B 535 -28.17 11.52 15.18
N ARG B 536 -27.85 10.55 16.04
CA ARG B 536 -27.09 9.39 15.57
C ARG B 536 -27.92 8.52 14.63
N GLN B 537 -29.23 8.39 14.89
CA GLN B 537 -30.07 7.61 13.98
C GLN B 537 -30.18 8.29 12.62
N ALA B 538 -30.35 9.61 12.60
CA ALA B 538 -30.40 10.32 11.33
C ALA B 538 -29.08 10.18 10.57
N ASN B 539 -27.95 10.33 11.28
CA ASN B 539 -26.66 10.19 10.62
C ASN B 539 -26.46 8.77 10.10
N ARG B 540 -26.99 7.77 10.79
CA ARG B 540 -26.95 6.41 10.26
C ARG B 540 -27.78 6.28 8.99
N VAL B 541 -28.94 6.96 8.96
CA VAL B 541 -29.72 7.02 7.72
C VAL B 541 -28.87 7.63 6.60
N ILE B 542 -28.10 8.67 6.92
CA ILE B 542 -27.24 9.29 5.91
C ILE B 542 -26.16 8.32 5.44
N GLN B 543 -25.59 7.54 6.35
CA GLN B 543 -24.57 6.58 5.98
C GLN B 543 -25.13 5.50 5.05
N VAL B 544 -26.27 4.92 5.42
CA VAL B 544 -26.86 3.86 4.59
C VAL B 544 -27.29 4.43 3.24
N ALA B 545 -27.80 5.66 3.22
CA ALA B 545 -28.11 6.31 1.95
C ALA B 545 -26.86 6.51 1.10
N LYS B 546 -25.72 6.78 1.74
CA LYS B 546 -24.47 6.89 1.00
C LYS B 546 -24.07 5.55 0.40
N VAL B 547 -24.23 4.46 1.17
CA VAL B 547 -23.92 3.14 0.64
C VAL B 547 -24.82 2.81 -0.54
N GLU B 548 -26.11 3.14 -0.44
CA GLU B 548 -27.01 2.86 -1.55
C GLU B 548 -26.71 3.71 -2.77
N ALA B 549 -26.28 4.96 -2.56
CA ALA B 549 -25.97 5.83 -3.70
C ALA B 549 -24.69 5.38 -4.39
N ASP B 550 -23.67 4.99 -3.62
CA ASP B 550 -22.43 4.51 -4.22
C ASP B 550 -22.66 3.24 -5.04
N ASN B 551 -23.58 2.39 -4.61
CA ASN B 551 -23.85 1.14 -5.29
C ASN B 551 -24.67 1.31 -6.55
N SER B 552 -25.14 2.52 -6.84
CA SER B 552 -25.97 2.79 -8.01
C SER B 552 -25.16 3.47 -9.11
N GLU B 553 -25.34 3.00 -10.34
CA GLU B 553 -24.81 3.66 -11.52
C GLU B 553 -25.89 4.45 -12.26
N ASN B 554 -26.97 4.80 -11.57
CA ASN B 554 -28.07 5.58 -12.13
C ASN B 554 -27.87 7.04 -11.74
N PRO B 555 -27.40 7.90 -12.65
CA PRO B 555 -27.04 9.27 -12.25
C PRO B 555 -28.20 10.07 -11.68
N GLU B 556 -29.41 9.91 -12.23
CA GLU B 556 -30.56 10.63 -11.72
C GLU B 556 -30.89 10.20 -10.29
N PHE B 557 -30.86 8.89 -10.04
CA PHE B 557 -31.15 8.39 -8.69
C PHE B 557 -30.09 8.85 -7.70
N VAL B 558 -28.82 8.85 -8.11
CA VAL B 558 -27.76 9.34 -7.24
C VAL B 558 -27.94 10.82 -6.95
N ALA B 559 -28.41 11.58 -7.94
CA ALA B 559 -28.66 13.01 -7.73
C ALA B 559 -29.78 13.23 -6.72
N LYS B 560 -30.92 12.57 -6.93
CA LYS B 560 -32.06 12.74 -6.02
C LYS B 560 -31.70 12.29 -4.60
N LEU B 561 -31.10 11.11 -4.47
CA LEU B 561 -30.76 10.59 -3.15
C LEU B 561 -29.73 11.47 -2.45
N SER B 562 -28.73 11.93 -3.19
CA SER B 562 -27.74 12.84 -2.60
C SER B 562 -28.38 14.15 -2.15
N SER B 563 -29.36 14.64 -2.92
CA SER B 563 -30.04 15.87 -2.53
C SER B 563 -30.82 15.68 -1.23
N ALA B 564 -31.57 14.57 -1.14
CA ALA B 564 -32.34 14.31 0.08
C ALA B 564 -31.43 14.15 1.28
N SER B 565 -30.35 13.37 1.14
CA SER B 565 -29.43 13.17 2.24
C SER B 565 -28.76 14.47 2.66
N GLU B 566 -28.41 15.33 1.68
CA GLU B 566 -27.80 16.61 2.03
C GLU B 566 -28.79 17.51 2.77
N SER B 567 -30.07 17.48 2.37
CA SER B 567 -31.07 18.28 3.09
C SER B 567 -31.21 17.81 4.53
N LEU B 568 -31.35 16.49 4.73
CA LEU B 568 -31.42 15.95 6.09
C LEU B 568 -30.20 16.35 6.90
N ALA B 569 -29.00 16.20 6.32
CA ALA B 569 -27.77 16.58 6.99
C ALA B 569 -27.79 18.04 7.40
N LYS B 570 -28.24 18.92 6.51
CA LYS B 570 -28.38 20.33 6.86
C LYS B 570 -29.35 20.52 8.01
N SER B 571 -30.36 19.65 8.13
CA SER B 571 -31.33 19.79 9.20
C SER B 571 -30.84 19.21 10.53
N ILE B 572 -29.79 18.40 10.53
CA ILE B 572 -29.40 17.68 11.75
C ILE B 572 -28.94 18.67 12.84
N SER B 573 -27.83 19.37 12.60
CA SER B 573 -27.20 20.16 13.66
C SER B 573 -28.11 21.20 14.31
N PRO B 574 -28.93 21.97 13.59
CA PRO B 574 -29.82 22.93 14.27
C PRO B 574 -30.70 22.29 15.33
N MET B 575 -31.08 21.02 15.14
CA MET B 575 -31.88 20.35 16.17
C MET B 575 -31.09 20.16 17.45
N VAL B 576 -29.78 19.92 17.33
CA VAL B 576 -28.96 19.74 18.52
C VAL B 576 -28.68 21.08 19.19
N ILE B 577 -28.33 22.11 18.41
CA ILE B 577 -28.06 23.41 19.04
C ILE B 577 -29.32 23.97 19.67
N GLU B 578 -30.49 23.70 19.10
CA GLU B 578 -31.72 24.15 19.72
C GLU B 578 -32.11 23.27 20.91
N ALA B 579 -31.71 21.99 20.90
CA ALA B 579 -31.90 21.16 22.08
C ALA B 579 -31.12 21.72 23.26
N LYS B 580 -29.82 21.97 23.05
CA LYS B 580 -29.02 22.60 24.10
C LYS B 580 -29.57 23.98 24.46
N ALA B 581 -30.12 24.70 23.49
CA ALA B 581 -30.81 25.95 23.80
C ALA B 581 -31.98 25.71 24.75
N VAL B 582 -32.65 24.56 24.63
CA VAL B 582 -33.71 24.24 25.58
C VAL B 582 -33.11 23.90 26.95
N VAL B 583 -31.95 23.24 26.98
CA VAL B 583 -31.34 22.96 28.28
C VAL B 583 -30.85 24.23 28.96
N THR B 584 -30.60 25.30 28.20
CA THR B 584 -30.18 26.56 28.82
C THR B 584 -31.35 27.27 29.49
N SER B 585 -32.42 27.53 28.73
CA SER B 585 -33.63 28.18 29.23
C SER B 585 -34.79 27.20 29.08
N PRO B 586 -34.97 26.29 30.04
CA PRO B 586 -36.04 25.29 29.90
C PRO B 586 -37.44 25.89 29.98
N GLN B 587 -37.63 26.94 30.79
CA GLN B 587 -38.96 27.50 31.01
C GLN B 587 -39.48 28.28 29.81
N ASN B 588 -38.64 28.57 28.82
CA ASN B 588 -39.05 29.40 27.69
C ASN B 588 -39.85 28.55 26.70
N LYS B 589 -41.11 28.94 26.46
CA LYS B 589 -41.95 28.19 25.53
C LYS B 589 -41.48 28.37 24.08
N ASP B 590 -40.99 29.56 23.75
CA ASP B 590 -40.58 29.84 22.36
C ASP B 590 -39.45 28.92 21.93
N ILE B 591 -38.43 28.78 22.78
CA ILE B 591 -37.31 27.90 22.47
C ILE B 591 -37.79 26.46 22.31
N GLN B 592 -38.77 26.06 23.11
CA GLN B 592 -39.34 24.73 22.99
C GLN B 592 -39.99 24.53 21.62
N ARG B 593 -40.83 25.49 21.21
CA ARG B 593 -41.47 25.39 19.89
C ARG B 593 -40.44 25.34 18.78
N LYS B 594 -39.37 26.14 18.89
CA LYS B 594 -38.32 26.13 17.89
C LYS B 594 -37.65 24.76 17.81
N PHE B 595 -37.31 24.19 18.96
CA PHE B 595 -36.72 22.85 19.00
C PHE B 595 -37.65 21.82 18.38
N CYS B 596 -38.95 21.92 18.65
CA CYS B 596 -39.91 21.01 18.03
C CYS B 596 -39.91 21.17 16.51
N SER B 597 -39.81 22.41 16.03
CA SER B 597 -39.70 22.64 14.58
C SER B 597 -38.49 21.94 14.00
N SER B 598 -37.34 22.04 14.68
CA SER B 598 -36.13 21.38 14.19
C SER B 598 -36.31 19.86 14.16
N ALA B 599 -36.88 19.29 15.23
CA ALA B 599 -37.08 17.85 15.28
C ALA B 599 -37.99 17.37 14.16
N ASP B 600 -39.12 18.04 13.96
CA ASP B 600 -40.01 17.70 12.85
C ASP B 600 -39.29 17.84 11.51
N LYS B 601 -38.38 18.80 11.40
CA LYS B 601 -37.60 18.94 10.17
C LYS B 601 -36.72 17.71 9.96
N VAL B 602 -36.14 17.17 11.03
CA VAL B 602 -35.37 15.93 10.91
C VAL B 602 -36.26 14.79 10.43
N VAL B 603 -37.45 14.67 11.05
CA VAL B 603 -38.38 13.61 10.64
C VAL B 603 -38.71 13.72 9.16
N GLU B 604 -38.96 14.95 8.68
CA GLU B 604 -39.26 15.14 7.26
C GLU B 604 -38.06 14.78 6.38
N GLY B 605 -36.85 15.10 6.83
CA GLY B 605 -35.68 14.72 6.06
C GLY B 605 -35.55 13.22 5.89
N VAL B 606 -35.67 12.48 6.99
CA VAL B 606 -35.62 11.02 6.92
C VAL B 606 -36.72 10.50 6.00
N ALA B 607 -37.92 11.08 6.11
CA ALA B 607 -39.01 10.68 5.23
C ALA B 607 -38.65 10.88 3.76
N ALA B 608 -38.00 12.00 3.43
CA ALA B 608 -37.66 12.27 2.04
C ALA B 608 -36.60 11.30 1.53
N VAL B 609 -35.61 10.97 2.36
CA VAL B 609 -34.59 9.99 1.94
C VAL B 609 -35.25 8.63 1.68
N ARG B 610 -36.06 8.16 2.64
CA ARG B 610 -36.78 6.91 2.43
C ARG B 610 -37.65 6.97 1.19
N SER B 611 -38.18 8.16 0.87
CA SER B 611 -39.04 8.29 -0.31
C SER B 611 -38.24 8.13 -1.59
N VAL B 612 -37.05 8.73 -1.65
CA VAL B 612 -36.22 8.58 -2.84
C VAL B 612 -35.81 7.12 -3.01
N ILE B 613 -35.48 6.45 -1.91
CA ILE B 613 -35.13 5.03 -2.02
C ILE B 613 -36.35 4.21 -2.45
N GLU B 614 -37.54 4.62 -1.99
CA GLU B 614 -38.74 3.83 -2.23
C GLU B 614 -39.21 3.96 -3.68
N ASP B 615 -39.05 5.15 -4.27
CA ASP B 615 -39.45 5.33 -5.66
C ASP B 615 -38.59 4.50 -6.61
N ASN B 616 -37.31 4.34 -6.30
CA ASN B 616 -36.40 3.55 -7.12
C ASN B 616 -36.50 2.05 -6.84
N TRP B 617 -37.40 1.64 -5.96
CA TRP B 617 -37.50 0.23 -5.62
C TRP B 617 -38.06 -0.58 -6.78
N VAL B 618 -37.51 -1.78 -6.96
CA VAL B 618 -37.92 -2.70 -8.02
C VAL B 618 -38.07 -4.08 -7.39
N PRO B 619 -39.11 -4.83 -7.71
CA PRO B 619 -39.25 -6.19 -7.16
C PRO B 619 -38.01 -7.02 -7.46
N PRO B 620 -37.35 -7.53 -6.41
CA PRO B 620 -36.13 -8.33 -6.65
C PRO B 620 -36.39 -9.56 -7.51
N ARG B 621 -37.34 -10.38 -7.11
CA ARG B 621 -37.82 -11.48 -7.93
C ARG B 621 -38.96 -11.02 -8.82
N PRO B 622 -39.08 -11.60 -10.02
CA PRO B 622 -40.32 -11.45 -10.79
C PRO B 622 -41.50 -11.92 -9.96
N PRO B 623 -42.60 -11.17 -9.94
CA PRO B 623 -43.68 -11.47 -9.00
C PRO B 623 -44.32 -12.82 -9.26
N LEU B 624 -45.07 -13.29 -8.27
CA LEU B 624 -45.73 -14.58 -8.37
C LEU B 624 -46.84 -14.52 -9.43
N PRO B 625 -47.04 -15.59 -10.18
CA PRO B 625 -48.12 -15.60 -11.18
C PRO B 625 -49.48 -15.70 -10.51
N GLU B 626 -50.53 -15.53 -11.32
CA GLU B 626 -51.90 -15.64 -10.82
C GLU B 626 -52.34 -17.09 -10.81
N LEU B 627 -53.65 -17.32 -10.88
CA LEU B 627 -54.19 -18.68 -10.87
C LEU B 627 -55.21 -18.87 -11.99
N LEU B 646 -33.29 -29.21 -34.84
CA LEU B 646 -32.61 -27.95 -34.52
C LEU B 646 -31.21 -28.20 -33.99
N LEU B 647 -30.78 -29.46 -34.00
CA LEU B 647 -29.49 -29.83 -33.44
C LEU B 647 -28.78 -30.81 -34.37
N PRO B 648 -27.45 -30.72 -34.47
CA PRO B 648 -26.69 -31.75 -35.19
C PRO B 648 -26.71 -33.07 -34.43
N ALA B 649 -26.27 -34.12 -35.12
CA ALA B 649 -26.34 -35.48 -34.56
C ALA B 649 -25.58 -35.57 -33.24
N GLU B 650 -24.44 -34.90 -33.14
CA GLU B 650 -23.68 -34.94 -31.89
C GLU B 650 -24.42 -34.25 -30.76
N MET B 651 -24.89 -33.02 -31.00
CA MET B 651 -25.60 -32.28 -29.96
C MET B 651 -26.99 -32.86 -29.71
N GLN B 652 -27.59 -33.50 -30.71
CA GLN B 652 -28.85 -34.19 -30.49
C GLN B 652 -28.65 -35.41 -29.60
N GLU B 653 -27.59 -36.18 -29.85
CA GLU B 653 -27.30 -37.30 -28.97
C GLU B 653 -26.98 -36.83 -27.55
N ALA B 654 -26.26 -35.71 -27.43
CA ALA B 654 -26.01 -35.15 -26.10
C ALA B 654 -27.31 -34.73 -25.42
N GLU B 655 -28.22 -34.13 -26.17
CA GLU B 655 -29.53 -33.78 -25.62
C GLU B 655 -30.25 -35.04 -25.13
N GLU B 656 -30.19 -36.11 -25.91
CA GLU B 656 -30.82 -37.36 -25.48
C GLU B 656 -30.17 -37.90 -24.21
N MET B 657 -28.84 -37.75 -24.09
CA MET B 657 -28.17 -38.17 -22.86
C MET B 657 -28.61 -37.33 -21.66
N LEU B 658 -28.82 -36.03 -21.87
CA LEU B 658 -29.17 -35.14 -20.77
C LEU B 658 -30.65 -35.20 -20.39
N ARG B 659 -31.51 -35.69 -21.28
CA ARG B 659 -32.88 -36.00 -20.90
C ARG B 659 -33.00 -37.39 -20.26
N ALA B 660 -32.05 -38.28 -20.50
CA ALA B 660 -32.14 -39.64 -20.02
C ALA B 660 -31.83 -39.70 -18.52
N PRO B 661 -32.22 -40.79 -17.85
CA PRO B 661 -31.87 -40.93 -16.43
C PRO B 661 -30.37 -40.82 -16.20
N LEU B 662 -30.01 -40.27 -15.05
CA LEU B 662 -28.62 -40.09 -14.70
C LEU B 662 -27.90 -41.43 -14.63
N PRO B 663 -26.63 -41.48 -15.01
CA PRO B 663 -25.84 -42.70 -14.82
C PRO B 663 -25.51 -42.89 -13.35
N PRO B 664 -24.90 -44.02 -12.99
CA PRO B 664 -24.40 -44.17 -11.61
C PRO B 664 -23.48 -43.01 -11.24
N LYS B 665 -23.51 -42.65 -9.95
CA LYS B 665 -22.82 -41.44 -9.50
C LYS B 665 -21.32 -41.52 -9.77
N ASP B 666 -20.71 -42.67 -9.49
CA ASP B 666 -19.25 -42.78 -9.57
C ASP B 666 -18.72 -42.93 -10.99
N GLN B 667 -19.58 -43.25 -11.96
CA GLN B 667 -19.08 -43.63 -13.27
C GLN B 667 -18.82 -42.42 -14.16
N ASN B 668 -19.70 -41.43 -14.15
CA ASN B 668 -19.62 -40.29 -15.07
C ASN B 668 -19.78 -38.98 -14.31
N PRO B 669 -18.77 -38.59 -13.53
CA PRO B 669 -18.89 -37.33 -12.77
C PRO B 669 -19.01 -36.11 -13.66
N ILE B 670 -18.25 -36.07 -14.76
CA ILE B 670 -18.34 -34.96 -15.69
C ILE B 670 -19.76 -34.84 -16.26
N HIS B 671 -20.39 -35.99 -16.54
CA HIS B 671 -21.76 -35.98 -17.01
C HIS B 671 -22.72 -35.51 -15.92
N HIS B 672 -22.42 -35.79 -14.66
CA HIS B 672 -23.26 -35.27 -13.58
C HIS B 672 -23.17 -33.75 -13.49
N ALA B 673 -21.96 -33.19 -13.62
CA ALA B 673 -21.81 -31.75 -13.61
C ALA B 673 -22.55 -31.11 -14.78
N ALA B 674 -22.33 -31.65 -15.99
CA ALA B 674 -23.05 -31.16 -17.17
C ALA B 674 -24.55 -31.27 -16.97
N ALA B 675 -25.00 -32.32 -16.29
CA ALA B 675 -26.44 -32.51 -16.06
C ALA B 675 -26.99 -31.46 -15.10
N SER B 676 -26.22 -31.11 -14.07
CA SER B 676 -26.66 -30.06 -13.17
C SER B 676 -26.78 -28.72 -13.89
N VAL B 677 -25.78 -28.40 -14.72
CA VAL B 677 -25.86 -27.17 -15.50
C VAL B 677 -27.05 -27.20 -16.44
N PHE B 678 -27.29 -28.34 -17.10
CA PHE B 678 -28.39 -28.44 -18.05
C PHE B 678 -29.74 -28.28 -17.35
N ARG B 679 -29.91 -28.90 -16.18
CA ARG B 679 -31.14 -28.69 -15.42
C ARG B 679 -31.28 -27.26 -14.98
N GLU B 680 -30.16 -26.58 -14.69
CA GLU B 680 -30.24 -25.17 -14.30
C GLU B 680 -30.71 -24.30 -15.46
N ALA B 681 -30.19 -24.56 -16.66
CA ALA B 681 -30.55 -23.71 -17.80
C ALA B 681 -31.90 -24.08 -18.40
N ASP B 682 -32.32 -25.33 -18.27
CA ASP B 682 -33.51 -25.81 -18.97
C ASP B 682 -34.80 -25.21 -18.40
N GLN B 683 -34.79 -24.79 -17.13
CA GLN B 683 -35.98 -24.19 -16.55
C GLN B 683 -36.33 -22.86 -17.21
N TRP B 684 -35.37 -22.20 -17.86
CA TRP B 684 -35.61 -20.93 -18.50
C TRP B 684 -36.06 -21.12 -19.95
N ASP B 685 -36.79 -20.14 -20.45
CA ASP B 685 -37.19 -20.12 -21.86
C ASP B 685 -36.06 -19.53 -22.70
N GLU B 686 -35.86 -20.10 -23.89
CA GLU B 686 -34.72 -19.71 -24.73
C GLU B 686 -34.98 -18.47 -25.57
N LYS B 687 -36.24 -18.12 -25.82
CA LYS B 687 -36.54 -16.99 -26.70
C LYS B 687 -36.01 -15.69 -26.10
N GLY B 688 -35.26 -14.94 -26.90
CA GLY B 688 -34.72 -13.67 -26.45
C GLY B 688 -33.58 -13.76 -25.45
N ASN B 689 -33.10 -14.97 -25.16
CA ASN B 689 -32.02 -15.18 -24.18
C ASN B 689 -31.01 -16.14 -24.81
N ASP B 690 -29.99 -15.58 -25.47
CA ASP B 690 -28.95 -16.40 -26.06
C ASP B 690 -28.02 -17.01 -25.01
N LEU B 691 -28.01 -16.46 -23.79
CA LEU B 691 -27.16 -17.02 -22.74
C LEU B 691 -27.60 -18.43 -22.37
N ILE B 692 -28.91 -18.64 -22.23
CA ILE B 692 -29.43 -19.99 -21.98
C ILE B 692 -29.02 -20.93 -23.10
N SER B 693 -29.00 -20.44 -24.34
CA SER B 693 -28.58 -21.27 -25.47
C SER B 693 -27.12 -21.66 -25.34
N LEU B 694 -26.24 -20.67 -25.15
CA LEU B 694 -24.82 -20.96 -25.01
C LEU B 694 -24.57 -21.94 -23.87
N VAL B 695 -25.28 -21.78 -22.76
CA VAL B 695 -25.04 -22.64 -21.61
C VAL B 695 -25.55 -24.05 -21.86
N LYS B 696 -26.72 -24.19 -22.48
CA LYS B 696 -27.22 -25.52 -22.82
C LYS B 696 -26.26 -26.23 -23.76
N GLN B 697 -25.78 -25.52 -24.79
CA GLN B 697 -24.81 -26.10 -25.71
C GLN B 697 -23.54 -26.53 -24.97
N MET B 698 -23.06 -25.69 -24.04
CA MET B 698 -21.87 -26.04 -23.29
C MET B 698 -22.09 -27.27 -22.43
N ALA B 699 -23.29 -27.41 -21.87
CA ALA B 699 -23.61 -28.62 -21.10
C ALA B 699 -23.60 -29.85 -21.98
N ARG B 700 -24.23 -29.77 -23.16
CA ARG B 700 -24.23 -30.89 -24.08
C ARG B 700 -22.81 -31.31 -24.45
N LYS B 701 -21.98 -30.33 -24.82
CA LYS B 701 -20.60 -30.64 -25.16
C LYS B 701 -19.85 -31.25 -23.99
N MET B 702 -20.13 -30.78 -22.76
CA MET B 702 -19.47 -31.36 -21.59
C MET B 702 -19.89 -32.81 -21.39
N ALA B 703 -21.16 -33.13 -21.64
CA ALA B 703 -21.60 -34.53 -21.54
C ALA B 703 -20.94 -35.40 -22.60
N MET B 704 -20.75 -34.86 -23.80
CA MET B 704 -20.02 -35.61 -24.83
C MET B 704 -18.57 -35.85 -24.43
N MET B 705 -17.92 -34.84 -23.85
CA MET B 705 -16.57 -35.04 -23.34
C MET B 705 -16.55 -36.11 -22.25
N SER B 706 -17.57 -36.13 -21.40
CA SER B 706 -17.68 -37.20 -20.41
C SER B 706 -17.74 -38.57 -21.08
N LYS B 707 -18.49 -38.67 -22.19
CA LYS B 707 -18.55 -39.94 -22.89
C LYS B 707 -17.21 -40.29 -23.54
N TYR B 708 -16.45 -39.29 -23.97
CA TYR B 708 -15.20 -39.56 -24.69
C TYR B 708 -14.04 -39.91 -23.77
N THR B 709 -14.21 -39.81 -22.45
CA THR B 709 -13.17 -40.23 -21.51
C THR B 709 -13.32 -41.68 -21.08
N ARG B 710 -14.43 -42.34 -21.42
CA ARG B 710 -14.63 -43.76 -21.12
C ARG B 710 -14.15 -44.57 -22.32
N GLY B 711 -12.88 -44.94 -22.29
CA GLY B 711 -12.29 -45.66 -23.40
C GLY B 711 -11.77 -47.04 -23.03
N GLU B 712 -12.44 -48.09 -23.51
CA GLU B 712 -12.03 -49.47 -23.28
C GLU B 712 -12.22 -50.25 -24.58
N SER B 713 -11.51 -49.82 -25.62
CA SER B 713 -11.58 -50.48 -26.92
C SER B 713 -10.47 -51.51 -27.09
N ARG B 717 -8.77 -43.21 -31.65
CA ARG B 717 -10.21 -43.43 -31.60
C ARG B 717 -10.92 -42.20 -31.01
N SER B 718 -11.34 -42.32 -29.75
CA SER B 718 -12.05 -41.24 -29.07
C SER B 718 -11.12 -40.18 -28.49
N LYS B 719 -9.81 -40.33 -28.67
CA LYS B 719 -8.88 -39.29 -28.21
C LYS B 719 -9.08 -37.99 -28.99
N ALA B 720 -9.17 -38.11 -30.31
CA ALA B 720 -9.42 -36.93 -31.14
C ALA B 720 -10.75 -36.28 -30.79
N ASP B 721 -11.78 -37.10 -30.56
CA ASP B 721 -13.07 -36.56 -30.11
C ASP B 721 -12.93 -35.82 -28.79
N LEU B 722 -12.09 -36.35 -27.89
CA LEU B 722 -11.89 -35.71 -26.60
C LEU B 722 -11.23 -34.34 -26.74
N ILE B 723 -10.14 -34.27 -27.50
CA ILE B 723 -9.43 -33.01 -27.67
C ILE B 723 -10.32 -31.99 -28.39
N ARG B 724 -10.97 -32.43 -29.47
CA ARG B 724 -11.86 -31.54 -30.21
C ARG B 724 -12.96 -30.99 -29.32
N MET B 725 -13.62 -31.88 -28.56
CA MET B 725 -14.69 -31.44 -27.68
C MET B 725 -14.18 -30.45 -26.65
N ALA B 726 -12.95 -30.66 -26.15
CA ALA B 726 -12.38 -29.72 -25.19
C ALA B 726 -12.21 -28.34 -25.80
N LYS B 727 -11.63 -28.27 -27.01
CA LYS B 727 -11.43 -26.97 -27.65
C LYS B 727 -12.78 -26.29 -27.93
N GLU B 728 -13.78 -27.06 -28.36
CA GLU B 728 -15.11 -26.49 -28.58
C GLU B 728 -15.68 -25.90 -27.30
N ILE B 729 -15.56 -26.64 -26.18
CA ILE B 729 -16.05 -26.12 -24.90
C ILE B 729 -15.32 -24.84 -24.53
N ALA B 730 -14.02 -24.76 -24.84
CA ALA B 730 -13.28 -23.53 -24.58
C ALA B 730 -13.87 -22.36 -25.36
N LEU B 731 -14.08 -22.54 -26.67
CA LEU B 731 -14.64 -21.45 -27.48
C LEU B 731 -16.02 -21.03 -26.95
N ASN B 732 -16.87 -22.00 -26.61
CA ASN B 732 -18.17 -21.67 -26.05
C ASN B 732 -18.02 -20.88 -24.75
N ALA B 733 -17.04 -21.25 -23.92
CA ALA B 733 -16.83 -20.54 -22.66
C ALA B 733 -16.41 -19.09 -22.91
N GLN B 734 -15.59 -18.86 -23.93
CA GLN B 734 -15.23 -17.48 -24.27
C GLN B 734 -16.44 -16.70 -24.77
N GLU B 735 -17.28 -17.32 -25.60
CA GLU B 735 -18.54 -16.69 -26.00
C GLU B 735 -19.36 -16.28 -24.79
N LEU B 736 -19.48 -17.19 -23.82
CA LEU B 736 -20.23 -16.89 -22.60
C LEU B 736 -19.60 -15.73 -21.84
N LEU B 737 -18.27 -15.67 -21.78
CA LEU B 737 -17.62 -14.56 -21.09
C LEU B 737 -17.90 -13.23 -21.77
N LYS B 738 -17.94 -13.21 -23.10
CA LYS B 738 -18.27 -11.99 -23.81
C LYS B 738 -19.71 -11.55 -23.53
N LEU B 739 -20.66 -12.47 -23.67
CA LEU B 739 -22.06 -12.12 -23.48
C LEU B 739 -22.33 -11.66 -22.04
N ALA B 740 -21.90 -12.46 -21.06
CA ALA B 740 -22.10 -12.09 -19.67
C ALA B 740 -21.32 -10.83 -19.31
N ARG B 741 -20.23 -10.56 -20.04
CA ARG B 741 -19.53 -9.28 -19.86
C ARG B 741 -20.41 -8.12 -20.31
N GLN B 742 -21.12 -8.29 -21.43
CA GLN B 742 -22.10 -7.29 -21.84
C GLN B 742 -23.16 -7.10 -20.77
N ILE B 743 -23.69 -8.20 -20.24
CA ILE B 743 -24.73 -8.12 -19.20
C ILE B 743 -24.21 -7.34 -18.00
N ALA B 744 -23.01 -7.67 -17.53
CA ALA B 744 -22.44 -6.96 -16.39
C ALA B 744 -22.15 -5.50 -16.72
N ASN B 745 -21.94 -5.19 -17.99
CA ASN B 745 -21.74 -3.80 -18.38
C ASN B 745 -23.02 -3.00 -18.30
N ALA B 746 -24.15 -3.62 -18.72
CA ALA B 746 -25.43 -2.92 -18.72
C ALA B 746 -26.05 -2.78 -17.33
N CYS B 747 -25.51 -3.45 -16.32
CA CYS B 747 -26.10 -3.45 -15.00
C CYS B 747 -25.83 -2.15 -14.26
N MET B 748 -26.85 -1.63 -13.57
CA MET B 748 -26.71 -0.45 -12.75
C MET B 748 -26.62 -0.78 -11.27
N ASP B 749 -26.54 -2.07 -10.92
CA ASP B 749 -26.40 -2.54 -9.55
C ASP B 749 -24.97 -3.03 -9.39
N LYS B 750 -24.14 -2.25 -8.71
CA LYS B 750 -22.72 -2.59 -8.61
C LYS B 750 -22.49 -3.88 -7.83
N ARG B 751 -23.36 -4.18 -6.86
CA ARG B 751 -23.24 -5.45 -6.15
C ARG B 751 -23.44 -6.62 -7.11
N ALA B 752 -24.48 -6.55 -7.94
CA ALA B 752 -24.80 -7.66 -8.83
C ALA B 752 -23.74 -7.81 -9.93
N LYS B 753 -23.34 -6.70 -10.55
CA LYS B 753 -22.32 -6.79 -11.58
C LYS B 753 -20.98 -7.24 -11.00
N THR B 754 -20.69 -6.85 -9.75
CA THR B 754 -19.50 -7.36 -9.07
C THR B 754 -19.61 -8.88 -8.89
N ASN B 755 -20.76 -9.34 -8.43
CA ASN B 755 -20.97 -10.78 -8.24
C ASN B 755 -20.78 -11.54 -9.54
N LEU B 756 -21.26 -10.99 -10.66
CA LEU B 756 -21.10 -11.66 -11.94
C LEU B 756 -19.65 -11.65 -12.40
N LEU B 757 -18.99 -10.49 -12.30
CA LEU B 757 -17.61 -10.38 -12.78
C LEU B 757 -16.65 -11.25 -11.97
N GLN B 758 -16.91 -11.42 -10.67
CA GLN B 758 -16.08 -12.33 -9.87
C GLN B 758 -16.11 -13.73 -10.45
N LEU B 759 -17.25 -14.16 -10.98
CA LEU B 759 -17.35 -15.47 -11.61
C LEU B 759 -16.74 -15.47 -13.01
N LEU B 760 -16.89 -14.36 -13.74
CA LEU B 760 -16.40 -14.32 -15.12
C LEU B 760 -14.88 -14.30 -15.18
N ASP B 761 -14.23 -13.64 -14.22
CA ASP B 761 -12.78 -13.49 -14.27
C ASP B 761 -12.02 -14.81 -14.00
N ARG B 762 -12.71 -15.95 -13.86
CA ARG B 762 -12.08 -17.24 -13.71
C ARG B 762 -12.16 -18.11 -14.96
N ILE B 763 -13.17 -17.88 -15.80
CA ILE B 763 -13.46 -18.81 -16.90
C ILE B 763 -12.28 -19.01 -17.84
N PRO B 764 -11.59 -17.97 -18.32
CA PRO B 764 -10.51 -18.22 -19.31
C PRO B 764 -9.43 -19.18 -18.83
N THR B 765 -8.97 -19.02 -17.58
CA THR B 765 -7.94 -19.93 -17.06
C THR B 765 -8.47 -21.34 -16.92
N ILE B 766 -9.73 -21.49 -16.49
CA ILE B 766 -10.34 -22.81 -16.38
C ILE B 766 -10.40 -23.48 -17.74
N SER B 767 -10.73 -22.71 -18.79
CA SER B 767 -10.86 -23.30 -20.12
C SER B 767 -9.50 -23.65 -20.71
N THR B 768 -8.49 -22.81 -20.47
CA THR B 768 -7.13 -23.14 -20.90
C THR B 768 -6.64 -24.42 -20.25
N GLN B 769 -6.76 -24.49 -18.92
CA GLN B 769 -6.43 -25.72 -18.22
C GLN B 769 -7.27 -26.90 -18.70
N LEU B 770 -8.50 -26.64 -19.14
CA LEU B 770 -9.33 -27.69 -19.70
C LEU B 770 -8.71 -28.26 -20.96
N LYS B 771 -8.27 -27.39 -21.86
CA LYS B 771 -7.65 -27.86 -23.10
C LYS B 771 -6.38 -28.65 -22.80
N ILE B 772 -5.52 -28.12 -21.93
CA ILE B 772 -4.27 -28.82 -21.62
C ILE B 772 -4.57 -30.18 -20.99
N LEU B 773 -5.41 -30.20 -19.96
CA LEU B 773 -5.68 -31.44 -19.24
C LEU B 773 -6.39 -32.46 -20.11
N ALA B 774 -7.23 -32.01 -21.04
CA ALA B 774 -7.87 -32.94 -21.97
C ALA B 774 -6.86 -33.52 -22.94
N THR B 775 -5.93 -32.70 -23.44
CA THR B 775 -4.89 -33.23 -24.30
C THR B 775 -4.05 -34.27 -23.56
N VAL B 776 -3.74 -34.01 -22.28
CA VAL B 776 -2.97 -34.96 -21.49
C VAL B 776 -3.74 -36.27 -21.32
N LYS B 777 -5.02 -36.16 -20.93
CA LYS B 777 -5.85 -37.35 -20.75
C LYS B 777 -5.94 -38.15 -22.05
N ALA B 778 -6.04 -37.46 -23.19
CA ALA B 778 -6.06 -38.15 -24.48
C ALA B 778 -4.73 -38.86 -24.74
N THR B 779 -3.61 -38.22 -24.41
CA THR B 779 -2.33 -38.87 -24.59
C THR B 779 -2.07 -39.98 -23.58
N SER B 780 -2.90 -40.11 -22.54
CA SER B 780 -2.77 -41.20 -21.59
C SER B 780 -3.84 -42.27 -21.75
N MET B 781 -4.90 -41.99 -22.50
CA MET B 781 -6.03 -42.91 -22.67
C MET B 781 -5.57 -44.23 -23.25
N GLY B 782 -5.50 -45.27 -22.41
CA GLY B 782 -5.01 -46.57 -22.84
C GLY B 782 -3.55 -46.54 -23.21
N GLY B 783 -2.71 -46.09 -22.27
CA GLY B 783 -1.30 -45.94 -22.55
C GLY B 783 -0.41 -46.81 -21.67
N GLY B 784 -1.01 -47.73 -20.94
CA GLY B 784 -0.28 -48.62 -20.02
C GLY B 784 0.04 -48.09 -18.63
N ASP B 785 0.49 -46.85 -18.54
CA ASP B 785 0.77 -46.25 -17.24
C ASP B 785 -0.54 -46.02 -16.49
N ALA B 786 -0.71 -46.72 -15.37
CA ALA B 786 -1.98 -46.68 -14.62
C ALA B 786 -2.16 -45.37 -13.87
N ARG B 787 -1.24 -45.06 -12.95
CA ARG B 787 -1.37 -43.84 -12.15
C ARG B 787 -1.36 -42.59 -13.01
N ALA B 788 -0.71 -42.63 -14.18
CA ALA B 788 -0.70 -41.48 -15.07
C ALA B 788 -2.09 -41.23 -15.64
N ASP B 789 -2.73 -42.27 -16.20
CA ASP B 789 -4.07 -42.12 -16.73
C ASP B 789 -5.06 -41.76 -15.63
N ALA B 790 -4.87 -42.32 -14.43
CA ALA B 790 -5.75 -42.00 -13.31
C ALA B 790 -5.61 -40.53 -12.93
N ASP B 791 -4.39 -40.04 -12.82
CA ASP B 791 -4.17 -38.64 -12.45
C ASP B 791 -4.70 -37.69 -13.53
N ALA B 792 -4.47 -38.02 -14.80
CA ALA B 792 -5.01 -37.19 -15.88
C ALA B 792 -6.53 -37.15 -15.82
N THR B 793 -7.17 -38.31 -15.63
CA THR B 793 -8.62 -38.35 -15.53
C THR B 793 -9.11 -37.52 -14.35
N ASP B 794 -8.45 -37.63 -13.20
CA ASP B 794 -8.93 -36.94 -12.00
C ASP B 794 -8.76 -35.43 -12.14
N MET B 795 -7.63 -34.97 -12.70
CA MET B 795 -7.46 -33.54 -12.91
C MET B 795 -8.46 -33.01 -13.93
N LEU B 796 -8.69 -33.74 -15.02
CA LEU B 796 -9.69 -33.32 -15.99
C LEU B 796 -11.08 -33.23 -15.34
N VAL B 797 -11.42 -34.21 -14.51
CA VAL B 797 -12.72 -34.20 -13.84
C VAL B 797 -12.84 -32.99 -12.92
N GLY B 798 -11.79 -32.73 -12.14
CA GLY B 798 -11.84 -31.57 -11.24
C GLY B 798 -12.00 -30.25 -11.97
N ASN B 799 -11.23 -30.07 -13.05
CA ASN B 799 -11.34 -28.85 -13.83
C ASN B 799 -12.72 -28.71 -14.48
N ALA B 800 -13.26 -29.81 -15.01
CA ALA B 800 -14.56 -29.75 -15.68
C ALA B 800 -15.67 -29.45 -14.69
N GLU B 801 -15.66 -30.13 -13.54
CA GLU B 801 -16.65 -29.83 -12.50
C GLU B 801 -16.55 -28.38 -12.06
N ASN B 802 -15.33 -27.86 -11.90
CA ASN B 802 -15.17 -26.45 -11.55
C ASN B 802 -15.78 -25.54 -12.61
N LEU B 803 -15.54 -25.86 -13.89
CA LEU B 803 -16.11 -25.03 -14.96
C LEU B 803 -17.64 -25.05 -14.95
N MET B 804 -18.23 -26.23 -14.71
CA MET B 804 -19.68 -26.31 -14.71
C MET B 804 -20.28 -25.59 -13.51
N ARG B 805 -19.65 -25.71 -12.33
CA ARG B 805 -20.09 -24.94 -11.17
C ARG B 805 -20.06 -23.44 -11.48
N THR B 806 -18.96 -22.97 -12.06
CA THR B 806 -18.85 -21.56 -12.40
C THR B 806 -19.92 -21.15 -13.40
N VAL B 807 -20.24 -22.02 -14.36
CA VAL B 807 -21.24 -21.69 -15.37
C VAL B 807 -22.62 -21.58 -14.72
N LYS B 808 -22.95 -22.52 -13.84
CA LYS B 808 -24.23 -22.45 -13.12
C LYS B 808 -24.34 -21.14 -12.34
N ASP B 809 -23.33 -20.84 -11.53
CA ASP B 809 -23.34 -19.57 -10.80
C ASP B 809 -23.39 -18.38 -11.74
N VAL B 810 -22.87 -18.52 -12.96
CA VAL B 810 -22.94 -17.43 -13.94
C VAL B 810 -24.37 -17.26 -14.44
N ILE B 811 -25.11 -18.36 -14.58
CA ILE B 811 -26.53 -18.27 -14.92
C ILE B 811 -27.26 -17.47 -13.84
N ARG B 812 -27.13 -17.91 -12.59
CA ARG B 812 -27.86 -17.25 -11.50
C ARG B 812 -27.45 -15.78 -11.35
N ALA B 813 -26.14 -15.50 -11.43
CA ALA B 813 -25.67 -14.13 -11.27
C ALA B 813 -26.06 -13.26 -12.46
N SER B 814 -26.18 -13.84 -13.65
CA SER B 814 -26.62 -13.08 -14.82
C SER B 814 -28.10 -12.72 -14.70
N GLU B 815 -28.93 -13.69 -14.28
CA GLU B 815 -30.32 -13.38 -13.99
C GLU B 815 -30.42 -12.27 -12.94
N ALA B 816 -29.63 -12.36 -11.87
CA ALA B 816 -29.66 -11.33 -10.85
C ALA B 816 -29.17 -9.99 -11.38
N ALA B 817 -28.27 -10.01 -12.37
CA ALA B 817 -27.75 -8.78 -12.95
C ALA B 817 -28.72 -8.15 -13.95
N CYS B 818 -29.66 -8.93 -14.49
CA CYS B 818 -30.64 -8.41 -15.44
C CYS B 818 -31.88 -7.83 -14.77
N ILE B 819 -31.73 -7.23 -13.60
CA ILE B 819 -32.85 -6.61 -12.89
C ILE B 819 -32.79 -5.08 -12.99
N ARG B 820 -31.60 -4.50 -12.90
CA ARG B 820 -31.41 -3.06 -13.04
C ARG B 820 -30.45 -2.82 -14.21
N LEU B 821 -31.01 -2.69 -15.40
CA LEU B 821 -30.25 -2.45 -16.62
C LEU B 821 -30.53 -1.06 -17.15
N ARG B 822 -29.54 -0.49 -17.82
CA ARG B 822 -29.75 0.79 -18.49
C ARG B 822 -30.69 0.59 -19.67
N PRO B 823 -31.66 1.49 -19.87
CA PRO B 823 -32.68 1.27 -20.91
C PRO B 823 -32.16 1.33 -22.34
N ASP B 824 -30.89 1.69 -22.54
CA ASP B 824 -30.37 1.92 -23.88
C ASP B 824 -29.78 0.66 -24.50
N SER B 825 -28.93 -0.05 -23.76
CA SER B 825 -28.17 -1.15 -24.33
C SER B 825 -29.12 -2.27 -24.79
N PRO B 826 -28.73 -3.03 -25.83
CA PRO B 826 -29.59 -4.11 -26.32
C PRO B 826 -29.87 -5.19 -25.29
N ILE B 827 -29.14 -5.22 -24.17
CA ILE B 827 -29.38 -6.19 -23.12
C ILE B 827 -30.82 -6.13 -22.62
N ALA B 828 -31.48 -4.98 -22.76
CA ALA B 828 -32.88 -4.86 -22.36
C ALA B 828 -33.76 -5.89 -23.05
N SER B 829 -33.36 -6.34 -24.24
CA SER B 829 -34.14 -7.34 -24.97
C SER B 829 -34.02 -8.75 -24.40
N ILE B 830 -33.18 -8.95 -23.37
CA ILE B 830 -33.16 -10.24 -22.70
C ILE B 830 -34.45 -10.43 -21.91
N LEU B 831 -34.93 -11.67 -21.85
CA LEU B 831 -36.29 -11.97 -21.38
C LEU B 831 -36.30 -12.53 -19.97
N TRP B 832 -35.70 -13.69 -19.75
CA TRP B 832 -35.75 -14.41 -18.47
C TRP B 832 -37.20 -14.80 -18.14
N ARG B 833 -37.70 -15.76 -18.92
CA ARG B 833 -39.02 -16.33 -18.72
C ARG B 833 -38.87 -17.79 -18.30
N LYS B 834 -39.57 -18.17 -17.23
CA LYS B 834 -39.56 -19.55 -16.79
C LYS B 834 -40.38 -20.41 -17.76
N LYS B 835 -39.80 -21.53 -18.18
CA LYS B 835 -40.47 -22.40 -19.14
C LYS B 835 -41.77 -22.96 -18.56
N GLY B 836 -42.84 -22.91 -19.35
CA GLY B 836 -44.12 -23.43 -18.93
C GLY B 836 -44.80 -22.57 -17.88
#